data_2FB0
# 
_entry.id   2FB0 
# 
_audit_conform.dict_name       mmcif_pdbx.dic 
_audit_conform.dict_version    5.398 
_audit_conform.dict_location   http://mmcif.pdb.org/dictionaries/ascii/mmcif_pdbx.dic 
# 
loop_
_database_2.database_id 
_database_2.database_code 
_database_2.pdbx_database_accession 
_database_2.pdbx_DOI 
PDB   2FB0         pdb_00002fb0 10.2210/pdb2fb0/pdb 
RCSB  RCSB035668   ?            ?                   
WWPDB D_1000035668 ?            ?                   
# 
loop_
_pdbx_audit_revision_history.ordinal 
_pdbx_audit_revision_history.data_content_type 
_pdbx_audit_revision_history.major_revision 
_pdbx_audit_revision_history.minor_revision 
_pdbx_audit_revision_history.revision_date 
1 'Structure model' 1 0 2006-01-24 
2 'Structure model' 1 1 2008-05-01 
3 'Structure model' 1 2 2011-07-13 
4 'Structure model' 1 3 2017-10-18 
5 'Structure model' 1 4 2024-10-30 
# 
_pdbx_audit_revision_details.ordinal             1 
_pdbx_audit_revision_details.revision_ordinal    1 
_pdbx_audit_revision_details.data_content_type   'Structure model' 
_pdbx_audit_revision_details.provider            repository 
_pdbx_audit_revision_details.type                'Initial release' 
_pdbx_audit_revision_details.description         ? 
_pdbx_audit_revision_details.details             ? 
# 
loop_
_pdbx_audit_revision_group.ordinal 
_pdbx_audit_revision_group.revision_ordinal 
_pdbx_audit_revision_group.data_content_type 
_pdbx_audit_revision_group.group 
1 2 'Structure model' 'Version format compliance' 
2 3 'Structure model' 'Derived calculations'      
3 3 'Structure model' 'Source and taxonomy'       
4 3 'Structure model' 'Version format compliance' 
5 4 'Structure model' 'Refinement description'    
6 5 'Structure model' 'Data collection'           
7 5 'Structure model' 'Database references'       
8 5 'Structure model' 'Derived calculations'      
9 5 'Structure model' 'Structure summary'         
# 
loop_
_pdbx_audit_revision_category.ordinal 
_pdbx_audit_revision_category.revision_ordinal 
_pdbx_audit_revision_category.data_content_type 
_pdbx_audit_revision_category.category 
1 4 'Structure model' software                  
2 5 'Structure model' chem_comp_atom            
3 5 'Structure model' chem_comp_bond            
4 5 'Structure model' database_2                
5 5 'Structure model' pdbx_entry_details        
6 5 'Structure model' pdbx_modification_feature 
7 5 'Structure model' struct_conn               
8 5 'Structure model' struct_ref_seq_dif        
9 5 'Structure model' struct_site               
# 
loop_
_pdbx_audit_revision_item.ordinal 
_pdbx_audit_revision_item.revision_ordinal 
_pdbx_audit_revision_item.data_content_type 
_pdbx_audit_revision_item.item 
1 4 'Structure model' '_software.classification'            
2 4 'Structure model' '_software.name'                      
3 5 'Structure model' '_database_2.pdbx_DOI'                
4 5 'Structure model' '_database_2.pdbx_database_accession' 
5 5 'Structure model' '_struct_conn.pdbx_leaving_atom_flag' 
6 5 'Structure model' '_struct_ref_seq_dif.details'         
7 5 'Structure model' '_struct_site.pdbx_auth_asym_id'      
8 5 'Structure model' '_struct_site.pdbx_auth_comp_id'      
9 5 'Structure model' '_struct_site.pdbx_auth_seq_id'       
# 
_pdbx_database_status.status_code                     REL 
_pdbx_database_status.entry_id                        2FB0 
_pdbx_database_status.recvd_initial_deposition_date   2005-12-08 
_pdbx_database_status.deposit_site                    RCSB 
_pdbx_database_status.process_site                    RCSB 
_pdbx_database_status.status_code_sf                  REL 
_pdbx_database_status.status_code_mr                  ? 
_pdbx_database_status.SG_entry                        Y 
_pdbx_database_status.pdb_format_compatible           Y 
_pdbx_database_status.status_code_cs                  ? 
_pdbx_database_status.methods_development_category    ? 
_pdbx_database_status.status_code_nmr_data            ? 
# 
loop_
_pdbx_database_related.db_name 
_pdbx_database_related.db_id 
_pdbx_database_related.details 
_pdbx_database_related.content_type 
PDB      1x7v     'CRYSTAL STRUCTURE OF PA3566 FROM PSEUDOMONAS AERUGINOSA' unspecified 
TargetDB APC81531 .                                                         unspecified 
# 
loop_
_audit_author.name 
_audit_author.pdbx_ordinal 
'Nocek, B.'                                     1 
'Hatzos, C.'                                    2 
'Abdullah, J.'                                  3 
'Collart, F.'                                   4 
'Joachimiak, A.'                                5 
'Midwest Center for Structural Genomics (MCSG)' 6 
# 
_citation.id                        primary 
_citation.title                     
;Crystal structure of conserved hypothetical protein from Bacteroides thetaiotaomicron VPI-5482   
at 2.10 resolution
;
_citation.journal_abbrev            'To be Published' 
_citation.journal_volume            ? 
_citation.page_first                ? 
_citation.page_last                 ? 
_citation.year                      ? 
_citation.journal_id_ASTM           ? 
_citation.country                   ? 
_citation.journal_id_ISSN           ? 
_citation.journal_id_CSD            0353 
_citation.book_publisher            ? 
_citation.pdbx_database_id_PubMed   ? 
_citation.pdbx_database_id_DOI      ? 
# 
loop_
_citation_author.citation_id 
_citation_author.name 
_citation_author.ordinal 
_citation_author.identifier_ORCID 
primary 'Nocek, B.'      1 ? 
primary 'Hatzos, C.'     2 ? 
primary 'Abdullah, J.'   3 ? 
primary 'Collart, F.'    4 ? 
primary 'Joachimiak, A.' 5 ? 
# 
loop_
_entity.id 
_entity.type 
_entity.src_method 
_entity.pdbx_description 
_entity.formula_weight 
_entity.pdbx_number_of_molecules 
_entity.pdbx_ec 
_entity.pdbx_mutation 
_entity.pdbx_fragment 
_entity.details 
1 polymer     man 'conserved hypothetical protein' 10961.977 1  ? ? ? ? 
2 non-polymer syn 'ACETATE ION'                    59.044    1  ? ? ? ? 
3 non-polymer syn GLYCEROL                         92.094    4  ? ? ? ? 
4 water       nat water                            18.015    86 ? ? ? ? 
# 
_entity_poly.entity_id                      1 
_entity_poly.type                           'polypeptide(L)' 
_entity_poly.nstd_linkage                   no 
_entity_poly.nstd_monomer                   yes 
_entity_poly.pdbx_seq_one_letter_code       
;ANS(MSE)IRLNVFVRVNETNREKAIEAAKELTACSLKEEGCIAYDTFESSTRRDVF(MSE)ICETWQNAEVLAAHEKTA
HFAQYVGIIQELAE(MSE)KLEKFEF
;
_entity_poly.pdbx_seq_one_letter_code_can   
;ANSMIRLNVFVRVNETNREKAIEAAKELTACSLKEEGCIAYDTFESSTRRDVFMICETWQNAEVLAAHEKTAHFAQYVGI
IQELAEMKLEKFEF
;
_entity_poly.pdbx_strand_id                 A 
_entity_poly.pdbx_target_identifier         APC81531 
# 
loop_
_pdbx_entity_nonpoly.entity_id 
_pdbx_entity_nonpoly.name 
_pdbx_entity_nonpoly.comp_id 
2 'ACETATE ION' ACT 
3 GLYCEROL      GOL 
4 water         HOH 
# 
loop_
_entity_poly_seq.entity_id 
_entity_poly_seq.num 
_entity_poly_seq.mon_id 
_entity_poly_seq.hetero 
1 1  ALA n 
1 2  ASN n 
1 3  SER n 
1 4  MSE n 
1 5  ILE n 
1 6  ARG n 
1 7  LEU n 
1 8  ASN n 
1 9  VAL n 
1 10 PHE n 
1 11 VAL n 
1 12 ARG n 
1 13 VAL n 
1 14 ASN n 
1 15 GLU n 
1 16 THR n 
1 17 ASN n 
1 18 ARG n 
1 19 GLU n 
1 20 LYS n 
1 21 ALA n 
1 22 ILE n 
1 23 GLU n 
1 24 ALA n 
1 25 ALA n 
1 26 LYS n 
1 27 GLU n 
1 28 LEU n 
1 29 THR n 
1 30 ALA n 
1 31 CYS n 
1 32 SER n 
1 33 LEU n 
1 34 LYS n 
1 35 GLU n 
1 36 GLU n 
1 37 GLY n 
1 38 CYS n 
1 39 ILE n 
1 40 ALA n 
1 41 TYR n 
1 42 ASP n 
1 43 THR n 
1 44 PHE n 
1 45 GLU n 
1 46 SER n 
1 47 SER n 
1 48 THR n 
1 49 ARG n 
1 50 ARG n 
1 51 ASP n 
1 52 VAL n 
1 53 PHE n 
1 54 MSE n 
1 55 ILE n 
1 56 CYS n 
1 57 GLU n 
1 58 THR n 
1 59 TRP n 
1 60 GLN n 
1 61 ASN n 
1 62 ALA n 
1 63 GLU n 
1 64 VAL n 
1 65 LEU n 
1 66 ALA n 
1 67 ALA n 
1 68 HIS n 
1 69 GLU n 
1 70 LYS n 
1 71 THR n 
1 72 ALA n 
1 73 HIS n 
1 74 PHE n 
1 75 ALA n 
1 76 GLN n 
1 77 TYR n 
1 78 VAL n 
1 79 GLY n 
1 80 ILE n 
1 81 ILE n 
1 82 GLN n 
1 83 GLU n 
1 84 LEU n 
1 85 ALA n 
1 86 GLU n 
1 87 MSE n 
1 88 LYS n 
1 89 LEU n 
1 90 GLU n 
1 91 LYS n 
1 92 PHE n 
1 93 GLU n 
1 94 PHE n 
# 
_entity_src_gen.entity_id                          1 
_entity_src_gen.pdbx_src_id                        1 
_entity_src_gen.pdbx_alt_source_flag               sample 
_entity_src_gen.pdbx_seq_type                      ? 
_entity_src_gen.pdbx_beg_seq_num                   ? 
_entity_src_gen.pdbx_end_seq_num                   ? 
_entity_src_gen.gene_src_common_name               ? 
_entity_src_gen.gene_src_genus                     Bacteroides 
_entity_src_gen.pdbx_gene_src_gene                 ? 
_entity_src_gen.gene_src_species                   'Bacteroides thetaiotaomicron' 
_entity_src_gen.gene_src_strain                    VPI-5482 
_entity_src_gen.gene_src_tissue                    ? 
_entity_src_gen.gene_src_tissue_fraction           ? 
_entity_src_gen.gene_src_details                   ? 
_entity_src_gen.pdbx_gene_src_fragment             ? 
_entity_src_gen.pdbx_gene_src_scientific_name      'Bacteroides thetaiotaomicron' 
_entity_src_gen.pdbx_gene_src_ncbi_taxonomy_id     226186 
_entity_src_gen.pdbx_gene_src_variant              ? 
_entity_src_gen.pdbx_gene_src_cell_line            ? 
_entity_src_gen.pdbx_gene_src_atcc                 ? 
_entity_src_gen.pdbx_gene_src_organ                ? 
_entity_src_gen.pdbx_gene_src_organelle            ? 
_entity_src_gen.pdbx_gene_src_cell                 ? 
_entity_src_gen.pdbx_gene_src_cellular_location    ? 
_entity_src_gen.host_org_common_name               ? 
_entity_src_gen.pdbx_host_org_scientific_name      'Escherichia coli BL21(DE3)' 
_entity_src_gen.pdbx_host_org_ncbi_taxonomy_id     469008 
_entity_src_gen.host_org_genus                     Escherichia 
_entity_src_gen.pdbx_host_org_gene                 ? 
_entity_src_gen.pdbx_host_org_organ                ? 
_entity_src_gen.host_org_species                   'Escherichia coli' 
_entity_src_gen.pdbx_host_org_tissue               ? 
_entity_src_gen.pdbx_host_org_tissue_fraction      ? 
_entity_src_gen.pdbx_host_org_strain               'Bl21(DE3)' 
_entity_src_gen.pdbx_host_org_variant              ? 
_entity_src_gen.pdbx_host_org_cell_line            ? 
_entity_src_gen.pdbx_host_org_atcc                 ? 
_entity_src_gen.pdbx_host_org_culture_collection   ? 
_entity_src_gen.pdbx_host_org_cell                 ? 
_entity_src_gen.pdbx_host_org_organelle            ? 
_entity_src_gen.pdbx_host_org_cellular_location    ? 
_entity_src_gen.pdbx_host_org_vector_type          plasmid 
_entity_src_gen.pdbx_host_org_vector               ? 
_entity_src_gen.host_org_details                   ? 
_entity_src_gen.expression_system_id               ? 
_entity_src_gen.plasmid_name                       peT15b 
_entity_src_gen.plasmid_details                    ? 
_entity_src_gen.pdbx_description                   ? 
# 
loop_
_chem_comp.id 
_chem_comp.type 
_chem_comp.mon_nstd_flag 
_chem_comp.name 
_chem_comp.pdbx_synonyms 
_chem_comp.formula 
_chem_comp.formula_weight 
ACT non-polymer         . 'ACETATE ION'    ?                               'C2 H3 O2 -1'    59.044  
ALA 'L-peptide linking' y ALANINE          ?                               'C3 H7 N O2'     89.093  
ARG 'L-peptide linking' y ARGININE         ?                               'C6 H15 N4 O2 1' 175.209 
ASN 'L-peptide linking' y ASPARAGINE       ?                               'C4 H8 N2 O3'    132.118 
ASP 'L-peptide linking' y 'ASPARTIC ACID'  ?                               'C4 H7 N O4'     133.103 
CYS 'L-peptide linking' y CYSTEINE         ?                               'C3 H7 N O2 S'   121.158 
GLN 'L-peptide linking' y GLUTAMINE        ?                               'C5 H10 N2 O3'   146.144 
GLU 'L-peptide linking' y 'GLUTAMIC ACID'  ?                               'C5 H9 N O4'     147.129 
GLY 'peptide linking'   y GLYCINE          ?                               'C2 H5 N O2'     75.067  
GOL non-polymer         . GLYCEROL         'GLYCERIN; PROPANE-1,2,3-TRIOL' 'C3 H8 O3'       92.094  
HIS 'L-peptide linking' y HISTIDINE        ?                               'C6 H10 N3 O2 1' 156.162 
HOH non-polymer         . WATER            ?                               'H2 O'           18.015  
ILE 'L-peptide linking' y ISOLEUCINE       ?                               'C6 H13 N O2'    131.173 
LEU 'L-peptide linking' y LEUCINE          ?                               'C6 H13 N O2'    131.173 
LYS 'L-peptide linking' y LYSINE           ?                               'C6 H15 N2 O2 1' 147.195 
MET 'L-peptide linking' y METHIONINE       ?                               'C5 H11 N O2 S'  149.211 
MSE 'L-peptide linking' n SELENOMETHIONINE ?                               'C5 H11 N O2 Se' 196.106 
PHE 'L-peptide linking' y PHENYLALANINE    ?                               'C9 H11 N O2'    165.189 
SER 'L-peptide linking' y SERINE           ?                               'C3 H7 N O3'     105.093 
THR 'L-peptide linking' y THREONINE        ?                               'C4 H9 N O3'     119.119 
TRP 'L-peptide linking' y TRYPTOPHAN       ?                               'C11 H12 N2 O2'  204.225 
TYR 'L-peptide linking' y TYROSINE         ?                               'C9 H11 N O3'    181.189 
VAL 'L-peptide linking' y VALINE           ?                               'C5 H11 N O2'    117.146 
# 
loop_
_pdbx_poly_seq_scheme.asym_id 
_pdbx_poly_seq_scheme.entity_id 
_pdbx_poly_seq_scheme.seq_id 
_pdbx_poly_seq_scheme.mon_id 
_pdbx_poly_seq_scheme.ndb_seq_num 
_pdbx_poly_seq_scheme.pdb_seq_num 
_pdbx_poly_seq_scheme.auth_seq_num 
_pdbx_poly_seq_scheme.pdb_mon_id 
_pdbx_poly_seq_scheme.auth_mon_id 
_pdbx_poly_seq_scheme.pdb_strand_id 
_pdbx_poly_seq_scheme.pdb_ins_code 
_pdbx_poly_seq_scheme.hetero 
A 1 1  ALA 1  -2 -2 ALA ALA A . n 
A 1 2  ASN 2  -1 -1 ASN ASN A . n 
A 1 3  SER 3  0  0  SER SER A . n 
A 1 4  MSE 4  1  1  MSE MSE A . n 
A 1 5  ILE 5  2  2  ILE ILE A . n 
A 1 6  ARG 6  3  3  ARG ARG A . n 
A 1 7  LEU 7  4  4  LEU LEU A . n 
A 1 8  ASN 8  5  5  ASN ASN A . n 
A 1 9  VAL 9  6  6  VAL VAL A . n 
A 1 10 PHE 10 7  7  PHE PHE A . n 
A 1 11 VAL 11 8  8  VAL VAL A . n 
A 1 12 ARG 12 9  9  ARG ARG A . n 
A 1 13 VAL 13 10 10 VAL VAL A . n 
A 1 14 ASN 14 11 11 ASN ASN A . n 
A 1 15 GLU 15 12 12 GLU GLU A . n 
A 1 16 THR 16 13 13 THR THR A . n 
A 1 17 ASN 17 14 14 ASN ASN A . n 
A 1 18 ARG 18 15 15 ARG ARG A . n 
A 1 19 GLU 19 16 16 GLU GLU A . n 
A 1 20 LYS 20 17 17 LYS LYS A . n 
A 1 21 ALA 21 18 18 ALA ALA A . n 
A 1 22 ILE 22 19 19 ILE ILE A . n 
A 1 23 GLU 23 20 20 GLU GLU A . n 
A 1 24 ALA 24 21 21 ALA ALA A . n 
A 1 25 ALA 25 22 22 ALA ALA A . n 
A 1 26 LYS 26 23 23 LYS LYS A . n 
A 1 27 GLU 27 24 24 GLU GLU A . n 
A 1 28 LEU 28 25 25 LEU LEU A . n 
A 1 29 THR 29 26 26 THR THR A . n 
A 1 30 ALA 30 27 27 ALA ALA A . n 
A 1 31 CYS 31 28 28 CYS CYS A . n 
A 1 32 SER 32 29 29 SER SER A . n 
A 1 33 LEU 33 30 30 LEU LEU A . n 
A 1 34 LYS 34 31 31 LYS LYS A . n 
A 1 35 GLU 35 32 32 GLU GLU A . n 
A 1 36 GLU 36 33 33 GLU GLU A . n 
A 1 37 GLY 37 34 34 GLY GLY A . n 
A 1 38 CYS 38 35 35 CYS CYS A . n 
A 1 39 ILE 39 36 36 ILE ILE A . n 
A 1 40 ALA 40 37 37 ALA ALA A . n 
A 1 41 TYR 41 38 38 TYR TYR A . n 
A 1 42 ASP 42 39 39 ASP ASP A . n 
A 1 43 THR 43 40 40 THR THR A . n 
A 1 44 PHE 44 41 41 PHE PHE A . n 
A 1 45 GLU 45 42 42 GLU GLU A . n 
A 1 46 SER 46 43 43 SER SER A . n 
A 1 47 SER 47 44 44 SER SER A . n 
A 1 48 THR 48 45 45 THR THR A . n 
A 1 49 ARG 49 46 46 ARG ARG A . n 
A 1 50 ARG 50 47 47 ARG ARG A . n 
A 1 51 ASP 51 48 48 ASP ASP A . n 
A 1 52 VAL 52 49 49 VAL VAL A . n 
A 1 53 PHE 53 50 50 PHE PHE A . n 
A 1 54 MSE 54 51 51 MSE MSE A . n 
A 1 55 ILE 55 52 52 ILE ILE A . n 
A 1 56 CYS 56 53 53 CYS CYS A . n 
A 1 57 GLU 57 54 54 GLU GLU A . n 
A 1 58 THR 58 55 55 THR THR A . n 
A 1 59 TRP 59 56 56 TRP TRP A . n 
A 1 60 GLN 60 57 57 GLN GLN A . n 
A 1 61 ASN 61 58 58 ASN ASN A . n 
A 1 62 ALA 62 59 59 ALA ALA A . n 
A 1 63 GLU 63 60 60 GLU GLU A . n 
A 1 64 VAL 64 61 61 VAL VAL A . n 
A 1 65 LEU 65 62 62 LEU LEU A . n 
A 1 66 ALA 66 63 63 ALA ALA A . n 
A 1 67 ALA 67 64 64 ALA ALA A . n 
A 1 68 HIS 68 65 65 HIS HIS A . n 
A 1 69 GLU 69 66 66 GLU GLU A . n 
A 1 70 LYS 70 67 67 LYS LYS A . n 
A 1 71 THR 71 68 68 THR THR A . n 
A 1 72 ALA 72 69 69 ALA ALA A . n 
A 1 73 HIS 73 70 70 HIS HIS A . n 
A 1 74 PHE 74 71 71 PHE PHE A . n 
A 1 75 ALA 75 72 72 ALA ALA A . n 
A 1 76 GLN 76 73 73 GLN GLN A . n 
A 1 77 TYR 77 74 74 TYR TYR A . n 
A 1 78 VAL 78 75 75 VAL VAL A . n 
A 1 79 GLY 79 76 76 GLY GLY A . n 
A 1 80 ILE 80 77 77 ILE ILE A . n 
A 1 81 ILE 81 78 78 ILE ILE A . n 
A 1 82 GLN 82 79 79 GLN GLN A . n 
A 1 83 GLU 83 80 80 GLU GLU A . n 
A 1 84 LEU 84 81 81 LEU LEU A . n 
A 1 85 ALA 85 82 82 ALA ALA A . n 
A 1 86 GLU 86 83 83 GLU GLU A . n 
A 1 87 MSE 87 84 84 MSE MSE A . n 
A 1 88 LYS 88 85 85 LYS LYS A . n 
A 1 89 LEU 89 86 86 LEU LEU A . n 
A 1 90 GLU 90 87 87 GLU GLU A . n 
A 1 91 LYS 91 88 88 LYS LYS A . n 
A 1 92 PHE 92 89 89 PHE PHE A . n 
A 1 93 GLU 93 90 90 GLU GLU A . n 
A 1 94 PHE 94 91 91 PHE PHE A . n 
# 
loop_
_pdbx_nonpoly_scheme.asym_id 
_pdbx_nonpoly_scheme.entity_id 
_pdbx_nonpoly_scheme.mon_id 
_pdbx_nonpoly_scheme.ndb_seq_num 
_pdbx_nonpoly_scheme.pdb_seq_num 
_pdbx_nonpoly_scheme.auth_seq_num 
_pdbx_nonpoly_scheme.pdb_mon_id 
_pdbx_nonpoly_scheme.auth_mon_id 
_pdbx_nonpoly_scheme.pdb_strand_id 
_pdbx_nonpoly_scheme.pdb_ins_code 
B 2 ACT 1  901 901 ACT ACT A . 
C 3 GOL 1  801 801 GOL GOL A . 
D 3 GOL 1  802 802 GOL GOL A . 
E 3 GOL 1  803 803 GOL GOL A . 
F 3 GOL 1  804 804 GOL GOL A . 
G 4 HOH 1  93  93  HOH HOH A . 
G 4 HOH 2  95  95  HOH HOH A . 
G 4 HOH 3  97  97  HOH HOH A . 
G 4 HOH 4  98  98  HOH HOH A . 
G 4 HOH 5  99  99  HOH HOH A . 
G 4 HOH 6  100 100 HOH HOH A . 
G 4 HOH 7  101 101 HOH HOH A . 
G 4 HOH 8  102 102 HOH HOH A . 
G 4 HOH 9  103 103 HOH HOH A . 
G 4 HOH 10 104 104 HOH HOH A . 
G 4 HOH 11 105 105 HOH HOH A . 
G 4 HOH 12 106 106 HOH HOH A . 
G 4 HOH 13 107 107 HOH HOH A . 
G 4 HOH 14 108 108 HOH HOH A . 
G 4 HOH 15 110 110 HOH HOH A . 
G 4 HOH 16 111 111 HOH HOH A . 
G 4 HOH 17 112 112 HOH HOH A . 
G 4 HOH 18 113 113 HOH HOH A . 
G 4 HOH 19 114 114 HOH HOH A . 
G 4 HOH 20 115 115 HOH HOH A . 
G 4 HOH 21 116 116 HOH HOH A . 
G 4 HOH 22 117 117 HOH HOH A . 
G 4 HOH 23 118 118 HOH HOH A . 
G 4 HOH 24 119 119 HOH HOH A . 
G 4 HOH 25 120 120 HOH HOH A . 
G 4 HOH 26 121 121 HOH HOH A . 
G 4 HOH 27 122 122 HOH HOH A . 
G 4 HOH 28 123 123 HOH HOH A . 
G 4 HOH 29 124 124 HOH HOH A . 
G 4 HOH 30 125 125 HOH HOH A . 
G 4 HOH 31 126 126 HOH HOH A . 
G 4 HOH 32 127 127 HOH HOH A . 
G 4 HOH 33 128 128 HOH HOH A . 
G 4 HOH 34 129 129 HOH HOH A . 
G 4 HOH 35 130 130 HOH HOH A . 
G 4 HOH 36 131 131 HOH HOH A . 
G 4 HOH 37 132 132 HOH HOH A . 
G 4 HOH 38 133 133 HOH HOH A . 
G 4 HOH 39 134 134 HOH HOH A . 
G 4 HOH 40 135 135 HOH HOH A . 
G 4 HOH 41 136 136 HOH HOH A . 
G 4 HOH 42 137 137 HOH HOH A . 
G 4 HOH 43 138 138 HOH HOH A . 
G 4 HOH 44 139 139 HOH HOH A . 
G 4 HOH 45 140 140 HOH HOH A . 
G 4 HOH 46 141 141 HOH HOH A . 
G 4 HOH 47 142 142 HOH HOH A . 
G 4 HOH 48 143 143 HOH HOH A . 
G 4 HOH 49 144 144 HOH HOH A . 
G 4 HOH 50 145 145 HOH HOH A . 
G 4 HOH 51 147 147 HOH HOH A . 
G 4 HOH 52 148 148 HOH HOH A . 
G 4 HOH 53 149 149 HOH HOH A . 
G 4 HOH 54 150 150 HOH HOH A . 
G 4 HOH 55 151 151 HOH HOH A . 
G 4 HOH 56 152 152 HOH HOH A . 
G 4 HOH 57 153 153 HOH HOH A . 
G 4 HOH 58 156 156 HOH HOH A . 
G 4 HOH 59 157 157 HOH HOH A . 
G 4 HOH 60 159 159 HOH HOH A . 
G 4 HOH 61 160 160 HOH HOH A . 
G 4 HOH 62 161 161 HOH HOH A . 
G 4 HOH 63 162 162 HOH HOH A . 
G 4 HOH 64 163 163 HOH HOH A . 
G 4 HOH 65 164 164 HOH HOH A . 
G 4 HOH 66 165 165 HOH HOH A . 
G 4 HOH 67 166 166 HOH HOH A . 
G 4 HOH 68 167 167 HOH HOH A . 
G 4 HOH 69 168 168 HOH HOH A . 
G 4 HOH 70 171 171 HOH HOH A . 
G 4 HOH 71 173 173 HOH HOH A . 
G 4 HOH 72 174 174 HOH HOH A . 
G 4 HOH 73 175 175 HOH HOH A . 
G 4 HOH 74 176 176 HOH HOH A . 
G 4 HOH 75 177 177 HOH HOH A . 
G 4 HOH 76 178 178 HOH HOH A . 
G 4 HOH 77 179 179 HOH HOH A . 
G 4 HOH 78 180 180 HOH HOH A . 
G 4 HOH 79 181 181 HOH HOH A . 
G 4 HOH 80 182 182 HOH HOH A . 
G 4 HOH 81 183 183 HOH HOH A . 
G 4 HOH 82 184 184 HOH HOH A . 
G 4 HOH 83 185 185 HOH HOH A . 
G 4 HOH 84 186 186 HOH HOH A . 
G 4 HOH 85 187 187 HOH HOH A . 
G 4 HOH 86 188 188 HOH HOH A . 
# 
loop_
_software.name 
_software.classification 
_software.version 
_software.citation_id 
_software.pdbx_ordinal 
REFMAC      refinement        5.2.0005 ? 1 
SBC-Collect 'data collection' .        ? 2 
HKL-2000    'data scaling'    .        ? 3 
HKL-3000    phasing           .        ? 4 
SHELX       phasing           .        ? 5 
CCP4        phasing           .        ? 6 
ARP/wARP    'model building'  .        ? 7 
SOLVE       phasing           .        ? 8 
RESOLVE     phasing           .        ? 9 
# 
_cell.entry_id           2FB0 
_cell.length_a           118.360 
_cell.length_b           118.360 
_cell.length_c           118.360 
_cell.angle_alpha        90.00 
_cell.angle_beta         90.00 
_cell.angle_gamma        90.00 
_cell.Z_PDB              24 
_cell.pdbx_unique_axis   ? 
_cell.length_a_esd       ? 
_cell.length_b_esd       ? 
_cell.length_c_esd       ? 
_cell.angle_alpha_esd    ? 
_cell.angle_beta_esd     ? 
_cell.angle_gamma_esd    ? 
# 
_symmetry.entry_id                         2FB0 
_symmetry.space_group_name_H-M             'P 41 3 2' 
_symmetry.pdbx_full_space_group_name_H-M   ? 
_symmetry.cell_setting                     ? 
_symmetry.Int_Tables_number                213 
_symmetry.space_group_name_Hall            ? 
# 
_exptl.entry_id          2FB0 
_exptl.method            'X-RAY DIFFRACTION' 
_exptl.crystals_number   1 
# 
_exptl_crystal.id                    1 
_exptl_crystal.density_meas          ? 
_exptl_crystal.density_Matthews      ? 
_exptl_crystal.density_percent_sol   ? 
_exptl_crystal.description           ? 
_exptl_crystal.F_000                 ? 
_exptl_crystal.preparation           ? 
# 
_exptl_crystal_grow.crystal_id      1 
_exptl_crystal_grow.method          'VAPOR DIFFUSION, SITTING DROP' 
_exptl_crystal_grow.temp            291 
_exptl_crystal_grow.temp_details    ? 
_exptl_crystal_grow.pH              4.5 
_exptl_crystal_grow.pdbx_details    '2M Ammonium Acetate, pH 4.5, VAPOR DIFFUSION, SITTING DROP, temperature 291K' 
_exptl_crystal_grow.pdbx_pH_range   . 
# 
_diffrn.id                     1 
_diffrn.ambient_temp           100 
_diffrn.ambient_temp_details   ? 
_diffrn.crystal_id             1 
# 
_diffrn_detector.diffrn_id              1 
_diffrn_detector.detector               CCD 
_diffrn_detector.type                   'ADSC QUANTUM 4' 
_diffrn_detector.pdbx_collection_date   2005-11-04 
_diffrn_detector.details                mirrors 
# 
_diffrn_radiation.diffrn_id                        1 
_diffrn_radiation.wavelength_id                    1 
_diffrn_radiation.pdbx_monochromatic_or_laue_m_l   M 
_diffrn_radiation.monochromator                    'Si 111 channel' 
_diffrn_radiation.pdbx_diffrn_protocol             'SINGLE WAVELENGTH' 
_diffrn_radiation.pdbx_scattering_type             x-ray 
# 
_diffrn_radiation_wavelength.id           1 
_diffrn_radiation_wavelength.wavelength   0.9795 
_diffrn_radiation_wavelength.wt           1.0 
# 
_diffrn_source.diffrn_id                   1 
_diffrn_source.source                      SYNCHROTRON 
_diffrn_source.type                        'APS BEAMLINE 19-ID' 
_diffrn_source.pdbx_synchrotron_site       APS 
_diffrn_source.pdbx_synchrotron_beamline   19-ID 
_diffrn_source.pdbx_wavelength             ? 
_diffrn_source.pdbx_wavelength_list        0.9795 
# 
_reflns.entry_id                     2FB0 
_reflns.observed_criterion_sigma_I   0.0 
_reflns.observed_criterion_sigma_F   0.0 
_reflns.d_resolution_low             50 
_reflns.d_resolution_high            2.10 
_reflns.number_obs                   17077 
_reflns.number_all                   ? 
_reflns.percent_possible_obs         100 
_reflns.pdbx_Rmerge_I_obs            0.11 
_reflns.pdbx_Rsym_value              ? 
_reflns.pdbx_netI_over_sigmaI        36.23 
_reflns.B_iso_Wilson_estimate        ? 
_reflns.pdbx_redundancy              24.8 
_reflns.R_free_details               ? 
_reflns.limit_h_max                  ? 
_reflns.limit_h_min                  ? 
_reflns.limit_k_max                  ? 
_reflns.limit_k_min                  ? 
_reflns.limit_l_max                  ? 
_reflns.limit_l_min                  ? 
_reflns.observed_criterion_F_max     ? 
_reflns.observed_criterion_F_min     ? 
_reflns.pdbx_chi_squared             ? 
_reflns.pdbx_scaling_rejects         ? 
_reflns.pdbx_ordinal                 1 
_reflns.pdbx_diffrn_id               1 
# 
_reflns_shell.d_res_high             2.10 
_reflns_shell.d_res_low              2.157 
_reflns_shell.percent_possible_all   99.92 
_reflns_shell.Rmerge_I_obs           ? 
_reflns_shell.pdbx_Rsym_value        ? 
_reflns_shell.meanI_over_sigI_obs    ? 
_reflns_shell.pdbx_redundancy        ? 
_reflns_shell.percent_possible_obs   ? 
_reflns_shell.number_unique_all      ? 
_reflns_shell.number_measured_all    ? 
_reflns_shell.number_measured_obs    ? 
_reflns_shell.number_unique_obs      ? 
_reflns_shell.pdbx_chi_squared       ? 
_reflns_shell.pdbx_ordinal           1 
_reflns_shell.pdbx_diffrn_id         1 
# 
_refine.entry_id                                 2FB0 
_refine.ls_number_reflns_obs                     16187 
_refine.ls_number_reflns_all                     17053 
_refine.pdbx_ls_sigma_I                          0.0 
_refine.pdbx_ls_sigma_F                          0.0 
_refine.pdbx_data_cutoff_high_absF               ? 
_refine.pdbx_data_cutoff_low_absF                ? 
_refine.pdbx_data_cutoff_high_rms_absF           ? 
_refine.ls_d_res_low                             50.00 
_refine.ls_d_res_high                            2.10 
_refine.ls_percent_reflns_obs                    99.85 
_refine.ls_R_factor_obs                          0.19864 
_refine.ls_R_factor_all                          0.1986 
_refine.ls_R_factor_R_work                       0.19723 
_refine.ls_R_factor_R_free                       0.2244 
_refine.ls_R_factor_R_free_error                 ? 
_refine.ls_R_factor_R_free_error_details         ? 
_refine.ls_percent_reflns_R_free                 5.1 
_refine.ls_number_reflns_R_free                  866 
_refine.ls_number_parameters                     ? 
_refine.ls_number_restraints                     ? 
_refine.occupancy_min                            ? 
_refine.occupancy_max                            ? 
_refine.correlation_coeff_Fo_to_Fc               0.947 
_refine.correlation_coeff_Fo_to_Fc_free          0.932 
_refine.B_iso_mean                               30.572 
_refine.aniso_B[1][1]                            ? 
_refine.aniso_B[2][2]                            ? 
_refine.aniso_B[3][3]                            ? 
_refine.aniso_B[1][2]                            ? 
_refine.aniso_B[1][3]                            ? 
_refine.aniso_B[2][3]                            ? 
_refine.solvent_model_details                    MASK 
_refine.solvent_model_param_ksol                 ? 
_refine.solvent_model_param_bsol                 ? 
_refine.pdbx_solvent_vdw_probe_radii             1.20 
_refine.pdbx_solvent_ion_probe_radii             0.80 
_refine.pdbx_solvent_shrinkage_radii             0.80 
_refine.pdbx_ls_cross_valid_method               THROUGHOUT 
_refine.details                                  'HYDROGENS HAVE BEEN ADDED IN THE RIDING POSITIONS' 
_refine.pdbx_starting_model                      ? 
_refine.pdbx_method_to_determine_struct          SAD 
_refine.pdbx_isotropic_thermal_model             ? 
_refine.pdbx_stereochemistry_target_values       'MAXIMUM LIKELIHOOD' 
_refine.pdbx_stereochem_target_val_spec_case     ? 
_refine.pdbx_R_Free_selection_details            RANDOM 
_refine.pdbx_overall_ESU_R                       0.114 
_refine.pdbx_overall_ESU_R_Free                  0.114 
_refine.overall_SU_ML                            0.071 
_refine.overall_SU_B                             2.577 
_refine.ls_redundancy_reflns_obs                 ? 
_refine.B_iso_min                                ? 
_refine.B_iso_max                                ? 
_refine.overall_SU_R_Cruickshank_DPI             ? 
_refine.overall_SU_R_free                        ? 
_refine.ls_wR_factor_R_free                      ? 
_refine.ls_wR_factor_R_work                      ? 
_refine.overall_FOM_free_R_set                   ? 
_refine.overall_FOM_work_R_set                   ? 
_refine.pdbx_refine_id                           'X-RAY DIFFRACTION' 
_refine.pdbx_diffrn_id                           1 
_refine.pdbx_TLS_residual_ADP_flag               ? 
_refine.pdbx_overall_phase_error                 ? 
_refine.pdbx_overall_SU_R_free_Cruickshank_DPI   ? 
_refine.pdbx_overall_SU_R_Blow_DPI               ? 
_refine.pdbx_overall_SU_R_free_Blow_DPI          ? 
# 
_refine_hist.pdbx_refine_id                   'X-RAY DIFFRACTION' 
_refine_hist.cycle_id                         LAST 
_refine_hist.pdbx_number_atoms_protein        757 
_refine_hist.pdbx_number_atoms_nucleic_acid   0 
_refine_hist.pdbx_number_atoms_ligand         28 
_refine_hist.number_atoms_solvent             86 
_refine_hist.number_atoms_total               871 
_refine_hist.d_res_high                       2.10 
_refine_hist.d_res_low                        50.00 
# 
loop_
_refine_ls_restr.type 
_refine_ls_restr.dev_ideal 
_refine_ls_restr.dev_ideal_target 
_refine_ls_restr.weight 
_refine_ls_restr.number 
_refine_ls_restr.pdbx_refine_id 
_refine_ls_restr.pdbx_restraint_function 
r_bond_refined_d             0.011  0.022  ? 832  'X-RAY DIFFRACTION' ? 
r_bond_other_d               ?      ?      ? ?    'X-RAY DIFFRACTION' ? 
r_angle_refined_deg          1.120  1.959  ? 1117 'X-RAY DIFFRACTION' ? 
r_angle_other_deg            ?      ?      ? ?    'X-RAY DIFFRACTION' ? 
r_dihedral_angle_1_deg       5.551  5.000  ? 101  'X-RAY DIFFRACTION' ? 
r_dihedral_angle_2_deg       32.733 24.651 ? 43   'X-RAY DIFFRACTION' ? 
r_dihedral_angle_3_deg       12.357 15.000 ? 152  'X-RAY DIFFRACTION' ? 
r_dihedral_angle_4_deg       11.302 15.000 ? 6    'X-RAY DIFFRACTION' ? 
r_chiral_restr               0.086  0.200  ? 121  'X-RAY DIFFRACTION' ? 
r_gen_planes_refined         0.005  0.020  ? 626  'X-RAY DIFFRACTION' ? 
r_gen_planes_other           ?      ?      ? ?    'X-RAY DIFFRACTION' ? 
r_nbd_refined                0.185  0.200  ? 376  'X-RAY DIFFRACTION' ? 
r_nbd_other                  ?      ?      ? ?    'X-RAY DIFFRACTION' ? 
r_nbtor_refined              0.294  0.200  ? 572  'X-RAY DIFFRACTION' ? 
r_nbtor_other                ?      ?      ? ?    'X-RAY DIFFRACTION' ? 
r_xyhbond_nbd_refined        0.132  0.200  ? 78   'X-RAY DIFFRACTION' ? 
r_xyhbond_nbd_other          ?      ?      ? ?    'X-RAY DIFFRACTION' ? 
r_metal_ion_refined          ?      ?      ? ?    'X-RAY DIFFRACTION' ? 
r_metal_ion_other            ?      ?      ? ?    'X-RAY DIFFRACTION' ? 
r_symmetry_vdw_refined       0.199  0.200  ? 37   'X-RAY DIFFRACTION' ? 
r_symmetry_vdw_other         ?      ?      ? ?    'X-RAY DIFFRACTION' ? 
r_symmetry_hbond_refined     0.133  0.200  ? 16   'X-RAY DIFFRACTION' ? 
r_symmetry_hbond_other       ?      ?      ? ?    'X-RAY DIFFRACTION' ? 
r_symmetry_metal_ion_refined ?      ?      ? ?    'X-RAY DIFFRACTION' ? 
r_symmetry_metal_ion_other   ?      ?      ? ?    'X-RAY DIFFRACTION' ? 
r_mcbond_it                  0.856  1.500  ? 515  'X-RAY DIFFRACTION' ? 
r_mcbond_other               ?      ?      ? ?    'X-RAY DIFFRACTION' ? 
r_mcangle_it                 1.391  2.000  ? 798  'X-RAY DIFFRACTION' ? 
r_scbond_it                  2.193  3.000  ? 357  'X-RAY DIFFRACTION' ? 
r_scangle_it                 3.529  4.500  ? 319  'X-RAY DIFFRACTION' ? 
r_rigid_bond_restr           ?      ?      ? ?    'X-RAY DIFFRACTION' ? 
r_sphericity_free            ?      ?      ? ?    'X-RAY DIFFRACTION' ? 
r_sphericity_bonded          ?      ?      ? ?    'X-RAY DIFFRACTION' ? 
# 
_refine_ls_shell.pdbx_total_number_of_bins_used   20 
_refine_ls_shell.d_res_high                       2.102 
_refine_ls_shell.d_res_low                        2.157 
_refine_ls_shell.number_reflns_R_work             1170 
_refine_ls_shell.R_factor_R_work                  0.23 
_refine_ls_shell.percent_reflns_obs               99.92 
_refine_ls_shell.R_factor_R_free                  0.274 
_refine_ls_shell.R_factor_R_free_error            ? 
_refine_ls_shell.percent_reflns_R_free            ? 
_refine_ls_shell.number_reflns_R_free             57 
_refine_ls_shell.number_reflns_all                ? 
_refine_ls_shell.R_factor_all                     ? 
_refine_ls_shell.number_reflns_obs                ? 
_refine_ls_shell.redundancy_reflns_obs            ? 
_refine_ls_shell.pdbx_refine_id                   'X-RAY DIFFRACTION' 
# 
_struct.entry_id                  2FB0 
_struct.title                     
;Crystal Structure of Conserved Protein of Unknown Function from Bacteroides thetaiotaomicron VPI-5482 at 2.10 A Resolution, Possible Oxidoreductase
;
_struct.pdbx_model_details        ? 
_struct.pdbx_CASP_flag            ? 
_struct.pdbx_model_type_details   ? 
# 
_struct_keywords.entry_id        2FB0 
_struct_keywords.pdbx_keywords   'STRUCTURAL GENOMICS, UNKNOWN FUNCTION' 
_struct_keywords.text            
;Conserved hypothetical protein, SAD, Bacteroides thetaiotaomicron, Structural Genomics, PSI, Protein Structure Initiative, Midwest Center for Structural Genomics, MCSG, UNKNOWN FUNCTION
;
# 
loop_
_struct_asym.id 
_struct_asym.pdbx_blank_PDB_chainid_flag 
_struct_asym.pdbx_modified 
_struct_asym.entity_id 
_struct_asym.details 
A N N 1 ? 
B N N 2 ? 
C N N 3 ? 
D N N 3 ? 
E N N 3 ? 
F N N 3 ? 
G N N 4 ? 
# 
_struct_ref.id                         1 
_struct_ref.db_name                    GB 
_struct_ref.db_code                    AAO76535 
_struct_ref.pdbx_db_accession          29338735 
_struct_ref.entity_id                  1 
_struct_ref.pdbx_seq_one_letter_code   
;MIRLNVFVRVNETNREKAIEAAKELTACSLKEEGCIAYDTFESSTRRDVFMICETWQNAEVLAAHEKTAHFAQYVGIIQE
LAEMKLEKFEF
;
_struct_ref.pdbx_align_begin           1 
_struct_ref.pdbx_db_isoform            ? 
# 
_struct_ref_seq.align_id                      1 
_struct_ref_seq.ref_id                        1 
_struct_ref_seq.pdbx_PDB_id_code              2FB0 
_struct_ref_seq.pdbx_strand_id                A 
_struct_ref_seq.seq_align_beg                 4 
_struct_ref_seq.pdbx_seq_align_beg_ins_code   ? 
_struct_ref_seq.seq_align_end                 94 
_struct_ref_seq.pdbx_seq_align_end_ins_code   ? 
_struct_ref_seq.pdbx_db_accession             29338735 
_struct_ref_seq.db_align_beg                  1 
_struct_ref_seq.pdbx_db_align_beg_ins_code    ? 
_struct_ref_seq.db_align_end                  91 
_struct_ref_seq.pdbx_db_align_end_ins_code    ? 
_struct_ref_seq.pdbx_auth_seq_align_beg       1 
_struct_ref_seq.pdbx_auth_seq_align_end       91 
# 
loop_
_struct_ref_seq_dif.align_id 
_struct_ref_seq_dif.pdbx_pdb_id_code 
_struct_ref_seq_dif.mon_id 
_struct_ref_seq_dif.pdbx_pdb_strand_id 
_struct_ref_seq_dif.seq_num 
_struct_ref_seq_dif.pdbx_pdb_ins_code 
_struct_ref_seq_dif.pdbx_seq_db_name 
_struct_ref_seq_dif.pdbx_seq_db_accession_code 
_struct_ref_seq_dif.db_mon_id 
_struct_ref_seq_dif.pdbx_seq_db_seq_num 
_struct_ref_seq_dif.details 
_struct_ref_seq_dif.pdbx_auth_seq_num 
_struct_ref_seq_dif.pdbx_ordinal 
1 2FB0 ALA A 1  ? GB 29338735 ?   ?  'cloning artifact' -2 1 
1 2FB0 ASN A 2  ? GB 29338735 ?   ?  'cloning artifact' -1 2 
1 2FB0 SER A 3  ? GB 29338735 ?   ?  'cloning artifact' 0  3 
1 2FB0 MSE A 4  ? GB 29338735 MET 1  'modified residue' 1  4 
1 2FB0 MSE A 54 ? GB 29338735 MET 51 'modified residue' 51 5 
1 2FB0 MSE A 87 ? GB 29338735 MET 84 'modified residue' 84 6 
# 
_pdbx_struct_assembly.id                   1 
_pdbx_struct_assembly.details              author_and_software_defined_assembly 
_pdbx_struct_assembly.method_details       PISA,PQS 
_pdbx_struct_assembly.oligomeric_details   dimeric 
_pdbx_struct_assembly.oligomeric_count     2 
# 
loop_
_pdbx_struct_assembly_prop.biol_id 
_pdbx_struct_assembly_prop.type 
_pdbx_struct_assembly_prop.value 
_pdbx_struct_assembly_prop.details 
1 'ABSA (A^2)' 3330 ? 
1 MORE         -16  ? 
1 'SSA (A^2)'  9750 ? 
# 
_pdbx_struct_assembly_gen.assembly_id       1 
_pdbx_struct_assembly_gen.oper_expression   1,2 
_pdbx_struct_assembly_gen.asym_id_list      A,B,C,D,E,F,G 
# 
loop_
_pdbx_struct_oper_list.id 
_pdbx_struct_oper_list.type 
_pdbx_struct_oper_list.name 
_pdbx_struct_oper_list.symmetry_operation 
_pdbx_struct_oper_list.matrix[1][1] 
_pdbx_struct_oper_list.matrix[1][2] 
_pdbx_struct_oper_list.matrix[1][3] 
_pdbx_struct_oper_list.vector[1] 
_pdbx_struct_oper_list.matrix[2][1] 
_pdbx_struct_oper_list.matrix[2][2] 
_pdbx_struct_oper_list.matrix[2][3] 
_pdbx_struct_oper_list.vector[2] 
_pdbx_struct_oper_list.matrix[3][1] 
_pdbx_struct_oper_list.matrix[3][2] 
_pdbx_struct_oper_list.matrix[3][3] 
_pdbx_struct_oper_list.vector[3] 
1 'identity operation'         1_555  x,y,z                1.0000000000  0.0000000000  0.0000000000  0.0000000000   0.0000000000  1.0000000000  0.0000000000 0.0000000000   0.0000000000  0.0000000000 1.0000000000  0.0000000000 
2 'crystal symmetry operation' 24_555 -z+3/4,-y+3/4,-x+3/4 -0.0958562554 -0.8374060017 -0.5381103666 -12.3242526316 -0.8374060017 -0.2244056149 0.4983907186 -16.0805369362 -0.5381103666 0.4983907186 -0.6797381297 4.3170367287 
# 
_struct_biol.id                    1 
_struct_biol.details               'Based on the analysis of crystal packing homodimer seems to be the biological unit' 
_struct_biol.pdbx_parent_biol_id   ? 
# 
loop_
_struct_conf.conf_type_id 
_struct_conf.id 
_struct_conf.pdbx_PDB_helix_id 
_struct_conf.beg_label_comp_id 
_struct_conf.beg_label_asym_id 
_struct_conf.beg_label_seq_id 
_struct_conf.pdbx_beg_PDB_ins_code 
_struct_conf.end_label_comp_id 
_struct_conf.end_label_asym_id 
_struct_conf.end_label_seq_id 
_struct_conf.pdbx_end_PDB_ins_code 
_struct_conf.beg_auth_comp_id 
_struct_conf.beg_auth_asym_id 
_struct_conf.beg_auth_seq_id 
_struct_conf.end_auth_comp_id 
_struct_conf.end_auth_asym_id 
_struct_conf.end_auth_seq_id 
_struct_conf.pdbx_PDB_helix_class 
_struct_conf.details 
_struct_conf.pdbx_PDB_helix_length 
HELX_P HELX_P1 1 ASN A 17 ? LEU A 33 ? ASN A 14 LEU A 30 1 ? 17 
HELX_P HELX_P2 2 ASN A 61 ? GLU A 69 ? ASN A 58 GLU A 66 1 ? 9  
HELX_P HELX_P3 3 THR A 71 ? ALA A 85 ? THR A 68 ALA A 82 1 ? 15 
# 
_struct_conf_type.id          HELX_P 
_struct_conf_type.criteria    ? 
_struct_conf_type.reference   ? 
# 
loop_
_struct_conn.id 
_struct_conn.conn_type_id 
_struct_conn.pdbx_leaving_atom_flag 
_struct_conn.pdbx_PDB_id 
_struct_conn.ptnr1_label_asym_id 
_struct_conn.ptnr1_label_comp_id 
_struct_conn.ptnr1_label_seq_id 
_struct_conn.ptnr1_label_atom_id 
_struct_conn.pdbx_ptnr1_label_alt_id 
_struct_conn.pdbx_ptnr1_PDB_ins_code 
_struct_conn.pdbx_ptnr1_standard_comp_id 
_struct_conn.ptnr1_symmetry 
_struct_conn.ptnr2_label_asym_id 
_struct_conn.ptnr2_label_comp_id 
_struct_conn.ptnr2_label_seq_id 
_struct_conn.ptnr2_label_atom_id 
_struct_conn.pdbx_ptnr2_label_alt_id 
_struct_conn.pdbx_ptnr2_PDB_ins_code 
_struct_conn.ptnr1_auth_asym_id 
_struct_conn.ptnr1_auth_comp_id 
_struct_conn.ptnr1_auth_seq_id 
_struct_conn.ptnr2_auth_asym_id 
_struct_conn.ptnr2_auth_comp_id 
_struct_conn.ptnr2_auth_seq_id 
_struct_conn.ptnr2_symmetry 
_struct_conn.pdbx_ptnr3_label_atom_id 
_struct_conn.pdbx_ptnr3_label_seq_id 
_struct_conn.pdbx_ptnr3_label_comp_id 
_struct_conn.pdbx_ptnr3_label_asym_id 
_struct_conn.pdbx_ptnr3_label_alt_id 
_struct_conn.pdbx_ptnr3_PDB_ins_code 
_struct_conn.details 
_struct_conn.pdbx_dist_value 
_struct_conn.pdbx_value_order 
_struct_conn.pdbx_role 
covale1 covale both ? A SER 3  C ? ? ? 1_555 A MSE 4  N ? ? A SER 0  A MSE 1  1_555 ? ? ? ? ? ? ? 1.334 ? ? 
covale2 covale both ? A MSE 4  C ? ? ? 1_555 A ILE 5  N A ? A MSE 1  A ILE 2  1_555 ? ? ? ? ? ? ? 1.327 ? ? 
covale3 covale both ? A MSE 4  C ? ? ? 1_555 A ILE 5  N B ? A MSE 1  A ILE 2  1_555 ? ? ? ? ? ? ? 1.329 ? ? 
covale4 covale both ? A PHE 53 C ? ? ? 1_555 A MSE 54 N ? ? A PHE 50 A MSE 51 1_555 ? ? ? ? ? ? ? 1.331 ? ? 
covale5 covale both ? A MSE 54 C ? ? ? 1_555 A ILE 55 N ? ? A MSE 51 A ILE 52 1_555 ? ? ? ? ? ? ? 1.325 ? ? 
covale6 covale both ? A GLU 86 C ? ? ? 1_555 A MSE 87 N ? ? A GLU 83 A MSE 84 1_555 ? ? ? ? ? ? ? 1.327 ? ? 
covale7 covale both ? A MSE 87 C ? ? ? 1_555 A LYS 88 N ? ? A MSE 84 A LYS 85 1_555 ? ? ? ? ? ? ? 1.332 ? ? 
# 
_struct_conn_type.id          covale 
_struct_conn_type.criteria    ? 
_struct_conn_type.reference   ? 
# 
loop_
_pdbx_modification_feature.ordinal 
_pdbx_modification_feature.label_comp_id 
_pdbx_modification_feature.label_asym_id 
_pdbx_modification_feature.label_seq_id 
_pdbx_modification_feature.label_alt_id 
_pdbx_modification_feature.modified_residue_label_comp_id 
_pdbx_modification_feature.modified_residue_label_asym_id 
_pdbx_modification_feature.modified_residue_label_seq_id 
_pdbx_modification_feature.modified_residue_label_alt_id 
_pdbx_modification_feature.auth_comp_id 
_pdbx_modification_feature.auth_asym_id 
_pdbx_modification_feature.auth_seq_id 
_pdbx_modification_feature.PDB_ins_code 
_pdbx_modification_feature.symmetry 
_pdbx_modification_feature.modified_residue_auth_comp_id 
_pdbx_modification_feature.modified_residue_auth_asym_id 
_pdbx_modification_feature.modified_residue_auth_seq_id 
_pdbx_modification_feature.modified_residue_PDB_ins_code 
_pdbx_modification_feature.modified_residue_symmetry 
_pdbx_modification_feature.comp_id_linking_atom 
_pdbx_modification_feature.modified_residue_id_linking_atom 
_pdbx_modification_feature.modified_residue_id 
_pdbx_modification_feature.ref_pcm_id 
_pdbx_modification_feature.ref_comp_id 
_pdbx_modification_feature.type 
_pdbx_modification_feature.category 
1 MSE A 4  ? . . . . MSE A 1  ? 1_555 . . . . . . . MET 1 MSE Selenomethionine 'Named protein modification' 
2 MSE A 54 ? . . . . MSE A 51 ? 1_555 . . . . . . . MET 1 MSE Selenomethionine 'Named protein modification' 
3 MSE A 87 ? . . . . MSE A 84 ? 1_555 . . . . . . . MET 1 MSE Selenomethionine 'Named protein modification' 
# 
_struct_mon_prot_cis.pdbx_id                1 
_struct_mon_prot_cis.label_comp_id          ALA 
_struct_mon_prot_cis.label_seq_id           1 
_struct_mon_prot_cis.label_asym_id          A 
_struct_mon_prot_cis.label_alt_id           . 
_struct_mon_prot_cis.pdbx_PDB_ins_code      ? 
_struct_mon_prot_cis.auth_comp_id           ALA 
_struct_mon_prot_cis.auth_seq_id            -2 
_struct_mon_prot_cis.auth_asym_id           A 
_struct_mon_prot_cis.pdbx_label_comp_id_2   ASN 
_struct_mon_prot_cis.pdbx_label_seq_id_2    2 
_struct_mon_prot_cis.pdbx_label_asym_id_2   A 
_struct_mon_prot_cis.pdbx_PDB_ins_code_2    ? 
_struct_mon_prot_cis.pdbx_auth_comp_id_2    ASN 
_struct_mon_prot_cis.pdbx_auth_seq_id_2     -1 
_struct_mon_prot_cis.pdbx_auth_asym_id_2    A 
_struct_mon_prot_cis.pdbx_PDB_model_num     1 
_struct_mon_prot_cis.pdbx_omega_angle       -9.81 
# 
_struct_sheet.id               A 
_struct_sheet.type             ? 
_struct_sheet.number_strands   4 
_struct_sheet.details          ? 
# 
loop_
_struct_sheet_order.sheet_id 
_struct_sheet_order.range_id_1 
_struct_sheet_order.range_id_2 
_struct_sheet_order.offset 
_struct_sheet_order.sense 
A 1 2 ? anti-parallel 
A 2 3 ? anti-parallel 
A 3 4 ? anti-parallel 
# 
loop_
_struct_sheet_range.sheet_id 
_struct_sheet_range.id 
_struct_sheet_range.beg_label_comp_id 
_struct_sheet_range.beg_label_asym_id 
_struct_sheet_range.beg_label_seq_id 
_struct_sheet_range.pdbx_beg_PDB_ins_code 
_struct_sheet_range.end_label_comp_id 
_struct_sheet_range.end_label_asym_id 
_struct_sheet_range.end_label_seq_id 
_struct_sheet_range.pdbx_end_PDB_ins_code 
_struct_sheet_range.beg_auth_comp_id 
_struct_sheet_range.beg_auth_asym_id 
_struct_sheet_range.beg_auth_seq_id 
_struct_sheet_range.end_auth_comp_id 
_struct_sheet_range.end_auth_asym_id 
_struct_sheet_range.end_auth_seq_id 
A 1 CYS A 38 ? GLU A 45 ? CYS A 35 GLU A 42 
A 2 VAL A 52 ? TRP A 59 ? VAL A 49 TRP A 56 
A 3 ILE A 5  ? ARG A 12 ? ILE A 2  ARG A 9  
A 4 GLU A 86 ? GLU A 93 ? GLU A 83 GLU A 90 
# 
loop_
_pdbx_struct_sheet_hbond.sheet_id 
_pdbx_struct_sheet_hbond.range_id_1 
_pdbx_struct_sheet_hbond.range_id_2 
_pdbx_struct_sheet_hbond.range_1_label_atom_id 
_pdbx_struct_sheet_hbond.range_1_label_comp_id 
_pdbx_struct_sheet_hbond.range_1_label_asym_id 
_pdbx_struct_sheet_hbond.range_1_label_seq_id 
_pdbx_struct_sheet_hbond.range_1_PDB_ins_code 
_pdbx_struct_sheet_hbond.range_1_auth_atom_id 
_pdbx_struct_sheet_hbond.range_1_auth_comp_id 
_pdbx_struct_sheet_hbond.range_1_auth_asym_id 
_pdbx_struct_sheet_hbond.range_1_auth_seq_id 
_pdbx_struct_sheet_hbond.range_2_label_atom_id 
_pdbx_struct_sheet_hbond.range_2_label_comp_id 
_pdbx_struct_sheet_hbond.range_2_label_asym_id 
_pdbx_struct_sheet_hbond.range_2_label_seq_id 
_pdbx_struct_sheet_hbond.range_2_PDB_ins_code 
_pdbx_struct_sheet_hbond.range_2_auth_atom_id 
_pdbx_struct_sheet_hbond.range_2_auth_comp_id 
_pdbx_struct_sheet_hbond.range_2_auth_asym_id 
_pdbx_struct_sheet_hbond.range_2_auth_seq_id 
A 1 2 N PHE A 44 ? N PHE A 41 O MSE A 54 ? O MSE A 51 
A 2 3 O ILE A 55 ? O ILE A 52 N VAL A 9  ? N VAL A 6  
A 3 4 N ARG A 6  ? N ARG A 3  O PHE A 92 ? O PHE A 89 
# 
loop_
_struct_site.id 
_struct_site.pdbx_evidence_code 
_struct_site.pdbx_auth_asym_id 
_struct_site.pdbx_auth_comp_id 
_struct_site.pdbx_auth_seq_id 
_struct_site.pdbx_auth_ins_code 
_struct_site.pdbx_num_residues 
_struct_site.details 
AC1 Software A ACT 901 ? 4 'BINDING SITE FOR RESIDUE ACT A 901' 
AC2 Software A GOL 801 ? 3 'BINDING SITE FOR RESIDUE GOL A 801' 
AC3 Software A GOL 802 ? 2 'BINDING SITE FOR RESIDUE GOL A 802' 
AC4 Software A GOL 803 ? 4 'BINDING SITE FOR RESIDUE GOL A 803' 
AC5 Software A GOL 804 ? 5 'BINDING SITE FOR RESIDUE GOL A 804' 
# 
loop_
_struct_site_gen.id 
_struct_site_gen.site_id 
_struct_site_gen.pdbx_num_res 
_struct_site_gen.label_comp_id 
_struct_site_gen.label_asym_id 
_struct_site_gen.label_seq_id 
_struct_site_gen.pdbx_auth_ins_code 
_struct_site_gen.auth_comp_id 
_struct_site_gen.auth_asym_id 
_struct_site_gen.auth_seq_id 
_struct_site_gen.label_atom_id 
_struct_site_gen.label_alt_id 
_struct_site_gen.symmetry 
_struct_site_gen.details 
1  AC1 4 TYR A 41 ? TYR A 38  . ? 1_555  ? 
2  AC1 4 GLU A 57 ? GLU A 54  . ? 1_555  ? 
3  AC1 4 HIS A 68 ? HIS A 65  . ? 1_555  ? 
4  AC1 4 PHE A 74 ? PHE A 71  . ? 1_555  ? 
5  AC2 3 ALA A 72 ? ALA A 69  . ? 1_555  ? 
6  AC2 3 HIS A 73 ? HIS A 70  . ? 1_555  ? 
7  AC2 3 HOH G .  ? HOH A 168 . ? 1_555  ? 
8  AC3 2 ARG A 50 ? ARG A 47  . ? 1_555  ? 
9  AC3 2 HOH G .  ? HOH A 103 . ? 1_555  ? 
10 AC4 4 ARG A 12 ? ARG A 9   . ? 1_555  ? 
11 AC4 4 ASN A 14 ? ASN A 11  . ? 7_564  ? 
12 AC4 4 ARG A 49 ? ARG A 46  . ? 1_555  ? 
13 AC4 4 ASP A 51 ? ASP A 48  . ? 1_555  ? 
14 AC5 5 GLU A 90 ? GLU A 87  . ? 1_555  ? 
15 AC5 5 LYS A 91 ? LYS A 88  . ? 1_555  ? 
16 AC5 5 PHE A 92 ? PHE A 89  . ? 1_555  ? 
17 AC5 5 PHE A 94 ? PHE A 91  . ? 24_555 ? 
18 AC5 5 HOH G .  ? HOH A 174 . ? 1_555  ? 
# 
_pdbx_entry_details.entry_id                   2FB0 
_pdbx_entry_details.compound_details           ? 
_pdbx_entry_details.source_details             ? 
_pdbx_entry_details.nonpolymer_details         ? 
_pdbx_entry_details.sequence_details           ? 
_pdbx_entry_details.has_ligand_of_interest     ? 
_pdbx_entry_details.has_protein_modification   Y 
# 
_pdbx_validate_close_contact.id               1 
_pdbx_validate_close_contact.PDB_model_num    1 
_pdbx_validate_close_contact.auth_atom_id_1   OE1 
_pdbx_validate_close_contact.auth_asym_id_1   A 
_pdbx_validate_close_contact.auth_comp_id_1   GLU 
_pdbx_validate_close_contact.auth_seq_id_1    24 
_pdbx_validate_close_contact.PDB_ins_code_1   ? 
_pdbx_validate_close_contact.label_alt_id_1   A 
_pdbx_validate_close_contact.auth_atom_id_2   O 
_pdbx_validate_close_contact.auth_asym_id_2   A 
_pdbx_validate_close_contact.auth_comp_id_2   HOH 
_pdbx_validate_close_contact.auth_seq_id_2    131 
_pdbx_validate_close_contact.PDB_ins_code_2   ? 
_pdbx_validate_close_contact.label_alt_id_2   ? 
_pdbx_validate_close_contact.dist             2.15 
# 
_pdbx_SG_project.id                    1 
_pdbx_SG_project.project_name          'PSI, Protein Structure Initiative' 
_pdbx_SG_project.full_name_of_center   'Midwest Center for Structural Genomics' 
_pdbx_SG_project.initial_of_center     MCSG 
# 
loop_
_pdbx_struct_mod_residue.id 
_pdbx_struct_mod_residue.label_asym_id 
_pdbx_struct_mod_residue.label_comp_id 
_pdbx_struct_mod_residue.label_seq_id 
_pdbx_struct_mod_residue.auth_asym_id 
_pdbx_struct_mod_residue.auth_comp_id 
_pdbx_struct_mod_residue.auth_seq_id 
_pdbx_struct_mod_residue.PDB_ins_code 
_pdbx_struct_mod_residue.parent_comp_id 
_pdbx_struct_mod_residue.details 
1 A MSE 4  A MSE 1  ? MET SELENOMETHIONINE 
2 A MSE 54 A MSE 51 ? MET SELENOMETHIONINE 
3 A MSE 87 A MSE 84 ? MET SELENOMETHIONINE 
# 
loop_
_chem_comp_atom.comp_id 
_chem_comp_atom.atom_id 
_chem_comp_atom.type_symbol 
_chem_comp_atom.pdbx_aromatic_flag 
_chem_comp_atom.pdbx_stereo_config 
_chem_comp_atom.pdbx_ordinal 
ACT C    C  N N 1   
ACT O    O  N N 2   
ACT OXT  O  N N 3   
ACT CH3  C  N N 4   
ACT H1   H  N N 5   
ACT H2   H  N N 6   
ACT H3   H  N N 7   
ALA N    N  N N 8   
ALA CA   C  N S 9   
ALA C    C  N N 10  
ALA O    O  N N 11  
ALA CB   C  N N 12  
ALA OXT  O  N N 13  
ALA H    H  N N 14  
ALA H2   H  N N 15  
ALA HA   H  N N 16  
ALA HB1  H  N N 17  
ALA HB2  H  N N 18  
ALA HB3  H  N N 19  
ALA HXT  H  N N 20  
ARG N    N  N N 21  
ARG CA   C  N S 22  
ARG C    C  N N 23  
ARG O    O  N N 24  
ARG CB   C  N N 25  
ARG CG   C  N N 26  
ARG CD   C  N N 27  
ARG NE   N  N N 28  
ARG CZ   C  N N 29  
ARG NH1  N  N N 30  
ARG NH2  N  N N 31  
ARG OXT  O  N N 32  
ARG H    H  N N 33  
ARG H2   H  N N 34  
ARG HA   H  N N 35  
ARG HB2  H  N N 36  
ARG HB3  H  N N 37  
ARG HG2  H  N N 38  
ARG HG3  H  N N 39  
ARG HD2  H  N N 40  
ARG HD3  H  N N 41  
ARG HE   H  N N 42  
ARG HH11 H  N N 43  
ARG HH12 H  N N 44  
ARG HH21 H  N N 45  
ARG HH22 H  N N 46  
ARG HXT  H  N N 47  
ASN N    N  N N 48  
ASN CA   C  N S 49  
ASN C    C  N N 50  
ASN O    O  N N 51  
ASN CB   C  N N 52  
ASN CG   C  N N 53  
ASN OD1  O  N N 54  
ASN ND2  N  N N 55  
ASN OXT  O  N N 56  
ASN H    H  N N 57  
ASN H2   H  N N 58  
ASN HA   H  N N 59  
ASN HB2  H  N N 60  
ASN HB3  H  N N 61  
ASN HD21 H  N N 62  
ASN HD22 H  N N 63  
ASN HXT  H  N N 64  
ASP N    N  N N 65  
ASP CA   C  N S 66  
ASP C    C  N N 67  
ASP O    O  N N 68  
ASP CB   C  N N 69  
ASP CG   C  N N 70  
ASP OD1  O  N N 71  
ASP OD2  O  N N 72  
ASP OXT  O  N N 73  
ASP H    H  N N 74  
ASP H2   H  N N 75  
ASP HA   H  N N 76  
ASP HB2  H  N N 77  
ASP HB3  H  N N 78  
ASP HD2  H  N N 79  
ASP HXT  H  N N 80  
CYS N    N  N N 81  
CYS CA   C  N R 82  
CYS C    C  N N 83  
CYS O    O  N N 84  
CYS CB   C  N N 85  
CYS SG   S  N N 86  
CYS OXT  O  N N 87  
CYS H    H  N N 88  
CYS H2   H  N N 89  
CYS HA   H  N N 90  
CYS HB2  H  N N 91  
CYS HB3  H  N N 92  
CYS HG   H  N N 93  
CYS HXT  H  N N 94  
GLN N    N  N N 95  
GLN CA   C  N S 96  
GLN C    C  N N 97  
GLN O    O  N N 98  
GLN CB   C  N N 99  
GLN CG   C  N N 100 
GLN CD   C  N N 101 
GLN OE1  O  N N 102 
GLN NE2  N  N N 103 
GLN OXT  O  N N 104 
GLN H    H  N N 105 
GLN H2   H  N N 106 
GLN HA   H  N N 107 
GLN HB2  H  N N 108 
GLN HB3  H  N N 109 
GLN HG2  H  N N 110 
GLN HG3  H  N N 111 
GLN HE21 H  N N 112 
GLN HE22 H  N N 113 
GLN HXT  H  N N 114 
GLU N    N  N N 115 
GLU CA   C  N S 116 
GLU C    C  N N 117 
GLU O    O  N N 118 
GLU CB   C  N N 119 
GLU CG   C  N N 120 
GLU CD   C  N N 121 
GLU OE1  O  N N 122 
GLU OE2  O  N N 123 
GLU OXT  O  N N 124 
GLU H    H  N N 125 
GLU H2   H  N N 126 
GLU HA   H  N N 127 
GLU HB2  H  N N 128 
GLU HB3  H  N N 129 
GLU HG2  H  N N 130 
GLU HG3  H  N N 131 
GLU HE2  H  N N 132 
GLU HXT  H  N N 133 
GLY N    N  N N 134 
GLY CA   C  N N 135 
GLY C    C  N N 136 
GLY O    O  N N 137 
GLY OXT  O  N N 138 
GLY H    H  N N 139 
GLY H2   H  N N 140 
GLY HA2  H  N N 141 
GLY HA3  H  N N 142 
GLY HXT  H  N N 143 
GOL C1   C  N N 144 
GOL O1   O  N N 145 
GOL C2   C  N N 146 
GOL O2   O  N N 147 
GOL C3   C  N N 148 
GOL O3   O  N N 149 
GOL H11  H  N N 150 
GOL H12  H  N N 151 
GOL HO1  H  N N 152 
GOL H2   H  N N 153 
GOL HO2  H  N N 154 
GOL H31  H  N N 155 
GOL H32  H  N N 156 
GOL HO3  H  N N 157 
HIS N    N  N N 158 
HIS CA   C  N S 159 
HIS C    C  N N 160 
HIS O    O  N N 161 
HIS CB   C  N N 162 
HIS CG   C  Y N 163 
HIS ND1  N  Y N 164 
HIS CD2  C  Y N 165 
HIS CE1  C  Y N 166 
HIS NE2  N  Y N 167 
HIS OXT  O  N N 168 
HIS H    H  N N 169 
HIS H2   H  N N 170 
HIS HA   H  N N 171 
HIS HB2  H  N N 172 
HIS HB3  H  N N 173 
HIS HD1  H  N N 174 
HIS HD2  H  N N 175 
HIS HE1  H  N N 176 
HIS HE2  H  N N 177 
HIS HXT  H  N N 178 
HOH O    O  N N 179 
HOH H1   H  N N 180 
HOH H2   H  N N 181 
ILE N    N  N N 182 
ILE CA   C  N S 183 
ILE C    C  N N 184 
ILE O    O  N N 185 
ILE CB   C  N S 186 
ILE CG1  C  N N 187 
ILE CG2  C  N N 188 
ILE CD1  C  N N 189 
ILE OXT  O  N N 190 
ILE H    H  N N 191 
ILE H2   H  N N 192 
ILE HA   H  N N 193 
ILE HB   H  N N 194 
ILE HG12 H  N N 195 
ILE HG13 H  N N 196 
ILE HG21 H  N N 197 
ILE HG22 H  N N 198 
ILE HG23 H  N N 199 
ILE HD11 H  N N 200 
ILE HD12 H  N N 201 
ILE HD13 H  N N 202 
ILE HXT  H  N N 203 
LEU N    N  N N 204 
LEU CA   C  N S 205 
LEU C    C  N N 206 
LEU O    O  N N 207 
LEU CB   C  N N 208 
LEU CG   C  N N 209 
LEU CD1  C  N N 210 
LEU CD2  C  N N 211 
LEU OXT  O  N N 212 
LEU H    H  N N 213 
LEU H2   H  N N 214 
LEU HA   H  N N 215 
LEU HB2  H  N N 216 
LEU HB3  H  N N 217 
LEU HG   H  N N 218 
LEU HD11 H  N N 219 
LEU HD12 H  N N 220 
LEU HD13 H  N N 221 
LEU HD21 H  N N 222 
LEU HD22 H  N N 223 
LEU HD23 H  N N 224 
LEU HXT  H  N N 225 
LYS N    N  N N 226 
LYS CA   C  N S 227 
LYS C    C  N N 228 
LYS O    O  N N 229 
LYS CB   C  N N 230 
LYS CG   C  N N 231 
LYS CD   C  N N 232 
LYS CE   C  N N 233 
LYS NZ   N  N N 234 
LYS OXT  O  N N 235 
LYS H    H  N N 236 
LYS H2   H  N N 237 
LYS HA   H  N N 238 
LYS HB2  H  N N 239 
LYS HB3  H  N N 240 
LYS HG2  H  N N 241 
LYS HG3  H  N N 242 
LYS HD2  H  N N 243 
LYS HD3  H  N N 244 
LYS HE2  H  N N 245 
LYS HE3  H  N N 246 
LYS HZ1  H  N N 247 
LYS HZ2  H  N N 248 
LYS HZ3  H  N N 249 
LYS HXT  H  N N 250 
MET N    N  N N 251 
MET CA   C  N S 252 
MET C    C  N N 253 
MET O    O  N N 254 
MET CB   C  N N 255 
MET CG   C  N N 256 
MET SD   S  N N 257 
MET CE   C  N N 258 
MET OXT  O  N N 259 
MET H    H  N N 260 
MET H2   H  N N 261 
MET HA   H  N N 262 
MET HB2  H  N N 263 
MET HB3  H  N N 264 
MET HG2  H  N N 265 
MET HG3  H  N N 266 
MET HE1  H  N N 267 
MET HE2  H  N N 268 
MET HE3  H  N N 269 
MET HXT  H  N N 270 
MSE N    N  N N 271 
MSE CA   C  N S 272 
MSE C    C  N N 273 
MSE O    O  N N 274 
MSE OXT  O  N N 275 
MSE CB   C  N N 276 
MSE CG   C  N N 277 
MSE SE   SE N N 278 
MSE CE   C  N N 279 
MSE H    H  N N 280 
MSE H2   H  N N 281 
MSE HA   H  N N 282 
MSE HXT  H  N N 283 
MSE HB2  H  N N 284 
MSE HB3  H  N N 285 
MSE HG2  H  N N 286 
MSE HG3  H  N N 287 
MSE HE1  H  N N 288 
MSE HE2  H  N N 289 
MSE HE3  H  N N 290 
PHE N    N  N N 291 
PHE CA   C  N S 292 
PHE C    C  N N 293 
PHE O    O  N N 294 
PHE CB   C  N N 295 
PHE CG   C  Y N 296 
PHE CD1  C  Y N 297 
PHE CD2  C  Y N 298 
PHE CE1  C  Y N 299 
PHE CE2  C  Y N 300 
PHE CZ   C  Y N 301 
PHE OXT  O  N N 302 
PHE H    H  N N 303 
PHE H2   H  N N 304 
PHE HA   H  N N 305 
PHE HB2  H  N N 306 
PHE HB3  H  N N 307 
PHE HD1  H  N N 308 
PHE HD2  H  N N 309 
PHE HE1  H  N N 310 
PHE HE2  H  N N 311 
PHE HZ   H  N N 312 
PHE HXT  H  N N 313 
SER N    N  N N 314 
SER CA   C  N S 315 
SER C    C  N N 316 
SER O    O  N N 317 
SER CB   C  N N 318 
SER OG   O  N N 319 
SER OXT  O  N N 320 
SER H    H  N N 321 
SER H2   H  N N 322 
SER HA   H  N N 323 
SER HB2  H  N N 324 
SER HB3  H  N N 325 
SER HG   H  N N 326 
SER HXT  H  N N 327 
THR N    N  N N 328 
THR CA   C  N S 329 
THR C    C  N N 330 
THR O    O  N N 331 
THR CB   C  N R 332 
THR OG1  O  N N 333 
THR CG2  C  N N 334 
THR OXT  O  N N 335 
THR H    H  N N 336 
THR H2   H  N N 337 
THR HA   H  N N 338 
THR HB   H  N N 339 
THR HG1  H  N N 340 
THR HG21 H  N N 341 
THR HG22 H  N N 342 
THR HG23 H  N N 343 
THR HXT  H  N N 344 
TRP N    N  N N 345 
TRP CA   C  N S 346 
TRP C    C  N N 347 
TRP O    O  N N 348 
TRP CB   C  N N 349 
TRP CG   C  Y N 350 
TRP CD1  C  Y N 351 
TRP CD2  C  Y N 352 
TRP NE1  N  Y N 353 
TRP CE2  C  Y N 354 
TRP CE3  C  Y N 355 
TRP CZ2  C  Y N 356 
TRP CZ3  C  Y N 357 
TRP CH2  C  Y N 358 
TRP OXT  O  N N 359 
TRP H    H  N N 360 
TRP H2   H  N N 361 
TRP HA   H  N N 362 
TRP HB2  H  N N 363 
TRP HB3  H  N N 364 
TRP HD1  H  N N 365 
TRP HE1  H  N N 366 
TRP HE3  H  N N 367 
TRP HZ2  H  N N 368 
TRP HZ3  H  N N 369 
TRP HH2  H  N N 370 
TRP HXT  H  N N 371 
TYR N    N  N N 372 
TYR CA   C  N S 373 
TYR C    C  N N 374 
TYR O    O  N N 375 
TYR CB   C  N N 376 
TYR CG   C  Y N 377 
TYR CD1  C  Y N 378 
TYR CD2  C  Y N 379 
TYR CE1  C  Y N 380 
TYR CE2  C  Y N 381 
TYR CZ   C  Y N 382 
TYR OH   O  N N 383 
TYR OXT  O  N N 384 
TYR H    H  N N 385 
TYR H2   H  N N 386 
TYR HA   H  N N 387 
TYR HB2  H  N N 388 
TYR HB3  H  N N 389 
TYR HD1  H  N N 390 
TYR HD2  H  N N 391 
TYR HE1  H  N N 392 
TYR HE2  H  N N 393 
TYR HH   H  N N 394 
TYR HXT  H  N N 395 
VAL N    N  N N 396 
VAL CA   C  N S 397 
VAL C    C  N N 398 
VAL O    O  N N 399 
VAL CB   C  N N 400 
VAL CG1  C  N N 401 
VAL CG2  C  N N 402 
VAL OXT  O  N N 403 
VAL H    H  N N 404 
VAL H2   H  N N 405 
VAL HA   H  N N 406 
VAL HB   H  N N 407 
VAL HG11 H  N N 408 
VAL HG12 H  N N 409 
VAL HG13 H  N N 410 
VAL HG21 H  N N 411 
VAL HG22 H  N N 412 
VAL HG23 H  N N 413 
VAL HXT  H  N N 414 
# 
loop_
_chem_comp_bond.comp_id 
_chem_comp_bond.atom_id_1 
_chem_comp_bond.atom_id_2 
_chem_comp_bond.value_order 
_chem_comp_bond.pdbx_aromatic_flag 
_chem_comp_bond.pdbx_stereo_config 
_chem_comp_bond.pdbx_ordinal 
ACT C   O    doub N N 1   
ACT C   OXT  sing N N 2   
ACT C   CH3  sing N N 3   
ACT CH3 H1   sing N N 4   
ACT CH3 H2   sing N N 5   
ACT CH3 H3   sing N N 6   
ALA N   CA   sing N N 7   
ALA N   H    sing N N 8   
ALA N   H2   sing N N 9   
ALA CA  C    sing N N 10  
ALA CA  CB   sing N N 11  
ALA CA  HA   sing N N 12  
ALA C   O    doub N N 13  
ALA C   OXT  sing N N 14  
ALA CB  HB1  sing N N 15  
ALA CB  HB2  sing N N 16  
ALA CB  HB3  sing N N 17  
ALA OXT HXT  sing N N 18  
ARG N   CA   sing N N 19  
ARG N   H    sing N N 20  
ARG N   H2   sing N N 21  
ARG CA  C    sing N N 22  
ARG CA  CB   sing N N 23  
ARG CA  HA   sing N N 24  
ARG C   O    doub N N 25  
ARG C   OXT  sing N N 26  
ARG CB  CG   sing N N 27  
ARG CB  HB2  sing N N 28  
ARG CB  HB3  sing N N 29  
ARG CG  CD   sing N N 30  
ARG CG  HG2  sing N N 31  
ARG CG  HG3  sing N N 32  
ARG CD  NE   sing N N 33  
ARG CD  HD2  sing N N 34  
ARG CD  HD3  sing N N 35  
ARG NE  CZ   sing N N 36  
ARG NE  HE   sing N N 37  
ARG CZ  NH1  sing N N 38  
ARG CZ  NH2  doub N N 39  
ARG NH1 HH11 sing N N 40  
ARG NH1 HH12 sing N N 41  
ARG NH2 HH21 sing N N 42  
ARG NH2 HH22 sing N N 43  
ARG OXT HXT  sing N N 44  
ASN N   CA   sing N N 45  
ASN N   H    sing N N 46  
ASN N   H2   sing N N 47  
ASN CA  C    sing N N 48  
ASN CA  CB   sing N N 49  
ASN CA  HA   sing N N 50  
ASN C   O    doub N N 51  
ASN C   OXT  sing N N 52  
ASN CB  CG   sing N N 53  
ASN CB  HB2  sing N N 54  
ASN CB  HB3  sing N N 55  
ASN CG  OD1  doub N N 56  
ASN CG  ND2  sing N N 57  
ASN ND2 HD21 sing N N 58  
ASN ND2 HD22 sing N N 59  
ASN OXT HXT  sing N N 60  
ASP N   CA   sing N N 61  
ASP N   H    sing N N 62  
ASP N   H2   sing N N 63  
ASP CA  C    sing N N 64  
ASP CA  CB   sing N N 65  
ASP CA  HA   sing N N 66  
ASP C   O    doub N N 67  
ASP C   OXT  sing N N 68  
ASP CB  CG   sing N N 69  
ASP CB  HB2  sing N N 70  
ASP CB  HB3  sing N N 71  
ASP CG  OD1  doub N N 72  
ASP CG  OD2  sing N N 73  
ASP OD2 HD2  sing N N 74  
ASP OXT HXT  sing N N 75  
CYS N   CA   sing N N 76  
CYS N   H    sing N N 77  
CYS N   H2   sing N N 78  
CYS CA  C    sing N N 79  
CYS CA  CB   sing N N 80  
CYS CA  HA   sing N N 81  
CYS C   O    doub N N 82  
CYS C   OXT  sing N N 83  
CYS CB  SG   sing N N 84  
CYS CB  HB2  sing N N 85  
CYS CB  HB3  sing N N 86  
CYS SG  HG   sing N N 87  
CYS OXT HXT  sing N N 88  
GLN N   CA   sing N N 89  
GLN N   H    sing N N 90  
GLN N   H2   sing N N 91  
GLN CA  C    sing N N 92  
GLN CA  CB   sing N N 93  
GLN CA  HA   sing N N 94  
GLN C   O    doub N N 95  
GLN C   OXT  sing N N 96  
GLN CB  CG   sing N N 97  
GLN CB  HB2  sing N N 98  
GLN CB  HB3  sing N N 99  
GLN CG  CD   sing N N 100 
GLN CG  HG2  sing N N 101 
GLN CG  HG3  sing N N 102 
GLN CD  OE1  doub N N 103 
GLN CD  NE2  sing N N 104 
GLN NE2 HE21 sing N N 105 
GLN NE2 HE22 sing N N 106 
GLN OXT HXT  sing N N 107 
GLU N   CA   sing N N 108 
GLU N   H    sing N N 109 
GLU N   H2   sing N N 110 
GLU CA  C    sing N N 111 
GLU CA  CB   sing N N 112 
GLU CA  HA   sing N N 113 
GLU C   O    doub N N 114 
GLU C   OXT  sing N N 115 
GLU CB  CG   sing N N 116 
GLU CB  HB2  sing N N 117 
GLU CB  HB3  sing N N 118 
GLU CG  CD   sing N N 119 
GLU CG  HG2  sing N N 120 
GLU CG  HG3  sing N N 121 
GLU CD  OE1  doub N N 122 
GLU CD  OE2  sing N N 123 
GLU OE2 HE2  sing N N 124 
GLU OXT HXT  sing N N 125 
GLY N   CA   sing N N 126 
GLY N   H    sing N N 127 
GLY N   H2   sing N N 128 
GLY CA  C    sing N N 129 
GLY CA  HA2  sing N N 130 
GLY CA  HA3  sing N N 131 
GLY C   O    doub N N 132 
GLY C   OXT  sing N N 133 
GLY OXT HXT  sing N N 134 
GOL C1  O1   sing N N 135 
GOL C1  C2   sing N N 136 
GOL C1  H11  sing N N 137 
GOL C1  H12  sing N N 138 
GOL O1  HO1  sing N N 139 
GOL C2  O2   sing N N 140 
GOL C2  C3   sing N N 141 
GOL C2  H2   sing N N 142 
GOL O2  HO2  sing N N 143 
GOL C3  O3   sing N N 144 
GOL C3  H31  sing N N 145 
GOL C3  H32  sing N N 146 
GOL O3  HO3  sing N N 147 
HIS N   CA   sing N N 148 
HIS N   H    sing N N 149 
HIS N   H2   sing N N 150 
HIS CA  C    sing N N 151 
HIS CA  CB   sing N N 152 
HIS CA  HA   sing N N 153 
HIS C   O    doub N N 154 
HIS C   OXT  sing N N 155 
HIS CB  CG   sing N N 156 
HIS CB  HB2  sing N N 157 
HIS CB  HB3  sing N N 158 
HIS CG  ND1  sing Y N 159 
HIS CG  CD2  doub Y N 160 
HIS ND1 CE1  doub Y N 161 
HIS ND1 HD1  sing N N 162 
HIS CD2 NE2  sing Y N 163 
HIS CD2 HD2  sing N N 164 
HIS CE1 NE2  sing Y N 165 
HIS CE1 HE1  sing N N 166 
HIS NE2 HE2  sing N N 167 
HIS OXT HXT  sing N N 168 
HOH O   H1   sing N N 169 
HOH O   H2   sing N N 170 
ILE N   CA   sing N N 171 
ILE N   H    sing N N 172 
ILE N   H2   sing N N 173 
ILE CA  C    sing N N 174 
ILE CA  CB   sing N N 175 
ILE CA  HA   sing N N 176 
ILE C   O    doub N N 177 
ILE C   OXT  sing N N 178 
ILE CB  CG1  sing N N 179 
ILE CB  CG2  sing N N 180 
ILE CB  HB   sing N N 181 
ILE CG1 CD1  sing N N 182 
ILE CG1 HG12 sing N N 183 
ILE CG1 HG13 sing N N 184 
ILE CG2 HG21 sing N N 185 
ILE CG2 HG22 sing N N 186 
ILE CG2 HG23 sing N N 187 
ILE CD1 HD11 sing N N 188 
ILE CD1 HD12 sing N N 189 
ILE CD1 HD13 sing N N 190 
ILE OXT HXT  sing N N 191 
LEU N   CA   sing N N 192 
LEU N   H    sing N N 193 
LEU N   H2   sing N N 194 
LEU CA  C    sing N N 195 
LEU CA  CB   sing N N 196 
LEU CA  HA   sing N N 197 
LEU C   O    doub N N 198 
LEU C   OXT  sing N N 199 
LEU CB  CG   sing N N 200 
LEU CB  HB2  sing N N 201 
LEU CB  HB3  sing N N 202 
LEU CG  CD1  sing N N 203 
LEU CG  CD2  sing N N 204 
LEU CG  HG   sing N N 205 
LEU CD1 HD11 sing N N 206 
LEU CD1 HD12 sing N N 207 
LEU CD1 HD13 sing N N 208 
LEU CD2 HD21 sing N N 209 
LEU CD2 HD22 sing N N 210 
LEU CD2 HD23 sing N N 211 
LEU OXT HXT  sing N N 212 
LYS N   CA   sing N N 213 
LYS N   H    sing N N 214 
LYS N   H2   sing N N 215 
LYS CA  C    sing N N 216 
LYS CA  CB   sing N N 217 
LYS CA  HA   sing N N 218 
LYS C   O    doub N N 219 
LYS C   OXT  sing N N 220 
LYS CB  CG   sing N N 221 
LYS CB  HB2  sing N N 222 
LYS CB  HB3  sing N N 223 
LYS CG  CD   sing N N 224 
LYS CG  HG2  sing N N 225 
LYS CG  HG3  sing N N 226 
LYS CD  CE   sing N N 227 
LYS CD  HD2  sing N N 228 
LYS CD  HD3  sing N N 229 
LYS CE  NZ   sing N N 230 
LYS CE  HE2  sing N N 231 
LYS CE  HE3  sing N N 232 
LYS NZ  HZ1  sing N N 233 
LYS NZ  HZ2  sing N N 234 
LYS NZ  HZ3  sing N N 235 
LYS OXT HXT  sing N N 236 
MET N   CA   sing N N 237 
MET N   H    sing N N 238 
MET N   H2   sing N N 239 
MET CA  C    sing N N 240 
MET CA  CB   sing N N 241 
MET CA  HA   sing N N 242 
MET C   O    doub N N 243 
MET C   OXT  sing N N 244 
MET CB  CG   sing N N 245 
MET CB  HB2  sing N N 246 
MET CB  HB3  sing N N 247 
MET CG  SD   sing N N 248 
MET CG  HG2  sing N N 249 
MET CG  HG3  sing N N 250 
MET SD  CE   sing N N 251 
MET CE  HE1  sing N N 252 
MET CE  HE2  sing N N 253 
MET CE  HE3  sing N N 254 
MET OXT HXT  sing N N 255 
MSE N   CA   sing N N 256 
MSE N   H    sing N N 257 
MSE N   H2   sing N N 258 
MSE CA  C    sing N N 259 
MSE CA  CB   sing N N 260 
MSE CA  HA   sing N N 261 
MSE C   O    doub N N 262 
MSE C   OXT  sing N N 263 
MSE OXT HXT  sing N N 264 
MSE CB  CG   sing N N 265 
MSE CB  HB2  sing N N 266 
MSE CB  HB3  sing N N 267 
MSE CG  SE   sing N N 268 
MSE CG  HG2  sing N N 269 
MSE CG  HG3  sing N N 270 
MSE SE  CE   sing N N 271 
MSE CE  HE1  sing N N 272 
MSE CE  HE2  sing N N 273 
MSE CE  HE3  sing N N 274 
PHE N   CA   sing N N 275 
PHE N   H    sing N N 276 
PHE N   H2   sing N N 277 
PHE CA  C    sing N N 278 
PHE CA  CB   sing N N 279 
PHE CA  HA   sing N N 280 
PHE C   O    doub N N 281 
PHE C   OXT  sing N N 282 
PHE CB  CG   sing N N 283 
PHE CB  HB2  sing N N 284 
PHE CB  HB3  sing N N 285 
PHE CG  CD1  doub Y N 286 
PHE CG  CD2  sing Y N 287 
PHE CD1 CE1  sing Y N 288 
PHE CD1 HD1  sing N N 289 
PHE CD2 CE2  doub Y N 290 
PHE CD2 HD2  sing N N 291 
PHE CE1 CZ   doub Y N 292 
PHE CE1 HE1  sing N N 293 
PHE CE2 CZ   sing Y N 294 
PHE CE2 HE2  sing N N 295 
PHE CZ  HZ   sing N N 296 
PHE OXT HXT  sing N N 297 
SER N   CA   sing N N 298 
SER N   H    sing N N 299 
SER N   H2   sing N N 300 
SER CA  C    sing N N 301 
SER CA  CB   sing N N 302 
SER CA  HA   sing N N 303 
SER C   O    doub N N 304 
SER C   OXT  sing N N 305 
SER CB  OG   sing N N 306 
SER CB  HB2  sing N N 307 
SER CB  HB3  sing N N 308 
SER OG  HG   sing N N 309 
SER OXT HXT  sing N N 310 
THR N   CA   sing N N 311 
THR N   H    sing N N 312 
THR N   H2   sing N N 313 
THR CA  C    sing N N 314 
THR CA  CB   sing N N 315 
THR CA  HA   sing N N 316 
THR C   O    doub N N 317 
THR C   OXT  sing N N 318 
THR CB  OG1  sing N N 319 
THR CB  CG2  sing N N 320 
THR CB  HB   sing N N 321 
THR OG1 HG1  sing N N 322 
THR CG2 HG21 sing N N 323 
THR CG2 HG22 sing N N 324 
THR CG2 HG23 sing N N 325 
THR OXT HXT  sing N N 326 
TRP N   CA   sing N N 327 
TRP N   H    sing N N 328 
TRP N   H2   sing N N 329 
TRP CA  C    sing N N 330 
TRP CA  CB   sing N N 331 
TRP CA  HA   sing N N 332 
TRP C   O    doub N N 333 
TRP C   OXT  sing N N 334 
TRP CB  CG   sing N N 335 
TRP CB  HB2  sing N N 336 
TRP CB  HB3  sing N N 337 
TRP CG  CD1  doub Y N 338 
TRP CG  CD2  sing Y N 339 
TRP CD1 NE1  sing Y N 340 
TRP CD1 HD1  sing N N 341 
TRP CD2 CE2  doub Y N 342 
TRP CD2 CE3  sing Y N 343 
TRP NE1 CE2  sing Y N 344 
TRP NE1 HE1  sing N N 345 
TRP CE2 CZ2  sing Y N 346 
TRP CE3 CZ3  doub Y N 347 
TRP CE3 HE3  sing N N 348 
TRP CZ2 CH2  doub Y N 349 
TRP CZ2 HZ2  sing N N 350 
TRP CZ3 CH2  sing Y N 351 
TRP CZ3 HZ3  sing N N 352 
TRP CH2 HH2  sing N N 353 
TRP OXT HXT  sing N N 354 
TYR N   CA   sing N N 355 
TYR N   H    sing N N 356 
TYR N   H2   sing N N 357 
TYR CA  C    sing N N 358 
TYR CA  CB   sing N N 359 
TYR CA  HA   sing N N 360 
TYR C   O    doub N N 361 
TYR C   OXT  sing N N 362 
TYR CB  CG   sing N N 363 
TYR CB  HB2  sing N N 364 
TYR CB  HB3  sing N N 365 
TYR CG  CD1  doub Y N 366 
TYR CG  CD2  sing Y N 367 
TYR CD1 CE1  sing Y N 368 
TYR CD1 HD1  sing N N 369 
TYR CD2 CE2  doub Y N 370 
TYR CD2 HD2  sing N N 371 
TYR CE1 CZ   doub Y N 372 
TYR CE1 HE1  sing N N 373 
TYR CE2 CZ   sing Y N 374 
TYR CE2 HE2  sing N N 375 
TYR CZ  OH   sing N N 376 
TYR OH  HH   sing N N 377 
TYR OXT HXT  sing N N 378 
VAL N   CA   sing N N 379 
VAL N   H    sing N N 380 
VAL N   H2   sing N N 381 
VAL CA  C    sing N N 382 
VAL CA  CB   sing N N 383 
VAL CA  HA   sing N N 384 
VAL C   O    doub N N 385 
VAL C   OXT  sing N N 386 
VAL CB  CG1  sing N N 387 
VAL CB  CG2  sing N N 388 
VAL CB  HB   sing N N 389 
VAL CG1 HG11 sing N N 390 
VAL CG1 HG12 sing N N 391 
VAL CG1 HG13 sing N N 392 
VAL CG2 HG21 sing N N 393 
VAL CG2 HG22 sing N N 394 
VAL CG2 HG23 sing N N 395 
VAL OXT HXT  sing N N 396 
# 
_atom_sites.entry_id                    2FB0 
_atom_sites.fract_transf_matrix[1][1]   -0.00779879 
_atom_sites.fract_transf_matrix[1][2]   0.00250459 
_atom_sites.fract_transf_matrix[1][3]   -0.00207158 
_atom_sites.fract_transf_matrix[2][1]   0.00324178 
_atom_sites.fract_transf_matrix[2][2]   0.00638326 
_atom_sites.fract_transf_matrix[2][3]   -0.00448670 
_atom_sites.fract_transf_matrix[3][1]   0.00023506 
_atom_sites.fract_transf_matrix[3][2]   -0.00493626 
_atom_sites.fract_transf_matrix[3][3]   -0.00685301 
_atom_sites.fract_transf_vector[1]      0.716492 
_atom_sites.fract_transf_vector[2]      0.455993 
_atom_sites.fract_transf_vector[3]      -0.013370 
# 
loop_
_atom_type.symbol 
C  
N  
O  
S  
SE 
# 
loop_
_atom_site.group_PDB 
_atom_site.id 
_atom_site.type_symbol 
_atom_site.label_atom_id 
_atom_site.label_alt_id 
_atom_site.label_comp_id 
_atom_site.label_asym_id 
_atom_site.label_entity_id 
_atom_site.label_seq_id 
_atom_site.pdbx_PDB_ins_code 
_atom_site.Cartn_x 
_atom_site.Cartn_y 
_atom_site.Cartn_z 
_atom_site.occupancy 
_atom_site.B_iso_or_equiv 
_atom_site.pdbx_formal_charge 
_atom_site.auth_seq_id 
_atom_site.auth_comp_id 
_atom_site.auth_asym_id 
_atom_site.auth_atom_id 
_atom_site.pdbx_PDB_model_num 
ATOM   1   N  N   . ALA A 1 1  ? 9.432   -14.357 -11.978 1.00 49.74 ? -2  ALA A N   1 
ATOM   2   C  CA  . ALA A 1 1  ? 9.633   -13.704 -13.313 1.00 49.71 ? -2  ALA A CA  1 
ATOM   3   C  C   . ALA A 1 1  ? 9.190   -14.622 -14.470 1.00 49.27 ? -2  ALA A C   1 
ATOM   4   O  O   . ALA A 1 1  ? 9.454   -15.834 -14.436 1.00 49.99 ? -2  ALA A O   1 
ATOM   5   C  CB  . ALA A 1 1  ? 11.092  -13.281 -13.481 1.00 50.13 ? -2  ALA A CB  1 
ATOM   6   N  N   . ASN A 1 2  ? 8.478   -14.086 -15.469 1.00 47.86 ? -1  ASN A N   1 
ATOM   7   C  CA  . ASN A 1 2  ? 7.904   -12.731 -15.461 1.00 46.05 ? -1  ASN A CA  1 
ATOM   8   C  C   . ASN A 1 2  ? 6.545   -12.725 -14.753 1.00 43.49 ? -1  ASN A C   1 
ATOM   9   O  O   . ASN A 1 2  ? 5.544   -12.245 -15.287 1.00 43.37 ? -1  ASN A O   1 
ATOM   10  C  CB  . ASN A 1 2  ? 7.732   -12.228 -16.898 1.00 46.87 ? -1  ASN A CB  1 
ATOM   11  C  CG  . ASN A 1 2  ? 8.867   -11.322 -17.342 1.00 49.82 ? -1  ASN A CG  1 
ATOM   12  O  OD1 . ASN A 1 2  ? 10.007  -11.767 -17.522 1.00 51.90 ? -1  ASN A OD1 1 
ATOM   13  N  ND2 . ASN A 1 2  ? 8.555   -10.035 -17.526 1.00 52.12 ? -1  ASN A ND2 1 
ATOM   14  N  N   . SER A 1 3  ? 6.525   -13.275 -13.550 1.00 40.27 ? 0   SER A N   1 
ATOM   15  C  CA  . SER A 1 3  ? 5.292   -13.532 -12.830 1.00 37.31 ? 0   SER A CA  1 
ATOM   16  C  C   . SER A 1 3  ? 4.722   -12.267 -12.196 1.00 34.13 ? 0   SER A C   1 
ATOM   17  O  O   . SER A 1 3  ? 5.466   -11.356 -11.853 1.00 32.80 ? 0   SER A O   1 
ATOM   18  C  CB  . SER A 1 3  ? 5.556   -14.588 -11.761 1.00 37.86 ? 0   SER A CB  1 
ATOM   19  O  OG  . SER A 1 3  ? 4.350   -15.242 -11.406 1.00 41.13 ? 0   SER A OG  1 
HETATM 20  N  N   . MSE A 1 4  ? 3.396   -12.208 -12.060 1.00 31.26 ? 1   MSE A N   1 
HETATM 21  C  CA  . MSE A 1 4  ? 2.763   -11.128 -11.306 1.00 28.49 ? 1   MSE A CA  1 
HETATM 22  C  C   . MSE A 1 4  ? 3.171   -11.224 -9.831  1.00 26.58 ? 1   MSE A C   1 
HETATM 23  O  O   . MSE A 1 4  ? 3.559   -12.290 -9.347  1.00 25.77 ? 1   MSE A O   1 
HETATM 24  C  CB  . MSE A 1 4  ? 1.239   -11.157 -11.431 1.00 28.15 ? 1   MSE A CB  1 
HETATM 25  C  CG  . MSE A 1 4  ? 0.704   -10.605 -12.760 1.00 27.86 ? 1   MSE A CG  1 
HETATM 26  SE SE  . MSE A 1 4  ? -1.209  -10.714 -12.740 0.80 30.37 ? 1   MSE A SE  1 
HETATM 27  C  CE  . MSE A 1 4  ? -1.381  -12.616 -12.840 1.00 26.97 ? 1   MSE A CE  1 
ATOM   28  N  N   A ILE A 1 5  ? 3.103   -10.096 -9.135  0.50 25.49 ? 2   ILE A N   1 
ATOM   29  N  N   B ILE A 1 5  ? 3.072   -10.094 -9.139  0.50 25.56 ? 2   ILE A N   1 
ATOM   30  C  CA  A ILE A 1 5  ? 3.486   -10.040 -7.729  0.50 24.33 ? 2   ILE A CA  1 
ATOM   31  C  CA  B ILE A 1 5  ? 3.481   -9.978  -7.744  0.50 24.54 ? 2   ILE A CA  1 
ATOM   32  C  C   A ILE A 1 5  ? 2.308   -9.536  -6.911  0.50 23.66 ? 2   ILE A C   1 
ATOM   33  C  C   B ILE A 1 5  ? 2.276   -9.539  -6.925  0.50 23.76 ? 2   ILE A C   1 
ATOM   34  O  O   A ILE A 1 5  ? 1.700   -8.515  -7.244  0.50 23.50 ? 2   ILE A O   1 
ATOM   35  O  O   B ILE A 1 5  ? 1.613   -8.560  -7.272  0.50 23.61 ? 2   ILE A O   1 
ATOM   36  C  CB  A ILE A 1 5  ? 4.715   -9.119  -7.508  0.50 24.48 ? 2   ILE A CB  1 
ATOM   37  C  CB  B ILE A 1 5  ? 4.610   -8.909  -7.587  0.50 24.65 ? 2   ILE A CB  1 
ATOM   38  C  CG1 A ILE A 1 5  ? 5.966   -9.734  -8.144  0.50 24.50 ? 2   ILE A CG1 1 
ATOM   39  C  CG1 B ILE A 1 5  ? 5.816   -9.224  -8.493  0.50 25.03 ? 2   ILE A CG1 1 
ATOM   40  C  CG2 A ILE A 1 5  ? 4.949   -8.849  -6.012  0.50 24.20 ? 2   ILE A CG2 1 
ATOM   41  C  CG2 B ILE A 1 5  ? 5.021   -8.728  -6.113  0.50 24.50 ? 2   ILE A CG2 1 
ATOM   42  C  CD1 A ILE A 1 5  ? 7.145   -8.780  -8.222  0.50 24.07 ? 2   ILE A CD1 1 
ATOM   43  C  CD1 B ILE A 1 5  ? 6.549   -10.523 -8.176  0.50 24.99 ? 2   ILE A CD1 1 
ATOM   44  N  N   . ARG A 1 6  ? 1.994   -10.267 -5.851  1.00 22.66 ? 3   ARG A N   1 
ATOM   45  C  CA  . ARG A 1 6  ? 0.975   -9.857  -4.895  1.00 22.31 ? 3   ARG A CA  1 
ATOM   46  C  C   . ARG A 1 6  ? 1.661   -9.313  -3.637  1.00 22.18 ? 3   ARG A C   1 
ATOM   47  O  O   . ARG A 1 6  ? 2.516   -9.984  -3.053  1.00 22.18 ? 3   ARG A O   1 
ATOM   48  C  CB  . ARG A 1 6  ? 0.055   -11.040 -4.545  1.00 21.72 ? 3   ARG A CB  1 
ATOM   49  C  CG  . ARG A 1 6  ? -0.872  -10.825 -3.323  1.00 20.96 ? 3   ARG A CG  1 
ATOM   50  C  CD  . ARG A 1 6  ? -1.866  -9.651  -3.490  1.00 20.16 ? 3   ARG A CD  1 
ATOM   51  N  NE  . ARG A 1 6  ? -2.502  -9.643  -4.812  1.00 20.76 ? 3   ARG A NE  1 
ATOM   52  C  CZ  . ARG A 1 6  ? -3.507  -10.449 -5.161  1.00 22.22 ? 3   ARG A CZ  1 
ATOM   53  N  NH1 . ARG A 1 6  ? -4.020  -11.307 -4.275  1.00 20.03 ? 3   ARG A NH1 1 
ATOM   54  N  NH2 . ARG A 1 6  ? -4.026  -10.377 -6.392  1.00 21.58 ? 3   ARG A NH2 1 
ATOM   55  N  N   . LEU A 1 7  ? 1.285   -8.102  -3.228  1.00 22.05 ? 4   LEU A N   1 
ATOM   56  C  CA  . LEU A 1 7  ? 1.706   -7.571  -1.923  1.00 22.02 ? 4   LEU A CA  1 
ATOM   57  C  C   . LEU A 1 7  ? 0.528   -7.490  -0.974  1.00 21.65 ? 4   LEU A C   1 
ATOM   58  O  O   . LEU A 1 7  ? -0.564  -7.073  -1.367  1.00 21.62 ? 4   LEU A O   1 
ATOM   59  C  CB  . LEU A 1 7  ? 2.360   -6.184  -2.044  1.00 22.00 ? 4   LEU A CB  1 
ATOM   60  C  CG  . LEU A 1 7  ? 3.536   -5.968  -3.011  1.00 22.77 ? 4   LEU A CG  1 
ATOM   61  C  CD1 . LEU A 1 7  ? 4.094   -4.564  -2.840  1.00 23.43 ? 4   LEU A CD1 1 
ATOM   62  C  CD2 . LEU A 1 7  ? 4.630   -6.973  -2.754  1.00 23.31 ? 4   LEU A CD2 1 
ATOM   63  N  N   . ASN A 1 8  ? 0.759   -7.925  0.261   1.00 20.77 ? 5   ASN A N   1 
ATOM   64  C  CA  . ASN A 1 8  ? -0.125  -7.673  1.383   1.00 21.00 ? 5   ASN A CA  1 
ATOM   65  C  C   . ASN A 1 8  ? 0.650   -6.826  2.395   1.00 21.27 ? 5   ASN A C   1 
ATOM   66  O  O   . ASN A 1 8  ? 1.621   -7.298  2.994   1.00 20.33 ? 5   ASN A O   1 
ATOM   67  C  CB  . ASN A 1 8  ? -0.563  -8.977  2.057   1.00 20.17 ? 5   ASN A CB  1 
ATOM   68  C  CG  . ASN A 1 8  ? -1.455  -9.869  1.163   1.00 21.25 ? 5   ASN A CG  1 
ATOM   69  O  OD1 . ASN A 1 8  ? -1.959  -9.448  0.103   1.00 22.68 ? 5   ASN A OD1 1 
ATOM   70  N  ND2 . ASN A 1 8  ? -1.642  -11.104 1.593   1.00 16.58 ? 5   ASN A ND2 1 
ATOM   71  N  N   . VAL A 1 9  ? 0.218   -5.584  2.583   1.00 21.70 ? 6   VAL A N   1 
ATOM   72  C  CA  . VAL A 1 9  ? 0.930   -4.647  3.450   1.00 22.13 ? 6   VAL A CA  1 
ATOM   73  C  C   . VAL A 1 9  ? 0.032   -4.337  4.636   1.00 22.16 ? 6   VAL A C   1 
ATOM   74  O  O   . VAL A 1 9  ? -0.995  -3.677  4.489   1.00 21.90 ? 6   VAL A O   1 
ATOM   75  C  CB  . VAL A 1 9  ? 1.325   -3.360  2.693   1.00 22.72 ? 6   VAL A CB  1 
ATOM   76  C  CG1 . VAL A 1 9  ? 2.107   -2.406  3.615   1.00 22.11 ? 6   VAL A CG1 1 
ATOM   77  C  CG2 . VAL A 1 9  ? 2.174   -3.694  1.441   1.00 21.25 ? 6   VAL A CG2 1 
ATOM   78  N  N   . PHE A 1 10 ? 0.399   -4.871  5.795   1.00 22.02 ? 7   PHE A N   1 
ATOM   79  C  CA  . PHE A 1 10 ? -0.403  -4.728  7.007   1.00 23.44 ? 7   PHE A CA  1 
ATOM   80  C  C   . PHE A 1 10 ? 0.056   -3.503  7.766   1.00 23.70 ? 7   PHE A C   1 
ATOM   81  O  O   . PHE A 1 10 ? 1.252   -3.254  7.880   1.00 24.13 ? 7   PHE A O   1 
ATOM   82  C  CB  . PHE A 1 10 ? -0.309  -5.988  7.864   1.00 23.34 ? 7   PHE A CB  1 
ATOM   83  C  CG  . PHE A 1 10 ? -0.735  -7.233  7.128   1.00 24.32 ? 7   PHE A CG  1 
ATOM   84  C  CD1 . PHE A 1 10 ? -2.079  -7.574  7.039   1.00 24.44 ? 7   PHE A CD1 1 
ATOM   85  C  CD2 . PHE A 1 10 ? 0.207   -8.039  6.500   1.00 25.29 ? 7   PHE A CD2 1 
ATOM   86  C  CE1 . PHE A 1 10 ? -2.480  -8.709  6.342   1.00 26.14 ? 7   PHE A CE1 1 
ATOM   87  C  CE2 . PHE A 1 10 ? -0.184  -9.189  5.795   1.00 26.41 ? 7   PHE A CE2 1 
ATOM   88  C  CZ  . PHE A 1 10 ? -1.540  -9.518  5.718   1.00 24.68 ? 7   PHE A CZ  1 
ATOM   89  N  N   . VAL A 1 11 ? -0.910  -2.723  8.238   1.00 24.24 ? 8   VAL A N   1 
ATOM   90  C  CA  . VAL A 1 11 ? -0.642  -1.460  8.920   1.00 24.36 ? 8   VAL A CA  1 
ATOM   91  C  C   . VAL A 1 11 ? -1.335  -1.468  10.281  1.00 25.23 ? 8   VAL A C   1 
ATOM   92  O  O   . VAL A 1 11 ? -2.547  -1.739  10.378  1.00 24.77 ? 8   VAL A O   1 
ATOM   93  C  CB  . VAL A 1 11 ? -1.112  -0.230  8.097   1.00 24.15 ? 8   VAL A CB  1 
ATOM   94  C  CG1 . VAL A 1 11 ? -0.716  1.086   8.793   1.00 23.39 ? 8   VAL A CG1 1 
ATOM   95  C  CG2 . VAL A 1 11 ? -0.549  -0.252  6.662   1.00 22.29 ? 8   VAL A CG2 1 
ATOM   96  N  N   A ARG A 1 12 ? -0.555  -1.191  11.326  0.38 25.12 ? 9   ARG A N   1 
ATOM   97  N  N   C ARG A 1 12 ? -0.560  -1.202  11.332  0.62 25.33 ? 9   ARG A N   1 
ATOM   98  C  CA  A ARG A 1 12 ? -1.072  -1.027  12.683  0.38 25.58 ? 9   ARG A CA  1 
ATOM   99  C  CA  C ARG A 1 12 ? -1.107  -1.038  12.677  0.62 26.08 ? 9   ARG A CA  1 
ATOM   100 C  C   A ARG A 1 12 ? -1.035  0.463   13.036  0.38 25.76 ? 9   ARG A C   1 
ATOM   101 C  C   C ARG A 1 12 ? -1.045  0.453   13.024  0.62 26.08 ? 9   ARG A C   1 
ATOM   102 O  O   A ARG A 1 12 ? 0.017   1.100   12.940  0.38 25.65 ? 9   ARG A O   1 
ATOM   103 O  O   C ARG A 1 12 ? 0.011   1.080   12.906  0.62 25.85 ? 9   ARG A O   1 
ATOM   104 C  CB  A ARG A 1 12 ? -0.241  -1.851  13.678  0.38 25.56 ? 9   ARG A CB  1 
ATOM   105 C  CB  C ARG A 1 12 ? -0.328  -1.892  13.694  0.62 26.59 ? 9   ARG A CB  1 
ATOM   106 C  CG  A ARG A 1 12 ? -0.741  -1.785  15.122  0.38 26.21 ? 9   ARG A CG  1 
ATOM   107 C  CG  C ARG A 1 12 ? -1.058  -2.137  15.030  0.62 29.65 ? 9   ARG A CG  1 
ATOM   108 C  CD  A ARG A 1 12 ? -0.049  -2.798  16.036  0.38 26.13 ? 9   ARG A CD  1 
ATOM   109 C  CD  C ARG A 1 12 ? -0.878  -0.975  16.006  0.62 34.26 ? 9   ARG A CD  1 
ATOM   110 N  NE  A ARG A 1 12 ? -0.255  -4.181  15.600  0.38 27.97 ? 9   ARG A NE  1 
ATOM   111 N  NE  C ARG A 1 12 ? -1.880  -0.967  17.076  0.62 37.74 ? 9   ARG A NE  1 
ATOM   112 C  CZ  A ARG A 1 12 ? -1.352  -4.903  15.834  0.38 27.94 ? 9   ARG A CZ  1 
ATOM   113 C  CZ  C ARG A 1 12 ? -2.027  0.007   17.975  0.62 38.37 ? 9   ARG A CZ  1 
ATOM   114 N  NH1 A ARG A 1 12 ? -1.422  -6.147  15.388  0.38 27.91 ? 9   ARG A NH1 1 
ATOM   115 N  NH1 C ARG A 1 12 ? -1.230  1.075   17.960  0.62 39.07 ? 9   ARG A NH1 1 
ATOM   116 N  NH2 A ARG A 1 12 ? -2.376  -4.391  16.502  0.38 27.75 ? 9   ARG A NH2 1 
ATOM   117 N  NH2 C ARG A 1 12 ? -2.983  -0.090  18.892  0.62 38.94 ? 9   ARG A NH2 1 
ATOM   118 N  N   . VAL A 1 13 ? -2.180  1.010   13.435  1.00 25.97 ? 10  VAL A N   1 
ATOM   119 C  CA  . VAL A 1 13 ? -2.312  2.446   13.685  1.00 26.39 ? 10  VAL A CA  1 
ATOM   120 C  C   . VAL A 1 13 ? -3.228  2.716   14.891  1.00 27.48 ? 10  VAL A C   1 
ATOM   121 O  O   . VAL A 1 13 ? -4.250  2.032   15.067  1.00 27.13 ? 10  VAL A O   1 
ATOM   122 C  CB  . VAL A 1 13 ? -2.842  3.188   12.412  1.00 26.53 ? 10  VAL A CB  1 
ATOM   123 C  CG1 . VAL A 1 13 ? -4.271  2.719   12.021  1.00 26.33 ? 10  VAL A CG1 1 
ATOM   124 C  CG2 . VAL A 1 13 ? -2.770  4.703   12.579  1.00 25.06 ? 10  VAL A CG2 1 
ATOM   125 N  N   . ASN A 1 14 ? -2.860  3.703   15.716  1.00 27.71 ? 11  ASN A N   1 
ATOM   126 C  CA  . ASN A 1 14 ? -3.680  4.106   16.866  1.00 28.17 ? 11  ASN A CA  1 
ATOM   127 C  C   . ASN A 1 14 ? -4.888  4.925   16.446  1.00 28.71 ? 11  ASN A C   1 
ATOM   128 O  O   . ASN A 1 14 ? -4.994  5.322   15.287  1.00 28.37 ? 11  ASN A O   1 
ATOM   129 C  CB  . ASN A 1 14 ? -2.835  4.839   17.940  1.00 28.31 ? 11  ASN A CB  1 
ATOM   130 C  CG  . ASN A 1 14 ? -2.355  6.223   17.492  1.00 28.20 ? 11  ASN A CG  1 
ATOM   131 O  OD1 . ASN A 1 14 ? -2.990  6.904   16.683  1.00 28.65 ? 11  ASN A OD1 1 
ATOM   132 N  ND2 . ASN A 1 14 ? -1.225  6.647   18.042  1.00 30.19 ? 11  ASN A ND2 1 
ATOM   133 N  N   . GLU A 1 15 ? -5.799  5.180   17.390  1.00 29.77 ? 12  GLU A N   1 
ATOM   134 C  CA  . GLU A 1 15 ? -7.056  5.864   17.082  1.00 30.79 ? 12  GLU A CA  1 
ATOM   135 C  C   . GLU A 1 15 ? -6.876  7.315   16.667  1.00 30.39 ? 12  GLU A C   1 
ATOM   136 O  O   . GLU A 1 15 ? -7.627  7.827   15.826  1.00 30.55 ? 12  GLU A O   1 
ATOM   137 C  CB  . GLU A 1 15 ? -8.040  5.771   18.259  1.00 31.79 ? 12  GLU A CB  1 
ATOM   138 C  CG  . GLU A 1 15 ? -9.462  6.233   17.897  1.00 36.07 ? 12  GLU A CG  1 
ATOM   139 C  CD  . GLU A 1 15 ? -10.126 5.357   16.816  1.00 41.14 ? 12  GLU A CD  1 
ATOM   140 O  OE1 . GLU A 1 15 ? -10.015 4.109   16.898  1.00 43.02 ? 12  GLU A OE1 1 
ATOM   141 O  OE2 . GLU A 1 15 ? -10.760 5.924   15.890  1.00 43.36 ? 12  GLU A OE2 1 
ATOM   142 N  N   . THR A 1 16 ? -5.882  7.987   17.249  1.00 30.08 ? 13  THR A N   1 
ATOM   143 C  CA  . THR A 1 16 ? -5.602  9.374   16.866  1.00 29.08 ? 13  THR A CA  1 
ATOM   144 C  C   . THR A 1 16 ? -5.221  9.464   15.385  1.00 28.07 ? 13  THR A C   1 
ATOM   145 O  O   . THR A 1 16 ? -5.650  10.385  14.686  1.00 27.83 ? 13  THR A O   1 
ATOM   146 C  CB  . THR A 1 16 ? -4.463  9.981   17.721  1.00 29.35 ? 13  THR A CB  1 
ATOM   147 O  OG1 . THR A 1 16 ? -4.786  9.837   19.109  1.00 31.28 ? 13  THR A OG1 1 
ATOM   148 C  CG2 . THR A 1 16 ? -4.256  11.474  17.386  1.00 29.05 ? 13  THR A CG2 1 
ATOM   149 N  N   . ASN A 1 17 ? -4.429  8.495   14.922  1.00 27.09 ? 14  ASN A N   1 
ATOM   150 C  CA  . ASN A 1 17 ? -3.817  8.538   13.587  1.00 26.71 ? 14  ASN A CA  1 
ATOM   151 C  C   . ASN A 1 17 ? -4.567  7.721   12.518  1.00 26.60 ? 14  ASN A C   1 
ATOM   152 O  O   . ASN A 1 17 ? -4.221  7.763   11.335  1.00 25.38 ? 14  ASN A O   1 
ATOM   153 C  CB  . ASN A 1 17 ? -2.369  8.034   13.671  1.00 26.14 ? 14  ASN A CB  1 
ATOM   154 C  CG  . ASN A 1 17 ? -1.465  8.952   14.502  1.00 26.54 ? 14  ASN A CG  1 
ATOM   155 O  OD1 . ASN A 1 17 ? -1.864  10.044  14.900  1.00 25.55 ? 14  ASN A OD1 1 
ATOM   156 N  ND2 . ASN A 1 17 ? -0.246  8.507   14.747  1.00 25.54 ? 14  ASN A ND2 1 
ATOM   157 N  N   . ARG A 1 18 ? -5.576  6.972   12.958  1.00 26.58 ? 15  ARG A N   1 
ATOM   158 C  CA  . ARG A 1 18 ? -6.231  5.958   12.122  1.00 26.68 ? 15  ARG A CA  1 
ATOM   159 C  C   . ARG A 1 18 ? -6.738  6.512   10.792  1.00 26.95 ? 15  ARG A C   1 
ATOM   160 O  O   . ARG A 1 18 ? -6.341  6.033   9.725   1.00 26.95 ? 15  ARG A O   1 
ATOM   161 C  CB  . ARG A 1 18 ? -7.354  5.256   12.907  1.00 26.47 ? 15  ARG A CB  1 
ATOM   162 C  CG  . ARG A 1 18 ? -8.010  4.082   12.151  1.00 26.54 ? 15  ARG A CG  1 
ATOM   163 C  CD  . ARG A 1 18 ? -9.248  3.561   12.873  1.00 26.95 ? 15  ARG A CD  1 
ATOM   164 N  NE  . ARG A 1 18 ? -9.805  2.412   12.161  1.00 25.90 ? 15  ARG A NE  1 
ATOM   165 C  CZ  . ARG A 1 18 ? -10.653 2.501   11.140  1.00 26.88 ? 15  ARG A CZ  1 
ATOM   166 N  NH1 . ARG A 1 18 ? -11.079 3.690   10.722  1.00 26.07 ? 15  ARG A NH1 1 
ATOM   167 N  NH2 . ARG A 1 18 ? -11.101 1.392   10.546  1.00 26.53 ? 15  ARG A NH2 1 
ATOM   168 N  N   . GLU A 1 19 ? -7.592  7.536   10.867  1.00 27.17 ? 16  GLU A N   1 
ATOM   169 C  CA  . GLU A 1 19 ? -8.215  8.149   9.704   1.00 27.64 ? 16  GLU A CA  1 
ATOM   170 C  C   . GLU A 1 19 ? -7.194  8.770   8.759   1.00 27.15 ? 16  GLU A C   1 
ATOM   171 O  O   . GLU A 1 19 ? -7.346  8.679   7.536   1.00 26.24 ? 16  GLU A O   1 
ATOM   172 C  CB  . GLU A 1 19 ? -9.226  9.216   10.151  1.00 28.53 ? 16  GLU A CB  1 
ATOM   173 C  CG  . GLU A 1 19 ? -10.089 9.812   9.022   1.00 33.16 ? 16  GLU A CG  1 
ATOM   174 C  CD  . GLU A 1 19 ? -9.502  11.077  8.378   1.00 39.54 ? 16  GLU A CD  1 
ATOM   175 O  OE1 . GLU A 1 19 ? -10.082 11.554  7.376   1.00 43.09 ? 16  GLU A OE1 1 
ATOM   176 O  OE2 . GLU A 1 19 ? -8.468  11.598  8.859   1.00 42.11 ? 16  GLU A OE2 1 
ATOM   177 N  N   . LYS A 1 20 ? -6.172  9.418   9.332   1.00 25.62 ? 17  LYS A N   1 
ATOM   178 C  CA  . LYS A 1 20 ? -5.145  10.086  8.539   1.00 25.02 ? 17  LYS A CA  1 
ATOM   179 C  C   . LYS A 1 20 ? -4.323  9.073   7.749   1.00 23.39 ? 17  LYS A C   1 
ATOM   180 O  O   . LYS A 1 20 ? -4.000  9.307   6.600   1.00 23.16 ? 17  LYS A O   1 
ATOM   181 C  CB  . LYS A 1 20 ? -4.212  10.940  9.438   1.00 24.89 ? 17  LYS A CB  1 
ATOM   182 C  CG  . LYS A 1 20 ? -4.877  12.180  10.056  1.00 25.55 ? 17  LYS A CG  1 
ATOM   183 C  CD  . LYS A 1 20 ? -4.012  12.756  11.187  1.00 26.08 ? 17  LYS A CD  1 
ATOM   184 C  CE  . LYS A 1 20 ? -4.802  13.754  12.058  1.00 27.92 ? 17  LYS A CE  1 
ATOM   185 N  NZ  . LYS A 1 20 ? -3.947  14.224  13.197  1.00 28.48 ? 17  LYS A NZ  1 
ATOM   186 N  N   . ALA A 1 21 ? -3.966  7.966   8.395   1.00 22.67 ? 18  ALA A N   1 
ATOM   187 C  CA  . ALA A 1 21 ? -3.209  6.899   7.747   1.00 22.63 ? 18  ALA A CA  1 
ATOM   188 C  C   . ALA A 1 21 ? -4.013  6.225   6.601   1.00 22.72 ? 18  ALA A C   1 
ATOM   189 O  O   . ALA A 1 21 ? -3.477  5.987   5.510   1.00 22.40 ? 18  ALA A O   1 
ATOM   190 C  CB  . ALA A 1 21 ? -2.738  5.878   8.789   1.00 21.75 ? 18  ALA A CB  1 
ATOM   191 N  N   . ILE A 1 22 ? -5.294  5.959   6.854   1.00 22.84 ? 19  ILE A N   1 
ATOM   192 C  CA  . ILE A 1 22 ? -6.195  5.401   5.833   1.00 23.62 ? 19  ILE A CA  1 
ATOM   193 C  C   . ILE A 1 22 ? -6.347  6.351   4.645   1.00 23.73 ? 19  ILE A C   1 
ATOM   194 O  O   . ILE A 1 22 ? -6.278  5.916   3.493   1.00 23.47 ? 19  ILE A O   1 
ATOM   195 C  CB  . ILE A 1 22 ? -7.589  4.989   6.434   1.00 23.50 ? 19  ILE A CB  1 
ATOM   196 C  CG1 . ILE A 1 22 ? -7.410  3.811   7.399   1.00 23.44 ? 19  ILE A CG1 1 
ATOM   197 C  CG2 . ILE A 1 22 ? -8.616  4.637   5.307   1.00 24.00 ? 19  ILE A CG2 1 
ATOM   198 C  CD1 . ILE A 1 22 ? -8.605  3.542   8.309   1.00 23.46 ? 19  ILE A CD1 1 
ATOM   199 N  N   A GLU A 1 23 ? -6.542  7.644   4.917   0.50 24.00 ? 20  GLU A N   1 
ATOM   200 N  N   B GLU A 1 23 ? -6.522  7.643   4.928   0.50 23.85 ? 20  GLU A N   1 
ATOM   201 C  CA  A GLU A 1 23 ? -6.660  8.627   3.840   0.50 24.19 ? 20  GLU A CA  1 
ATOM   202 C  CA  B GLU A 1 23 ? -6.666  8.641   3.871   0.50 23.89 ? 20  GLU A CA  1 
ATOM   203 C  C   A GLU A 1 23 ? -5.387  8.678   3.004   0.50 24.01 ? 20  GLU A C   1 
ATOM   204 C  C   B GLU A 1 23 ? -5.396  8.765   3.030   0.50 23.86 ? 20  GLU A C   1 
ATOM   205 O  O   A GLU A 1 23 ? -5.455  8.763   1.778   0.50 23.98 ? 20  GLU A O   1 
ATOM   206 O  O   B GLU A 1 23 ? -5.478  8.992   1.823   0.50 23.86 ? 20  GLU A O   1 
ATOM   207 C  CB  A GLU A 1 23 ? -7.036  10.024  4.376   0.50 24.76 ? 20  GLU A CB  1 
ATOM   208 C  CB  B GLU A 1 23 ? -7.091  10.010  4.433   0.50 24.28 ? 20  GLU A CB  1 
ATOM   209 C  CG  A GLU A 1 23 ? -6.696  11.210  3.446   0.50 26.27 ? 20  GLU A CG  1 
ATOM   210 C  CG  B GLU A 1 23 ? -8.530  10.069  4.983   0.50 24.96 ? 20  GLU A CG  1 
ATOM   211 C  CD  A GLU A 1 23 ? -7.524  11.292  2.151   0.50 29.27 ? 20  GLU A CD  1 
ATOM   212 C  CD  B GLU A 1 23 ? -9.620  9.796   3.934   0.50 25.55 ? 20  GLU A CD  1 
ATOM   213 O  OE1 A GLU A 1 23 ? -8.455  10.487  1.940   0.50 31.13 ? 20  GLU A OE1 1 
ATOM   214 O  OE1 B GLU A 1 23 ? -9.474  10.231  2.778   0.50 26.22 ? 20  GLU A OE1 1 
ATOM   215 O  OE2 A GLU A 1 23 ? -7.234  12.189  1.330   0.50 30.59 ? 20  GLU A OE2 1 
ATOM   216 O  OE2 B GLU A 1 23 ? -10.635 9.157   4.276   0.50 25.64 ? 20  GLU A OE2 1 
ATOM   217 N  N   . ALA A 1 24 ? -4.230  8.615   3.662   1.00 23.47 ? 21  ALA A N   1 
ATOM   218 C  CA  . ALA A 1 24 ? -2.949  8.623   2.936   1.00 23.57 ? 21  ALA A CA  1 
ATOM   219 C  C   . ALA A 1 24 ? -2.826  7.379   2.043   1.00 23.22 ? 21  ALA A C   1 
ATOM   220 O  O   . ALA A 1 24 ? -2.350  7.468   0.912   1.00 23.51 ? 21  ALA A O   1 
ATOM   221 C  CB  . ALA A 1 24 ? -1.759  8.719   3.900   1.00 22.85 ? 21  ALA A CB  1 
ATOM   222 N  N   . ALA A 1 25 ? -3.267  6.233   2.558   1.00 22.95 ? 22  ALA A N   1 
ATOM   223 C  CA  . ALA A 1 25 ? -3.299  4.989   1.780   1.00 22.84 ? 22  ALA A CA  1 
ATOM   224 C  C   . ALA A 1 25 ? -4.275  5.098   0.605   1.00 23.13 ? 22  ALA A C   1 
ATOM   225 O  O   . ALA A 1 25 ? -3.961  4.684   -0.504  1.00 23.47 ? 22  ALA A O   1 
ATOM   226 C  CB  . ALA A 1 25 ? -3.644  3.810   2.668   1.00 22.15 ? 22  ALA A CB  1 
ATOM   227 N  N   . LYS A 1 26 ? -5.442  5.682   0.854   1.00 23.88 ? 23  LYS A N   1 
ATOM   228 C  CA  . LYS A 1 26 ? -6.414  5.966   -0.200  1.00 24.35 ? 23  LYS A CA  1 
ATOM   229 C  C   . LYS A 1 26 ? -5.863  6.869   -1.296  1.00 24.87 ? 23  LYS A C   1 
ATOM   230 O  O   . LYS A 1 26 ? -6.109  6.624   -2.477  1.00 24.54 ? 23  LYS A O   1 
ATOM   231 C  CB  . LYS A 1 26 ? -7.692  6.551   0.388   1.00 24.75 ? 23  LYS A CB  1 
ATOM   232 C  CG  . LYS A 1 26 ? -8.582  5.507   1.053   1.00 25.55 ? 23  LYS A CG  1 
ATOM   233 C  CD  . LYS A 1 26 ? -9.675  6.156   1.897   1.00 27.86 ? 23  LYS A CD  1 
ATOM   234 C  CE  . LYS A 1 26 ? -10.688 6.906   1.054   1.00 29.03 ? 23  LYS A CE  1 
ATOM   235 N  NZ  . LYS A 1 26 ? -11.724 7.485   1.969   1.00 31.46 ? 23  LYS A NZ  1 
ATOM   236 N  N   A GLU A 1 27 ? -5.115  7.899   -0.901  0.50 25.05 ? 24  GLU A N   1 
ATOM   237 N  N   B GLU A 1 27 ? -5.132  7.921   -0.921  0.50 25.07 ? 24  GLU A N   1 
ATOM   238 C  CA  A GLU A 1 27 ? -4.466  8.793   -1.857  0.50 25.57 ? 24  GLU A CA  1 
ATOM   239 C  CA  B GLU A 1 27 ? -4.495  8.773   -1.931  0.50 25.62 ? 24  GLU A CA  1 
ATOM   240 C  C   A GLU A 1 27 ? -3.396  8.053   -2.659  0.50 25.06 ? 24  GLU A C   1 
ATOM   241 C  C   B GLU A 1 27 ? -3.390  8.037   -2.687  0.50 25.09 ? 24  GLU A C   1 
ATOM   242 O  O   A GLU A 1 27 ? -3.302  8.221   -3.872  0.50 25.33 ? 24  GLU A O   1 
ATOM   243 O  O   B GLU A 1 27 ? -3.256  8.197   -3.897  0.50 25.37 ? 24  GLU A O   1 
ATOM   244 C  CB  A GLU A 1 27 ? -3.885  10.023  -1.142  0.50 26.06 ? 24  GLU A CB  1 
ATOM   245 C  CB  B GLU A 1 27 ? -3.987  10.099  -1.341  0.50 26.13 ? 24  GLU A CB  1 
ATOM   246 C  CG  A GLU A 1 27 ? -4.900  10.690  -0.227  0.50 27.91 ? 24  GLU A CG  1 
ATOM   247 C  CG  B GLU A 1 27 ? -5.055  11.192  -1.265  0.50 28.23 ? 24  GLU A CG  1 
ATOM   248 C  CD  A GLU A 1 27 ? -4.448  12.035  0.299   0.50 31.26 ? 24  GLU A CD  1 
ATOM   249 C  CD  B GLU A 1 27 ? -5.430  11.764  -2.627  0.50 31.51 ? 24  GLU A CD  1 
ATOM   250 O  OE1 A GLU A 1 27 ? -3.595  12.070  1.208   0.50 32.76 ? 24  GLU A OE1 1 
ATOM   251 O  OE1 B GLU A 1 27 ? -6.218  11.125  -3.367  0.50 33.01 ? 24  GLU A OE1 1 
ATOM   252 O  OE2 A GLU A 1 27 ? -4.970  13.062  -0.180  0.50 32.76 ? 24  GLU A OE2 1 
ATOM   253 O  OE2 B GLU A 1 27 ? -4.941  12.868  -2.960  0.50 34.93 ? 24  GLU A OE2 1 
ATOM   254 N  N   . LEU A 1 28 ? -2.616  7.214   -1.980  1.00 24.76 ? 25  LEU A N   1 
ATOM   255 C  CA  . LEU A 1 28 ? -1.592  6.397   -2.624  1.00 24.47 ? 25  LEU A CA  1 
ATOM   256 C  C   . LEU A 1 28 ? -2.246  5.364   -3.580  1.00 23.99 ? 25  LEU A C   1 
ATOM   257 O  O   . LEU A 1 28 ? -1.706  5.056   -4.642  1.00 23.47 ? 25  LEU A O   1 
ATOM   258 C  CB  . LEU A 1 28 ? -0.700  5.697   -1.575  1.00 24.47 ? 25  LEU A CB  1 
ATOM   259 C  CG  . LEU A 1 28 ? 0.448   4.812   -2.092  1.00 24.21 ? 25  LEU A CG  1 
ATOM   260 C  CD1 . LEU A 1 28 ? 1.380   5.571   -3.060  1.00 24.76 ? 25  LEU A CD1 1 
ATOM   261 C  CD2 . LEU A 1 28 ? 1.244   4.183   -0.942  1.00 24.12 ? 25  LEU A CD2 1 
ATOM   262 N  N   . THR A 1 29 ? -3.411  4.858   -3.190  1.00 24.07 ? 26  THR A N   1 
ATOM   263 C  CA  . THR A 1 29 ? -4.188  3.928   -4.024  1.00 24.14 ? 26  THR A CA  1 
ATOM   264 C  C   . THR A 1 29 ? -4.570  4.588   -5.366  1.00 24.12 ? 26  THR A C   1 
ATOM   265 O  O   . THR A 1 29 ? -4.299  4.038   -6.420  1.00 23.36 ? 26  THR A O   1 
ATOM   266 C  CB  . THR A 1 29 ? -5.450  3.417   -3.270  1.00 24.05 ? 26  THR A CB  1 
ATOM   267 O  OG1 . THR A 1 29 ? -5.054  2.654   -2.118  1.00 23.70 ? 26  THR A OG1 1 
ATOM   268 C  CG2 . THR A 1 29 ? -6.347  2.551   -4.186  1.00 23.05 ? 26  THR A CG2 1 
ATOM   269 N  N   . ALA A 1 30 ? -5.160  5.781   -5.312  1.00 24.95 ? 27  ALA A N   1 
ATOM   270 C  CA  . ALA A 1 30 ? -5.510  6.518   -6.536  1.00 25.86 ? 27  ALA A CA  1 
ATOM   271 C  C   . ALA A 1 30 ? -4.290  6.793   -7.419  1.00 26.71 ? 27  ALA A C   1 
ATOM   272 O  O   . ALA A 1 30 ? -4.370  6.662   -8.638  1.00 27.07 ? 27  ALA A O   1 
ATOM   273 C  CB  . ALA A 1 30 ? -6.266  7.831   -6.191  1.00 25.86 ? 27  ALA A CB  1 
ATOM   274 N  N   . CYS A 1 31 ? -3.156  7.156   -6.808  1.00 27.28 ? 28  CYS A N   1 
ATOM   275 C  CA  . CYS A 1 31 ? -1.926  7.429   -7.557  1.00 28.23 ? 28  CYS A CA  1 
ATOM   276 C  C   . CYS A 1 31 ? -1.350  6.175   -8.224  1.00 27.79 ? 28  CYS A C   1 
ATOM   277 O  O   . CYS A 1 31 ? -0.976  6.201   -9.400  1.00 27.49 ? 28  CYS A O   1 
ATOM   278 C  CB  . CYS A 1 31 ? -0.849  8.026   -6.643  1.00 28.72 ? 28  CYS A CB  1 
ATOM   279 S  SG  . CYS A 1 31 ? -1.172  9.691   -6.084  1.00 34.38 ? 28  CYS A SG  1 
ATOM   280 N  N   . SER A 1 32 ? -1.271  5.087   -7.462  1.00 27.17 ? 29  SER A N   1 
ATOM   281 C  CA  . SER A 1 32 ? -0.659  3.852   -7.945  1.00 27.15 ? 29  SER A CA  1 
ATOM   282 C  C   . SER A 1 32 ? -1.465  3.216   -9.084  1.00 27.52 ? 29  SER A C   1 
ATOM   283 O  O   . SER A 1 32 ? -0.879  2.694   -10.031 1.00 27.43 ? 29  SER A O   1 
ATOM   284 C  CB  . SER A 1 32 ? -0.462  2.860   -6.791  1.00 26.83 ? 29  SER A CB  1 
ATOM   285 O  OG  . SER A 1 32 ? 0.191   3.492   -5.695  1.00 26.28 ? 29  SER A OG  1 
ATOM   286 N  N   . LEU A 1 33 ? -2.792  3.273   -8.988  1.00 27.95 ? 30  LEU A N   1 
ATOM   287 C  CA  . LEU A 1 33 ? -3.680  2.760   -10.048 1.00 28.98 ? 30  LEU A CA  1 
ATOM   288 C  C   . LEU A 1 33 ? -3.499  3.416   -11.426 1.00 30.08 ? 30  LEU A C   1 
ATOM   289 O  O   . LEU A 1 33 ? -3.887  2.835   -12.446 1.00 29.48 ? 30  LEU A O   1 
ATOM   290 C  CB  . LEU A 1 33 ? -5.142  2.859   -9.628  1.00 28.40 ? 30  LEU A CB  1 
ATOM   291 C  CG  . LEU A 1 33 ? -5.632  1.856   -8.588  1.00 27.73 ? 30  LEU A CG  1 
ATOM   292 C  CD1 . LEU A 1 33 ? -7.043  2.229   -8.170  1.00 26.93 ? 30  LEU A CD1 1 
ATOM   293 C  CD2 . LEU A 1 33 ? -5.562  0.407   -9.108  1.00 27.16 ? 30  LEU A CD2 1 
ATOM   294 N  N   . LYS A 1 34 ? -2.909  4.614   -11.449 1.00 31.12 ? 31  LYS A N   1 
ATOM   295 C  CA  . LYS A 1 34 ? -2.597  5.308   -12.700 1.00 32.57 ? 31  LYS A CA  1 
ATOM   296 C  C   . LYS A 1 34 ? -1.331  4.756   -13.337 1.00 33.07 ? 31  LYS A C   1 
ATOM   297 O  O   . LYS A 1 34 ? -1.041  5.054   -14.491 1.00 33.26 ? 31  LYS A O   1 
ATOM   298 C  CB  . LYS A 1 34 ? -2.430  6.817   -12.469 1.00 33.21 ? 31  LYS A CB  1 
ATOM   299 C  CG  . LYS A 1 34 ? -3.707  7.547   -12.125 1.00 34.83 ? 31  LYS A CG  1 
ATOM   300 C  CD  . LYS A 1 34 ? -3.410  9.010   -11.814 1.00 40.67 ? 31  LYS A CD  1 
ATOM   301 C  CE  . LYS A 1 34 ? -4.677  9.771   -11.430 1.00 43.20 ? 31  LYS A CE  1 
ATOM   302 N  NZ  . LYS A 1 34 ? -4.358  11.193  -11.094 1.00 46.52 ? 31  LYS A NZ  1 
ATOM   303 N  N   . GLU A 1 35 ? -0.562  3.977   -12.580 1.00 33.22 ? 32  GLU A N   1 
ATOM   304 C  CA  . GLU A 1 35 ? 0.647   3.355   -13.105 1.00 34.22 ? 32  GLU A CA  1 
ATOM   305 C  C   . GLU A 1 35 ? 0.268   2.151   -13.980 1.00 34.61 ? 32  GLU A C   1 
ATOM   306 O  O   . GLU A 1 35 ? -0.567  1.326   -13.605 1.00 34.40 ? 32  GLU A O   1 
ATOM   307 C  CB  . GLU A 1 35 ? 1.584   2.916   -11.972 1.00 34.22 ? 32  GLU A CB  1 
ATOM   308 C  CG  . GLU A 1 35 ? 2.160   4.052   -11.130 1.00 34.38 ? 32  GLU A CG  1 
ATOM   309 C  CD  . GLU A 1 35 ? 3.023   3.536   -9.989  1.00 34.79 ? 32  GLU A CD  1 
ATOM   310 O  OE1 . GLU A 1 35 ? 3.970   2.772   -10.252 1.00 38.04 ? 32  GLU A OE1 1 
ATOM   311 O  OE2 . GLU A 1 35 ? 2.756   3.885   -8.827  1.00 34.44 ? 32  GLU A OE2 1 
ATOM   312 N  N   . GLU A 1 36 ? 0.894   2.067   -15.146 1.00 35.18 ? 33  GLU A N   1 
ATOM   313 C  CA  . GLU A 1 36 ? 0.522   1.084   -16.161 1.00 35.71 ? 33  GLU A CA  1 
ATOM   314 C  C   . GLU A 1 36 ? 0.717   -0.358  -15.653 1.00 34.34 ? 33  GLU A C   1 
ATOM   315 O  O   . GLU A 1 36 ? -0.148  -1.220  -15.872 1.00 34.61 ? 33  GLU A O   1 
ATOM   316 C  CB  . GLU A 1 36 ? 1.321   1.364   -17.451 1.00 36.66 ? 33  GLU A CB  1 
ATOM   317 C  CG  . GLU A 1 36 ? 0.891   0.583   -18.690 1.00 41.10 ? 33  GLU A CG  1 
ATOM   318 C  CD  . GLU A 1 36 ? -0.543  0.868   -19.124 1.00 46.00 ? 33  GLU A CD  1 
ATOM   319 O  OE1 . GLU A 1 36 ? -1.076  1.971   -18.813 1.00 46.99 ? 33  GLU A OE1 1 
ATOM   320 O  OE2 . GLU A 1 36 ? -1.129  -0.023  -19.792 1.00 47.70 ? 33  GLU A OE2 1 
ATOM   321 N  N   . GLY A 1 37 ? 1.831   -0.603  -14.954 1.00 31.96 ? 34  GLY A N   1 
ATOM   322 C  CA  . GLY A 1 37 ? 2.138   -1.932  -14.424 1.00 29.76 ? 34  GLY A CA  1 
ATOM   323 C  C   . GLY A 1 37 ? 1.412   -2.287  -13.130 1.00 28.00 ? 34  GLY A C   1 
ATOM   324 O  O   . GLY A 1 37 ? 1.576   -3.383  -12.617 1.00 27.76 ? 34  GLY A O   1 
ATOM   325 N  N   . CYS A 1 38 ? 0.604   -1.364  -12.610 1.00 26.27 ? 35  CYS A N   1 
ATOM   326 C  CA  . CYS A 1 38 ? -0.198  -1.641  -11.433 1.00 25.67 ? 35  CYS A CA  1 
ATOM   327 C  C   . CYS A 1 38 ? -1.466  -2.347  -11.879 1.00 25.43 ? 35  CYS A C   1 
ATOM   328 O  O   . CYS A 1 38 ? -2.316  -1.743  -12.528 1.00 25.49 ? 35  CYS A O   1 
ATOM   329 C  CB  . CYS A 1 38 ? -0.564  -0.361  -10.685 1.00 25.18 ? 35  CYS A CB  1 
ATOM   330 S  SG  . CYS A 1 38 ? -1.532  -0.657  -9.168  1.00 25.97 ? 35  CYS A SG  1 
ATOM   331 N  N   . ILE A 1 39 ? -1.585  -3.619  -11.527 1.00 24.52 ? 36  ILE A N   1 
ATOM   332 C  CA  . ILE A 1 39 ? -2.752  -4.409  -11.917 1.00 24.01 ? 36  ILE A CA  1 
ATOM   333 C  C   . ILE A 1 39 ? -3.928  -4.167  -10.964 1.00 24.07 ? 36  ILE A C   1 
ATOM   334 O  O   . ILE A 1 39 ? -5.081  -3.998  -11.406 1.00 23.89 ? 36  ILE A O   1 
ATOM   335 C  CB  . ILE A 1 39 ? -2.358  -5.896  -12.095 1.00 24.40 ? 36  ILE A CB  1 
ATOM   336 C  CG1 . ILE A 1 39 ? -1.507  -6.002  -13.370 1.00 24.38 ? 36  ILE A CG1 1 
ATOM   337 C  CG2 . ILE A 1 39 ? -3.600  -6.803  -12.146 1.00 23.30 ? 36  ILE A CG2 1 
ATOM   338 C  CD1 . ILE A 1 39 ? -0.839  -7.293  -13.566 1.00 30.63 ? 36  ILE A CD1 1 
ATOM   339 N  N   . ALA A 1 40 ? -3.628  -4.087  -9.668  1.00 23.16 ? 37  ALA A N   1 
ATOM   340 C  CA  . ALA A 1 40 ? -4.644  -3.828  -8.649  1.00 22.34 ? 37  ALA A CA  1 
ATOM   341 C  C   . ALA A 1 40 ? -4.009  -3.166  -7.429  1.00 22.28 ? 37  ALA A C   1 
ATOM   342 O  O   . ALA A 1 40 ? -2.827  -3.370  -7.139  1.00 21.82 ? 37  ALA A O   1 
ATOM   343 C  CB  . ALA A 1 40 ? -5.336  -5.130  -8.233  1.00 22.23 ? 37  ALA A CB  1 
ATOM   344 N  N   . TYR A 1 41 ? -4.804  -2.378  -6.713  1.00 21.96 ? 38  TYR A N   1 
ATOM   345 C  CA  . TYR A 1 41 ? -4.312  -1.688  -5.548  1.00 21.97 ? 38  TYR A CA  1 
ATOM   346 C  C   . TYR A 1 41 ? -5.525  -1.172  -4.809  1.00 21.82 ? 38  TYR A C   1 
ATOM   347 O  O   . TYR A 1 41 ? -6.351  -0.486  -5.393  1.00 21.51 ? 38  TYR A O   1 
ATOM   348 C  CB  . TYR A 1 41 ? -3.406  -0.524  -5.987  1.00 21.91 ? 38  TYR A CB  1 
ATOM   349 C  CG  . TYR A 1 41 ? -2.445  -0.011  -4.934  1.00 22.34 ? 38  TYR A CG  1 
ATOM   350 C  CD1 . TYR A 1 41 ? -1.067  -0.115  -5.117  1.00 22.56 ? 38  TYR A CD1 1 
ATOM   351 C  CD2 . TYR A 1 41 ? -2.915  0.586   -3.759  1.00 22.07 ? 38  TYR A CD2 1 
ATOM   352 C  CE1 . TYR A 1 41 ? -0.162  0.387   -4.151  1.00 23.40 ? 38  TYR A CE1 1 
ATOM   353 C  CE2 . TYR A 1 41 ? -2.027  1.083   -2.790  1.00 22.80 ? 38  TYR A CE2 1 
ATOM   354 C  CZ  . TYR A 1 41 ? -0.662  0.978   -2.993  1.00 23.49 ? 38  TYR A CZ  1 
ATOM   355 O  OH  . TYR A 1 41 ? 0.198   1.450   -2.020  1.00 23.31 ? 38  TYR A OH  1 
ATOM   356 N  N   . ASP A 1 42 ? -5.639  -1.508  -3.527  1.00 20.97 ? 39  ASP A N   1 
ATOM   357 C  CA  . ASP A 1 42 ? -6.731  -0.976  -2.717  1.00 21.08 ? 39  ASP A CA  1 
ATOM   358 C  C   . ASP A 1 42 ? -6.366  -0.985  -1.240  1.00 20.82 ? 39  ASP A C   1 
ATOM   359 O  O   . ASP A 1 42 ? -5.506  -1.747  -0.810  1.00 20.76 ? 39  ASP A O   1 
ATOM   360 C  CB  . ASP A 1 42 ? -8.046  -1.756  -2.957  1.00 21.58 ? 39  ASP A CB  1 
ATOM   361 C  CG  . ASP A 1 42 ? -9.295  -0.960  -2.562  1.00 22.02 ? 39  ASP A CG  1 
ATOM   362 O  OD1 . ASP A 1 42 ? -9.186  0.252   -2.252  1.00 22.22 ? 39  ASP A OD1 1 
ATOM   363 O  OD2 . ASP A 1 42 ? -10.407 -1.545  -2.575  1.00 22.40 ? 39  ASP A OD2 1 
ATOM   364 N  N   . THR A 1 43 ? -7.050  -0.140  -0.483  1.00 21.15 ? 40  THR A N   1 
ATOM   365 C  CA  . THR A 1 43 ? -6.913  -0.054  0.965   1.00 21.90 ? 40  THR A CA  1 
ATOM   366 C  C   . THR A 1 43 ? -8.117  -0.729  1.611   1.00 21.80 ? 40  THR A C   1 
ATOM   367 O  O   . THR A 1 43 ? -9.243  -0.475  1.202   1.00 22.42 ? 40  THR A O   1 
ATOM   368 C  CB  . THR A 1 43 ? -6.828  1.436   1.373   1.00 21.57 ? 40  THR A CB  1 
ATOM   369 O  OG1 . THR A 1 43 ? -5.735  2.035   0.663   1.00 22.04 ? 40  THR A OG1 1 
ATOM   370 C  CG2 . THR A 1 43 ? -6.642  1.593   2.883   1.00 22.96 ? 40  THR A CG2 1 
ATOM   371 N  N   . PHE A 1 44 ? -7.867  -1.595  2.597   1.00 22.00 ? 41  PHE A N   1 
ATOM   372 C  CA  . PHE A 1 44 ? -8.900  -2.364  3.282   1.00 23.06 ? 41  PHE A CA  1 
ATOM   373 C  C   . PHE A 1 44 ? -8.741  -2.217  4.793   1.00 23.70 ? 41  PHE A C   1 
ATOM   374 O  O   . PHE A 1 44 ? -7.652  -2.449  5.324   1.00 24.84 ? 41  PHE A O   1 
ATOM   375 C  CB  . PHE A 1 44 ? -8.765  -3.866  2.979   1.00 22.60 ? 41  PHE A CB  1 
ATOM   376 C  CG  . PHE A 1 44 ? -8.962  -4.234  1.542   1.00 23.29 ? 41  PHE A CG  1 
ATOM   377 C  CD1 . PHE A 1 44 ? -10.209 -4.682  1.087   1.00 22.22 ? 41  PHE A CD1 1 
ATOM   378 C  CD2 . PHE A 1 44 ? -7.901  -4.171  0.643   1.00 20.57 ? 41  PHE A CD2 1 
ATOM   379 C  CE1 . PHE A 1 44 ? -10.394 -5.036  -0.253  1.00 21.69 ? 41  PHE A CE1 1 
ATOM   380 C  CE2 . PHE A 1 44 ? -8.085  -4.530  -0.703  1.00 22.45 ? 41  PHE A CE2 1 
ATOM   381 C  CZ  . PHE A 1 44 ? -9.342  -4.965  -1.141  1.00 21.32 ? 41  PHE A CZ  1 
ATOM   382 N  N   . GLU A 1 45 ? -9.830  -1.911  5.483   1.00 23.78 ? 42  GLU A N   1 
ATOM   383 C  CA  . GLU A 1 45 ? -9.831  -1.803  6.941   1.00 23.67 ? 42  GLU A CA  1 
ATOM   384 C  C   . GLU A 1 45 ? -10.339 -3.094  7.571   1.00 23.84 ? 42  GLU A C   1 
ATOM   385 O  O   . GLU A 1 45 ? -11.341 -3.660  7.115   1.00 24.00 ? 42  GLU A O   1 
ATOM   386 C  CB  . GLU A 1 45 ? -10.757 -0.669  7.368   1.00 23.81 ? 42  GLU A CB  1 
ATOM   387 C  CG  . GLU A 1 45 ? -10.383 0.672   6.786   1.00 25.22 ? 42  GLU A CG  1 
ATOM   388 C  CD  . GLU A 1 45 ? -11.522 1.678   6.846   1.00 27.09 ? 42  GLU A CD  1 
ATOM   389 O  OE1 . GLU A 1 45 ? -12.197 1.761   7.896   1.00 27.40 ? 42  GLU A OE1 1 
ATOM   390 O  OE2 . GLU A 1 45 ? -11.719 2.393   5.843   1.00 25.75 ? 42  GLU A OE2 1 
ATOM   391 N  N   . SER A 1 46 ? -9.686  -3.540  8.636   1.00 22.88 ? 43  SER A N   1 
ATOM   392 C  CA  . SER A 1 46 ? -10.159 -4.711  9.355   1.00 23.42 ? 43  SER A CA  1 
ATOM   393 C  C   . SER A 1 46 ? -11.540 -4.457  9.939   1.00 24.18 ? 43  SER A C   1 
ATOM   394 O  O   . SER A 1 46 ? -11.799 -3.392  10.523  1.00 23.41 ? 43  SER A O   1 
ATOM   395 C  CB  . SER A 1 46 ? -9.188  -5.130  10.457  1.00 22.93 ? 43  SER A CB  1 
ATOM   396 O  OG  . SER A 1 46 ? -9.763  -6.112  11.293  1.00 21.39 ? 43  SER A OG  1 
ATOM   397 N  N   . SER A 1 47 ? -12.416 -5.448  9.745   1.00 24.54 ? 44  SER A N   1 
ATOM   398 C  CA  . SER A 1 47 ? -13.790 -5.435  10.249  1.00 25.35 ? 44  SER A CA  1 
ATOM   399 C  C   . SER A 1 47 ? -13.836 -5.827  11.726  1.00 25.62 ? 44  SER A C   1 
ATOM   400 O  O   . SER A 1 47 ? -14.866 -5.641  12.378  1.00 26.15 ? 44  SER A O   1 
ATOM   401 C  CB  . SER A 1 47 ? -14.659 -6.429  9.446   1.00 25.44 ? 44  SER A CB  1 
ATOM   402 O  OG  . SER A 1 47 ? -14.834 -6.011  8.099   1.00 26.05 ? 44  SER A OG  1 
ATOM   403 N  N   . THR A 1 48 ? -12.739 -6.396  12.235  1.00 25.75 ? 45  THR A N   1 
ATOM   404 C  CA  . THR A 1 48 ? -12.695 -6.917  13.600  1.00 26.32 ? 45  THR A CA  1 
ATOM   405 C  C   . THR A 1 48 ? -11.716 -6.184  14.537  1.00 27.14 ? 45  THR A C   1 
ATOM   406 O  O   . THR A 1 48 ? -11.885 -6.231  15.759  1.00 27.35 ? 45  THR A O   1 
ATOM   407 C  CB  . THR A 1 48 ? -12.377 -8.449  13.643  1.00 26.57 ? 45  THR A CB  1 
ATOM   408 O  OG1 . THR A 1 48 ? -11.017 -8.688  13.250  1.00 25.88 ? 45  THR A OG1 1 
ATOM   409 C  CG2 . THR A 1 48 ? -13.338 -9.273  12.740  1.00 26.36 ? 45  THR A CG2 1 
ATOM   410 N  N   . ARG A 1 49 ? -10.693 -5.541  13.968  1.00 27.12 ? 46  ARG A N   1 
ATOM   411 C  CA  . ARG A 1 49 ? -9.639  -4.858  14.747  1.00 27.35 ? 46  ARG A CA  1 
ATOM   412 C  C   . ARG A 1 49 ? -9.489  -3.419  14.259  1.00 27.43 ? 46  ARG A C   1 
ATOM   413 O  O   . ARG A 1 49 ? -8.954  -3.170  13.173  1.00 26.45 ? 46  ARG A O   1 
ATOM   414 C  CB  . ARG A 1 49 ? -8.299  -5.589  14.611  1.00 27.25 ? 46  ARG A CB  1 
ATOM   415 C  CG  . ARG A 1 49 ? -8.316  -7.026  15.110  1.00 27.01 ? 46  ARG A CG  1 
ATOM   416 C  CD  . ARG A 1 49 ? -7.040  -7.774  14.746  1.00 27.98 ? 46  ARG A CD  1 
ATOM   417 N  NE  . ARG A 1 49 ? -6.927  -8.040  13.312  1.00 28.21 ? 46  ARG A NE  1 
ATOM   418 C  CZ  . ARG A 1 49 ? -5.803  -8.404  12.693  1.00 28.91 ? 46  ARG A CZ  1 
ATOM   419 N  NH1 . ARG A 1 49 ? -4.651  -8.526  13.365  1.00 28.85 ? 46  ARG A NH1 1 
ATOM   420 N  NH2 . ARG A 1 49 ? -5.819  -8.618  11.385  1.00 27.02 ? 46  ARG A NH2 1 
ATOM   421 N  N   . ARG A 1 50 ? -9.976  -2.480  15.068  1.00 27.46 ? 47  ARG A N   1 
ATOM   422 C  CA  . ARG A 1 50 ? -9.948  -1.054  14.745  1.00 28.36 ? 47  ARG A CA  1 
ATOM   423 C  C   . ARG A 1 50 ? -8.579  -0.516  14.352  1.00 27.62 ? 47  ARG A C   1 
ATOM   424 O  O   . ARG A 1 50 ? -8.489  0.402   13.535  1.00 27.95 ? 47  ARG A O   1 
ATOM   425 C  CB  . ARG A 1 50 ? -10.455 -0.226  15.936  1.00 29.33 ? 47  ARG A CB  1 
ATOM   426 C  CG  . ARG A 1 50 ? -11.939 -0.038  15.951  1.00 33.01 ? 47  ARG A CG  1 
ATOM   427 C  CD  . ARG A 1 50 ? -12.408 0.791   14.768  1.00 37.38 ? 47  ARG A CD  1 
ATOM   428 N  NE  . ARG A 1 50 ? -12.183 2.222   14.953  1.00 39.28 ? 47  ARG A NE  1 
ATOM   429 C  CZ  . ARG A 1 50 ? -12.754 3.153   14.196  1.00 39.87 ? 47  ARG A CZ  1 
ATOM   430 N  NH1 . ARG A 1 50 ? -13.580 2.789   13.218  1.00 40.33 ? 47  ARG A NH1 1 
ATOM   431 N  NH2 . ARG A 1 50 ? -12.513 4.440   14.412  1.00 39.00 ? 47  ARG A NH2 1 
ATOM   432 N  N   . ASP A 1 51 ? -7.529  -1.091  14.931  1.00 27.33 ? 48  ASP A N   1 
ATOM   433 C  CA  . ASP A 1 51 ? -6.166  -0.577  14.765  1.00 27.09 ? 48  ASP A CA  1 
ATOM   434 C  C   . ASP A 1 51 ? -5.421  -1.214  13.593  1.00 26.34 ? 48  ASP A C   1 
ATOM   435 O  O   . ASP A 1 51 ? -4.250  -0.933  13.384  1.00 25.60 ? 48  ASP A O   1 
ATOM   436 C  CB  . ASP A 1 51 ? -5.362  -0.728  16.080  1.00 27.42 ? 48  ASP A CB  1 
ATOM   437 C  CG  . ASP A 1 51 ? -5.192  -2.180  16.519  1.00 30.59 ? 48  ASP A CG  1 
ATOM   438 O  OD1 . ASP A 1 51 ? -6.003  -3.053  16.122  1.00 34.94 ? 48  ASP A OD1 1 
ATOM   439 O  OD2 . ASP A 1 51 ? -4.244  -2.461  17.280  1.00 33.61 ? 48  ASP A OD2 1 
ATOM   440 N  N   . VAL A 1 52 ? -6.105  -2.068  12.827  1.00 25.16 ? 49  VAL A N   1 
ATOM   441 C  CA  . VAL A 1 52 ? -5.460  -2.767  11.718  1.00 24.35 ? 49  VAL A CA  1 
ATOM   442 C  C   . VAL A 1 52 ? -6.126  -2.424  10.385  1.00 23.98 ? 49  VAL A C   1 
ATOM   443 O  O   . VAL A 1 52 ? -7.350  -2.473  10.260  1.00 23.46 ? 49  VAL A O   1 
ATOM   444 C  CB  . VAL A 1 52 ? -5.432  -4.313  11.915  1.00 24.25 ? 49  VAL A CB  1 
ATOM   445 C  CG1 . VAL A 1 52 ? -4.759  -4.997  10.708  1.00 24.12 ? 49  VAL A CG1 1 
ATOM   446 C  CG2 . VAL A 1 52 ? -4.701  -4.704  13.200  1.00 23.82 ? 49  VAL A CG2 1 
ATOM   447 N  N   . PHE A 1 53 ? -5.321  -2.043  9.400   1.00 23.55 ? 50  PHE A N   1 
ATOM   448 C  CA  . PHE A 1 53 ? -5.792  -2.036  8.012   1.00 23.81 ? 50  PHE A CA  1 
ATOM   449 C  C   . PHE A 1 53 ? -4.708  -2.630  7.127   1.00 24.44 ? 50  PHE A C   1 
ATOM   450 O  O   . PHE A 1 53 ? -3.629  -2.942  7.616   1.00 23.98 ? 50  PHE A O   1 
ATOM   451 C  CB  . PHE A 1 53 ? -6.319  -0.653  7.551   1.00 23.44 ? 50  PHE A CB  1 
ATOM   452 C  CG  . PHE A 1 53 ? -5.251  0.393   7.288   1.00 23.92 ? 50  PHE A CG  1 
ATOM   453 C  CD1 . PHE A 1 53 ? -4.817  1.244   8.312   1.00 23.90 ? 50  PHE A CD1 1 
ATOM   454 C  CD2 . PHE A 1 53 ? -4.723  0.563   6.000   1.00 21.46 ? 50  PHE A CD2 1 
ATOM   455 C  CE1 . PHE A 1 53 ? -3.857  2.238   8.056   1.00 21.87 ? 50  PHE A CE1 1 
ATOM   456 C  CE2 . PHE A 1 53 ? -3.767  1.542   5.731   1.00 23.48 ? 50  PHE A CE2 1 
ATOM   457 C  CZ  . PHE A 1 53 ? -3.331  2.394   6.766   1.00 22.41 ? 50  PHE A CZ  1 
HETATM 458 N  N   . MSE A 1 54 ? -5.015  -2.853  5.851   1.00 24.98 ? 51  MSE A N   1 
HETATM 459 C  CA  . MSE A 1 54 ? -4.051  -3.461  4.956   1.00 26.91 ? 51  MSE A CA  1 
HETATM 460 C  C   . MSE A 1 54 ? -4.153  -2.891  3.564   1.00 25.61 ? 51  MSE A C   1 
HETATM 461 O  O   . MSE A 1 54 ? -5.197  -2.361  3.168   1.00 26.35 ? 51  MSE A O   1 
HETATM 462 C  CB  . MSE A 1 54 ? -4.161  -4.997  4.945   1.00 26.34 ? 51  MSE A CB  1 
HETATM 463 C  CG  . MSE A 1 54 ? -5.466  -5.562  4.385   1.00 27.75 ? 51  MSE A CG  1 
HETATM 464 SE SE  . MSE A 1 54 ? -5.277  -7.479  4.016   0.70 34.71 ? 51  MSE A SE  1 
HETATM 465 C  CE  . MSE A 1 54 ? -3.898  -7.210  2.616   1.00 21.78 ? 51  MSE A CE  1 
ATOM   466 N  N   . ILE A 1 55 ? -3.040  -2.955  2.849   1.00 24.93 ? 52  ILE A N   1 
ATOM   467 C  CA  . ILE A 1 55 ? -2.989  -2.550  1.460   1.00 24.54 ? 52  ILE A CA  1 
ATOM   468 C  C   . ILE A 1 55 ? -2.727  -3.820  0.666   1.00 24.71 ? 52  ILE A C   1 
ATOM   469 O  O   . ILE A 1 55 ? -1.783  -4.561  0.954   1.00 24.32 ? 52  ILE A O   1 
ATOM   470 C  CB  . ILE A 1 55 ? -1.888  -1.494  1.186   1.00 24.90 ? 52  ILE A CB  1 
ATOM   471 C  CG1 . ILE A 1 55 ? -2.066  -0.266  2.099   1.00 24.39 ? 52  ILE A CG1 1 
ATOM   472 C  CG2 . ILE A 1 55 ? -1.956  -1.033  -0.268  1.00 22.81 ? 52  ILE A CG2 1 
ATOM   473 C  CD1 . ILE A 1 55 ? -0.903  0.759   2.009   1.00 24.70 ? 52  ILE A CD1 1 
ATOM   474 N  N   . CYS A 1 56 ? -3.614  -4.099  -0.281  1.00 24.54 ? 53  CYS A N   1 
ATOM   475 C  CA  . CYS A 1 56 ? -3.475  -5.239  -1.172  1.00 24.21 ? 53  CYS A CA  1 
ATOM   476 C  C   . CYS A 1 56 ? -3.103  -4.721  -2.555  1.00 23.67 ? 53  CYS A C   1 
ATOM   477 O  O   . CYS A 1 56 ? -3.755  -3.820  -3.078  1.00 24.08 ? 53  CYS A O   1 
ATOM   478 C  CB  . CYS A 1 56 ? -4.789  -6.019  -1.243  1.00 24.49 ? 53  CYS A CB  1 
ATOM   479 S  SG  . CYS A 1 56 ? -4.583  -7.645  -2.000  1.00 25.63 ? 53  CYS A SG  1 
ATOM   480 N  N   . GLU A 1 57 ? -2.048  -5.275  -3.143  1.00 23.00 ? 54  GLU A N   1 
ATOM   481 C  CA  . GLU A 1 57 ? -1.550  -4.780  -4.418  1.00 23.00 ? 54  GLU A CA  1 
ATOM   482 C  C   . GLU A 1 57 ? -1.255  -5.940  -5.333  1.00 22.85 ? 54  GLU A C   1 
ATOM   483 O  O   . GLU A 1 57 ? -0.854  -6.996  -4.875  1.00 22.72 ? 54  GLU A O   1 
ATOM   484 C  CB  . GLU A 1 57 ? -0.257  -3.976  -4.226  1.00 23.24 ? 54  GLU A CB  1 
ATOM   485 C  CG  . GLU A 1 57 ? -0.334  -3.018  -3.057  1.00 23.40 ? 54  GLU A CG  1 
ATOM   486 C  CD  . GLU A 1 57 ? 0.979   -2.351  -2.727  1.00 25.10 ? 54  GLU A CD  1 
ATOM   487 O  OE1 . GLU A 1 57 ? 1.844   -2.208  -3.613  1.00 24.72 ? 54  GLU A OE1 1 
ATOM   488 O  OE2 . GLU A 1 57 ? 1.123   -1.947  -1.558  1.00 25.00 ? 54  GLU A OE2 1 
ATOM   489 N  N   . THR A 1 58 ? -1.432  -5.723  -6.634  1.00 22.28 ? 55  THR A N   1 
ATOM   490 C  CA  . THR A 1 58 ? -0.931  -6.657  -7.627  1.00 21.99 ? 55  THR A CA  1 
ATOM   491 C  C   . THR A 1 58 ? -0.130  -5.888  -8.663  1.00 22.67 ? 55  THR A C   1 
ATOM   492 O  O   . THR A 1 58 ? -0.610  -4.902  -9.232  1.00 22.22 ? 55  THR A O   1 
ATOM   493 C  CB  . THR A 1 58 ? -2.068  -7.429  -8.310  1.00 21.67 ? 55  THR A CB  1 
ATOM   494 O  OG1 . THR A 1 58 ? -2.911  -7.987  -7.304  1.00 21.26 ? 55  THR A OG1 1 
ATOM   495 C  CG2 . THR A 1 58 ? -1.518  -8.552  -9.214  1.00 21.07 ? 55  THR A CG2 1 
ATOM   496 N  N   . TRP A 1 59 ? 1.091   -6.357  -8.893  1.00 23.62 ? 56  TRP A N   1 
ATOM   497 C  CA  . TRP A 1 59 ? 2.021   -5.729  -9.816  1.00 24.38 ? 56  TRP A CA  1 
ATOM   498 C  C   . TRP A 1 59 ? 2.298   -6.677  -10.961 1.00 25.08 ? 56  TRP A C   1 
ATOM   499 O  O   . TRP A 1 59 ? 2.392   -7.888  -10.760 1.00 24.68 ? 56  TRP A O   1 
ATOM   500 C  CB  . TRP A 1 59 ? 3.314   -5.302  -9.096  1.00 24.07 ? 56  TRP A CB  1 
ATOM   501 C  CG  . TRP A 1 59 ? 2.995   -4.167  -8.181  1.00 25.06 ? 56  TRP A CG  1 
ATOM   502 C  CD1 . TRP A 1 59 ? 2.665   -4.245  -6.853  1.00 24.19 ? 56  TRP A CD1 1 
ATOM   503 C  CD2 . TRP A 1 59 ? 2.862   -2.795  -8.550  1.00 24.37 ? 56  TRP A CD2 1 
ATOM   504 N  NE1 . TRP A 1 59 ? 2.354   -2.989  -6.371  1.00 24.17 ? 56  TRP A NE1 1 
ATOM   505 C  CE2 . TRP A 1 59 ? 2.469   -2.086  -7.394  1.00 24.68 ? 56  TRP A CE2 1 
ATOM   506 C  CE3 . TRP A 1 59 ? 3.046   -2.090  -9.752  1.00 25.32 ? 56  TRP A CE3 1 
ATOM   507 C  CZ2 . TRP A 1 59 ? 2.269   -0.705  -7.399  1.00 24.35 ? 56  TRP A CZ2 1 
ATOM   508 C  CZ3 . TRP A 1 59 ? 2.844   -0.720  -9.754  1.00 24.33 ? 56  TRP A CZ3 1 
ATOM   509 C  CH2 . TRP A 1 59 ? 2.451   -0.044  -8.588  1.00 25.03 ? 56  TRP A CH2 1 
ATOM   510 N  N   . GLN A 1 60 ? 2.397   -6.121  -12.167 1.00 26.33 ? 57  GLN A N   1 
ATOM   511 C  CA  . GLN A 1 60 ? 2.592   -6.939  -13.365 1.00 26.98 ? 57  GLN A CA  1 
ATOM   512 C  C   . GLN A 1 60 ? 3.839   -7.800  -13.291 1.00 27.39 ? 57  GLN A C   1 
ATOM   513 O  O   . GLN A 1 60 ? 3.840   -8.947  -13.740 1.00 27.36 ? 57  GLN A O   1 
ATOM   514 C  CB  . GLN A 1 60 ? 2.645   -6.073  -14.628 1.00 27.30 ? 57  GLN A CB  1 
ATOM   515 C  CG  . GLN A 1 60 ? 2.554   -6.929  -15.899 1.00 28.19 ? 57  GLN A CG  1 
ATOM   516 C  CD  . GLN A 1 60 ? 2.522   -6.112  -17.166 1.00 31.48 ? 57  GLN A CD  1 
ATOM   517 O  OE1 . GLN A 1 60 ? 1.907   -5.040  -17.220 1.00 32.38 ? 57  GLN A OE1 1 
ATOM   518 N  NE2 . GLN A 1 60 ? 3.200   -6.608  -18.197 1.00 30.06 ? 57  GLN A NE2 1 
ATOM   519 N  N   . ASN A 1 61 ? 4.903   -7.228  -12.733 1.00 28.04 ? 58  ASN A N   1 
ATOM   520 C  CA  . ASN A 1 61 ? 6.176   -7.911  -12.580 1.00 28.73 ? 58  ASN A CA  1 
ATOM   521 C  C   . ASN A 1 61 ? 7.073   -7.141  -11.615 1.00 29.20 ? 58  ASN A C   1 
ATOM   522 O  O   . ASN A 1 61 ? 6.705   -6.055  -11.118 1.00 28.11 ? 58  ASN A O   1 
ATOM   523 C  CB  . ASN A 1 61 ? 6.877   -8.081  -13.945 1.00 28.99 ? 58  ASN A CB  1 
ATOM   524 C  CG  . ASN A 1 61 ? 7.019   -6.772  -14.693 1.00 28.95 ? 58  ASN A CG  1 
ATOM   525 O  OD1 . ASN A 1 61 ? 7.646   -5.833  -14.204 1.00 29.92 ? 58  ASN A OD1 1 
ATOM   526 N  ND2 . ASN A 1 61 ? 6.431   -6.695  -15.888 1.00 29.06 ? 58  ASN A ND2 1 
ATOM   527 N  N   . ALA A 1 62 ? 8.247   -7.711  -11.362 1.00 29.93 ? 59  ALA A N   1 
ATOM   528 C  CA  . ALA A 1 62 ? 9.225   -7.137  -10.434 1.00 31.09 ? 59  ALA A CA  1 
ATOM   529 C  C   . ALA A 1 62 ? 9.736   -5.769  -10.857 1.00 31.77 ? 59  ALA A C   1 
ATOM   530 O  O   . ALA A 1 62 ? 10.026  -4.920  -10.004 1.00 32.01 ? 59  ALA A O   1 
ATOM   531 C  CB  . ALA A 1 62 ? 10.400  -8.112  -10.219 1.00 31.09 ? 59  ALA A CB  1 
ATOM   532 N  N   . GLU A 1 63 ? 9.844   -5.540  -12.165 1.00 32.34 ? 60  GLU A N   1 
ATOM   533 C  CA  . GLU A 1 63 ? 10.396  -4.275  -12.632 1.00 32.86 ? 60  GLU A CA  1 
ATOM   534 C  C   . GLU A 1 63 ? 9.447   -3.084  -12.558 1.00 31.70 ? 60  GLU A C   1 
ATOM   535 O  O   . GLU A 1 63 ? 9.880   -1.981  -12.228 1.00 31.33 ? 60  GLU A O   1 
ATOM   536 C  CB  . GLU A 1 63 ? 11.088  -4.414  -13.992 1.00 33.96 ? 60  GLU A CB  1 
ATOM   537 C  CG  . GLU A 1 63 ? 12.475  -5.108  -13.857 1.00 39.32 ? 60  GLU A CG  1 
ATOM   538 C  CD  . GLU A 1 63 ? 13.296  -4.648  -12.614 1.00 46.27 ? 60  GLU A CD  1 
ATOM   539 O  OE1 . GLU A 1 63 ? 13.799  -3.485  -12.592 1.00 48.13 ? 60  GLU A OE1 1 
ATOM   540 O  OE2 . GLU A 1 63 ? 13.445  -5.462  -11.657 1.00 47.99 ? 60  GLU A OE2 1 
ATOM   541 N  N   . VAL A 1 64 ? 8.163   -3.291  -12.830 1.00 30.59 ? 61  VAL A N   1 
ATOM   542 C  CA  . VAL A 1 64 ? 7.199   -2.208  -12.629 1.00 29.63 ? 61  VAL A CA  1 
ATOM   543 C  C   . VAL A 1 64 ? 6.995   -1.895  -11.133 1.00 29.06 ? 61  VAL A C   1 
ATOM   544 O  O   . VAL A 1 64 ? 6.678   -0.761  -10.773 1.00 28.65 ? 61  VAL A O   1 
ATOM   545 C  CB  . VAL A 1 64 ? 5.834   -2.439  -13.352 1.00 29.77 ? 61  VAL A CB  1 
ATOM   546 C  CG1 . VAL A 1 64 ? 6.016   -2.427  -14.901 1.00 29.46 ? 61  VAL A CG1 1 
ATOM   547 C  CG2 . VAL A 1 64 ? 5.168   -3.721  -12.886 1.00 28.14 ? 61  VAL A CG2 1 
ATOM   548 N  N   . LEU A 1 65 ? 7.160   -2.903  -10.276 1.00 28.89 ? 62  LEU A N   1 
ATOM   549 C  CA  . LEU A 1 65 ? 7.114   -2.687  -8.825  1.00 28.73 ? 62  LEU A CA  1 
ATOM   550 C  C   . LEU A 1 65 ? 8.319   -1.845  -8.371  1.00 29.16 ? 62  LEU A C   1 
ATOM   551 O  O   . LEU A 1 65 ? 8.157   -0.883  -7.609  1.00 29.00 ? 62  LEU A O   1 
ATOM   552 C  CB  . LEU A 1 65 ? 7.049   -4.010  -8.054  1.00 28.19 ? 62  LEU A CB  1 
ATOM   553 C  CG  . LEU A 1 65 ? 7.099   -3.878  -6.519  1.00 26.97 ? 62  LEU A CG  1 
ATOM   554 C  CD1 . LEU A 1 65 ? 5.957   -2.997  -5.958  1.00 24.97 ? 62  LEU A CD1 1 
ATOM   555 C  CD2 . LEU A 1 65 ? 7.110   -5.241  -5.854  1.00 24.73 ? 62  LEU A CD2 1 
ATOM   556 N  N   . ALA A 1 66 ? 9.508   -2.206  -8.858  1.00 29.56 ? 63  ALA A N   1 
ATOM   557 C  CA  . ALA A 1 66 ? 10.740  -1.459  -8.561  1.00 30.32 ? 63  ALA A CA  1 
ATOM   558 C  C   . ALA A 1 66 ? 10.601  -0.005  -8.983  1.00 30.64 ? 63  ALA A C   1 
ATOM   559 O  O   . ALA A 1 66 ? 10.938  0.890   -8.216  1.00 30.90 ? 63  ALA A O   1 
ATOM   560 C  CB  . ALA A 1 66 ? 11.961  -2.114  -9.234  1.00 30.36 ? 63  ALA A CB  1 
ATOM   561 N  N   . ALA A 1 67 ? 10.066  0.227   -10.184 1.00 30.52 ? 64  ALA A N   1 
ATOM   562 C  CA  . ALA A 1 67 ? 9.808   1.585   -10.658 1.00 30.67 ? 64  ALA A CA  1 
ATOM   563 C  C   . ALA A 1 67 ? 8.785   2.324   -9.783  1.00 30.47 ? 64  ALA A C   1 
ATOM   564 O  O   . ALA A 1 67 ? 8.964   3.506   -9.490  1.00 31.04 ? 64  ALA A O   1 
ATOM   565 C  CB  . ALA A 1 67 ? 9.364   1.578   -12.142 1.00 30.86 ? 64  ALA A CB  1 
ATOM   566 N  N   . HIS A 1 68 ? 7.713   1.639   -9.377  1.00 29.77 ? 65  HIS A N   1 
ATOM   567 C  CA  . HIS A 1 68 ? 6.729   2.206   -8.437  1.00 29.28 ? 65  HIS A CA  1 
ATOM   568 C  C   . HIS A 1 68 ? 7.395   2.749   -7.168  1.00 29.50 ? 65  HIS A C   1 
ATOM   569 O  O   . HIS A 1 68 ? 7.068   3.835   -6.696  1.00 29.07 ? 65  HIS A O   1 
ATOM   570 C  CB  . HIS A 1 68 ? 5.695   1.136   -8.074  1.00 28.86 ? 65  HIS A CB  1 
ATOM   571 C  CG  . HIS A 1 68 ? 4.811   1.483   -6.914  1.00 27.55 ? 65  HIS A CG  1 
ATOM   572 N  ND1 . HIS A 1 68 ? 3.885   2.503   -6.955  1.00 27.00 ? 65  HIS A ND1 1 
ATOM   573 C  CD2 . HIS A 1 68 ? 4.666   0.893   -5.700  1.00 26.46 ? 65  HIS A CD2 1 
ATOM   574 C  CE1 . HIS A 1 68 ? 3.225   2.544   -5.807  1.00 27.56 ? 65  HIS A CE1 1 
ATOM   575 N  NE2 . HIS A 1 68 ? 3.673   1.571   -5.033  1.00 25.68 ? 65  HIS A NE2 1 
ATOM   576 N  N   . GLU A 1 69 ? 8.335   1.981   -6.643  1.00 30.35 ? 66  GLU A N   1 
ATOM   577 C  CA  . GLU A 1 69 ? 9.006   2.304   -5.391  1.00 32.10 ? 66  GLU A CA  1 
ATOM   578 C  C   . GLU A 1 69 ? 10.000  3.466   -5.518  1.00 32.71 ? 66  GLU A C   1 
ATOM   579 O  O   . GLU A 1 69 ? 10.502  3.963   -4.515  1.00 32.66 ? 66  GLU A O   1 
ATOM   580 C  CB  . GLU A 1 69 ? 9.663   1.051   -4.814  1.00 31.67 ? 66  GLU A CB  1 
ATOM   581 C  CG  . GLU A 1 69 ? 8.635   0.035   -4.327  1.00 33.09 ? 66  GLU A CG  1 
ATOM   582 C  CD  . GLU A 1 69 ? 9.217   -1.344  -4.092  1.00 36.91 ? 66  GLU A CD  1 
ATOM   583 O  OE1 . GLU A 1 69 ? 10.333  -1.628  -4.596  1.00 37.98 ? 66  GLU A OE1 1 
ATOM   584 O  OE2 . GLU A 1 69 ? 8.540   -2.159  -3.422  1.00 38.52 ? 66  GLU A OE2 1 
ATOM   585 N  N   . LYS A 1 70 ? 10.243  3.909   -6.750  1.00 33.96 ? 67  LYS A N   1 
ATOM   586 C  CA  . LYS A 1 70 ? 11.104  5.062   -7.024  1.00 35.43 ? 67  LYS A CA  1 
ATOM   587 C  C   . LYS A 1 70 ? 10.302  6.328   -7.324  1.00 35.09 ? 67  LYS A C   1 
ATOM   588 O  O   . LYS A 1 70 ? 10.887  7.394   -7.528  1.00 35.76 ? 67  LYS A O   1 
ATOM   589 C  CB  . LYS A 1 70 ? 12.052  4.776   -8.193  1.00 35.22 ? 67  LYS A CB  1 
ATOM   590 C  CG  . LYS A 1 70 ? 13.192  3.812   -7.889  1.00 37.04 ? 67  LYS A CG  1 
ATOM   591 C  CD  . LYS A 1 70 ? 14.025  3.578   -9.165  1.00 38.23 ? 67  LYS A CD  1 
ATOM   592 C  CE  . LYS A 1 70 ? 15.178  2.588   -8.952  1.00 42.90 ? 67  LYS A CE  1 
ATOM   593 N  NZ  . LYS A 1 70 ? 14.767  1.140   -9.052  1.00 45.38 ? 67  LYS A NZ  1 
ATOM   594 N  N   . THR A 1 71 ? 8.974   6.224   -7.357  1.00 34.48 ? 68  THR A N   1 
ATOM   595 C  CA  . THR A 1 71 ? 8.141   7.387   -7.661  1.00 33.91 ? 68  THR A CA  1 
ATOM   596 C  C   . THR A 1 71 ? 8.026   8.348   -6.473  1.00 33.81 ? 68  THR A C   1 
ATOM   597 O  O   . THR A 1 71 ? 8.184   7.949   -5.308  1.00 33.64 ? 68  THR A O   1 
ATOM   598 C  CB  . THR A 1 71 ? 6.711   7.006   -8.126  1.00 33.92 ? 68  THR A CB  1 
ATOM   599 O  OG1 . THR A 1 71 ? 6.022   6.340   -7.063  1.00 34.36 ? 68  THR A OG1 1 
ATOM   600 C  CG2 . THR A 1 71 ? 6.741   6.109   -9.369  1.00 33.48 ? 68  THR A CG2 1 
ATOM   601 N  N   . ALA A 1 72 ? 7.740   9.608   -6.797  1.00 33.29 ? 69  ALA A N   1 
ATOM   602 C  CA  . ALA A 1 72 ? 7.497   10.663  -5.822  1.00 33.13 ? 69  ALA A CA  1 
ATOM   603 C  C   . ALA A 1 72 ? 6.266   10.379  -4.963  1.00 32.65 ? 69  ALA A C   1 
ATOM   604 O  O   . ALA A 1 72 ? 6.319   10.549  -3.738  1.00 32.55 ? 69  ALA A O   1 
ATOM   605 C  CB  . ALA A 1 72 ? 7.361   12.022  -6.534  1.00 33.47 ? 69  ALA A CB  1 
ATOM   606 N  N   . HIS A 1 73 ? 5.167   9.940   -5.592  1.00 31.80 ? 70  HIS A N   1 
ATOM   607 C  CA  . HIS A 1 73 ? 3.947   9.625   -4.838  1.00 31.53 ? 70  HIS A CA  1 
ATOM   608 C  C   . HIS A 1 73 ? 4.144   8.483   -3.825  1.00 30.72 ? 70  HIS A C   1 
ATOM   609 O  O   . HIS A 1 73 ? 3.601   8.542   -2.719  1.00 30.26 ? 70  HIS A O   1 
ATOM   610 C  CB  . HIS A 1 73 ? 2.704   9.415   -5.738  1.00 32.05 ? 70  HIS A CB  1 
ATOM   611 C  CG  . HIS A 1 73 ? 2.795   8.250   -6.688  1.00 34.23 ? 70  HIS A CG  1 
ATOM   612 N  ND1 . HIS A 1 73 ? 3.077   8.405   -8.032  1.00 35.86 ? 70  HIS A ND1 1 
ATOM   613 C  CD2 . HIS A 1 73 ? 2.589   6.921   -6.501  1.00 35.54 ? 70  HIS A CD2 1 
ATOM   614 C  CE1 . HIS A 1 73 ? 3.067   7.221   -8.624  1.00 36.09 ? 70  HIS A CE1 1 
ATOM   615 N  NE2 . HIS A 1 73 ? 2.775   6.305   -7.717  1.00 35.17 ? 70  HIS A NE2 1 
ATOM   616 N  N   . PHE A 1 74 ? 4.939   7.475   -4.193  1.00 30.11 ? 71  PHE A N   1 
ATOM   617 C  CA  . PHE A 1 74 ? 5.307   6.406   -3.277  1.00 29.86 ? 71  PHE A CA  1 
ATOM   618 C  C   . PHE A 1 74 ? 6.061   6.969   -2.070  1.00 29.86 ? 71  PHE A C   1 
ATOM   619 O  O   . PHE A 1 74 ? 5.650   6.760   -0.927  1.00 29.56 ? 71  PHE A O   1 
ATOM   620 C  CB  . PHE A 1 74 ? 6.155   5.338   -3.971  1.00 29.29 ? 71  PHE A CB  1 
ATOM   621 C  CG  . PHE A 1 74 ? 6.608   4.228   -3.050  1.00 29.88 ? 71  PHE A CG  1 
ATOM   622 C  CD1 . PHE A 1 74 ? 7.865   4.272   -2.444  1.00 29.68 ? 71  PHE A CD1 1 
ATOM   623 C  CD2 . PHE A 1 74 ? 5.775   3.134   -2.784  1.00 29.78 ? 71  PHE A CD2 1 
ATOM   624 C  CE1 . PHE A 1 74 ? 8.291   3.244   -1.589  1.00 29.09 ? 71  PHE A CE1 1 
ATOM   625 C  CE2 . PHE A 1 74 ? 6.190   2.108   -1.935  1.00 29.60 ? 71  PHE A CE2 1 
ATOM   626 C  CZ  . PHE A 1 74 ? 7.454   2.163   -1.333  1.00 29.45 ? 71  PHE A CZ  1 
ATOM   627 N  N   . ALA A 1 75 ? 7.154   7.690   -2.326  1.00 30.20 ? 72  ALA A N   1 
ATOM   628 C  CA  . ALA A 1 75 ? 7.941   8.294   -1.238  1.00 30.56 ? 72  ALA A CA  1 
ATOM   629 C  C   . ALA A 1 75 ? 7.087   9.198   -0.339  1.00 30.34 ? 72  ALA A C   1 
ATOM   630 O  O   . ALA A 1 75 ? 7.176   9.125   0.885   1.00 30.32 ? 72  ALA A O   1 
ATOM   631 C  CB  . ALA A 1 75 ? 9.150   9.053   -1.799  1.00 31.19 ? 72  ALA A CB  1 
ATOM   632 N  N   . GLN A 1 76 ? 6.238   10.014  -0.956  1.00 30.10 ? 73  GLN A N   1 
ATOM   633 C  CA  . GLN A 1 76 ? 5.390   10.961  -0.236  1.00 30.64 ? 73  GLN A CA  1 
ATOM   634 C  C   . GLN A 1 76 ? 4.413   10.236  0.704   1.00 29.33 ? 73  GLN A C   1 
ATOM   635 O  O   . GLN A 1 76 ? 4.430   10.457  1.917   1.00 28.72 ? 73  GLN A O   1 
ATOM   636 C  CB  . GLN A 1 76 ? 4.658   11.866  -1.241  1.00 30.56 ? 73  GLN A CB  1 
ATOM   637 C  CG  . GLN A 1 76 ? 3.520   12.747  -0.695  1.00 33.24 ? 73  GLN A CG  1 
ATOM   638 C  CD  . GLN A 1 76 ? 2.796   13.544  -1.803  1.00 34.39 ? 73  GLN A CD  1 
ATOM   639 O  OE1 . GLN A 1 76 ? 3.088   13.389  -2.998  1.00 38.65 ? 73  GLN A OE1 1 
ATOM   640 N  NE2 . GLN A 1 76 ? 1.845   14.392  -1.404  1.00 37.86 ? 73  GLN A NE2 1 
ATOM   641 N  N   . TYR A 1 77 ? 3.594   9.343   0.150   1.00 28.08 ? 74  TYR A N   1 
ATOM   642 C  CA  . TYR A 1 77 ? 2.528   8.726   0.938   1.00 27.11 ? 74  TYR A CA  1 
ATOM   643 C  C   . TYR A 1 77 ? 3.011   7.622   1.863   1.00 26.18 ? 74  TYR A C   1 
ATOM   644 O  O   . TYR A 1 77 ? 2.511   7.496   2.966   1.00 26.10 ? 74  TYR A O   1 
ATOM   645 C  CB  . TYR A 1 77 ? 1.337   8.305   0.048   1.00 27.20 ? 74  TYR A CB  1 
ATOM   646 C  CG  . TYR A 1 77 ? 0.626   9.512   -0.536  1.00 27.65 ? 74  TYR A CG  1 
ATOM   647 C  CD1 . TYR A 1 77 ? 0.684   9.787   -1.902  1.00 26.94 ? 74  TYR A CD1 1 
ATOM   648 C  CD2 . TYR A 1 77 ? -0.066  10.405  0.292   1.00 26.96 ? 74  TYR A CD2 1 
ATOM   649 C  CE1 . TYR A 1 77 ? 0.052   10.909  -2.436  1.00 28.18 ? 74  TYR A CE1 1 
ATOM   650 C  CE2 . TYR A 1 77 ? -0.698  11.529  -0.231  1.00 26.95 ? 74  TYR A CE2 1 
ATOM   651 C  CZ  . TYR A 1 77 ? -0.636  11.768  -1.595  1.00 27.83 ? 74  TYR A CZ  1 
ATOM   652 O  OH  . TYR A 1 77 ? -1.258  12.876  -2.125  1.00 29.73 ? 74  TYR A OH  1 
ATOM   653 N  N   . VAL A 1 78 ? 4.007   6.848   1.444   1.00 25.70 ? 75  VAL A N   1 
ATOM   654 C  CA  . VAL A 1 78 ? 4.565   5.843   2.344   1.00 25.79 ? 75  VAL A CA  1 
ATOM   655 C  C   . VAL A 1 78 ? 5.274   6.525   3.518   1.00 25.44 ? 75  VAL A C   1 
ATOM   656 O  O   . VAL A 1 78 ? 5.125   6.099   4.665   1.00 25.04 ? 75  VAL A O   1 
ATOM   657 C  CB  . VAL A 1 78 ? 5.489   4.832   1.618   1.00 25.81 ? 75  VAL A CB  1 
ATOM   658 C  CG1 . VAL A 1 78 ? 6.161   3.908   2.618   1.00 26.88 ? 75  VAL A CG1 1 
ATOM   659 C  CG2 . VAL A 1 78 ? 4.667   4.000   0.638   1.00 26.99 ? 75  VAL A CG2 1 
ATOM   660 N  N   . GLY A 1 79 ? 6.015   7.592   3.220   1.00 24.87 ? 76  GLY A N   1 
ATOM   661 C  CA  . GLY A 1 79 ? 6.610   8.430   4.261   1.00 25.14 ? 76  GLY A CA  1 
ATOM   662 C  C   . GLY A 1 79 ? 5.558   8.845   5.285   1.00 24.21 ? 76  GLY A C   1 
ATOM   663 O  O   . GLY A 1 79 ? 5.756   8.669   6.476   1.00 24.43 ? 76  GLY A O   1 
ATOM   664 N  N   . ILE A 1 80 ? 4.431   9.359   4.804   1.00 24.16 ? 77  ILE A N   1 
ATOM   665 C  CA  . ILE A 1 80 ? 3.313   9.767   5.671   1.00 24.13 ? 77  ILE A CA  1 
ATOM   666 C  C   . ILE A 1 80 ? 2.783   8.617   6.531   1.00 24.20 ? 77  ILE A C   1 
ATOM   667 O  O   . ILE A 1 80 ? 2.642   8.754   7.757   1.00 23.45 ? 77  ILE A O   1 
ATOM   668 C  CB  . ILE A 1 80 ? 2.171   10.432  4.872   1.00 23.85 ? 77  ILE A CB  1 
ATOM   669 C  CG1 . ILE A 1 80 ? 2.610   11.814  4.365   1.00 23.48 ? 77  ILE A CG1 1 
ATOM   670 C  CG2 . ILE A 1 80 ? 0.901   10.576  5.742   1.00 24.55 ? 77  ILE A CG2 1 
ATOM   671 C  CD1 . ILE A 1 80 ? 1.779   12.347  3.203   1.00 22.43 ? 77  ILE A CD1 1 
ATOM   672 N  N   . ILE A 1 81 ? 2.503   7.476   5.897   1.00 24.28 ? 78  ILE A N   1 
ATOM   673 C  CA  . ILE A 1 81 ? 1.957   6.330   6.635   1.00 23.92 ? 78  ILE A CA  1 
ATOM   674 C  C   . ILE A 1 81 ? 2.953   5.846   7.690   1.00 23.93 ? 78  ILE A C   1 
ATOM   675 O  O   . ILE A 1 81 ? 2.563   5.545   8.822   1.00 22.98 ? 78  ILE A O   1 
ATOM   676 C  CB  . ILE A 1 81 ? 1.508   5.176   5.685   1.00 23.36 ? 78  ILE A CB  1 
ATOM   677 C  CG1 . ILE A 1 81 ? 0.416   5.675   4.727   1.00 24.06 ? 78  ILE A CG1 1 
ATOM   678 C  CG2 . ILE A 1 81 ? 1.010   3.981   6.480   1.00 23.63 ? 78  ILE A CG2 1 
ATOM   679 C  CD1 . ILE A 1 81 ? 0.151   4.733   3.522   1.00 24.32 ? 78  ILE A CD1 1 
ATOM   680 N  N   . GLN A 1 82 ? 4.235   5.801   7.325   1.00 24.56 ? 79  GLN A N   1 
ATOM   681 C  CA  . GLN A 1 82 ? 5.296   5.380   8.249   1.00 26.76 ? 79  GLN A CA  1 
ATOM   682 C  C   . GLN A 1 82 ? 5.451   6.294   9.467   1.00 26.24 ? 79  GLN A C   1 
ATOM   683 O  O   . GLN A 1 82 ? 5.863   5.852   10.534  1.00 26.65 ? 79  GLN A O   1 
ATOM   684 C  CB  . GLN A 1 82 ? 6.635   5.258   7.512   1.00 26.62 ? 79  GLN A CB  1 
ATOM   685 C  CG  . GLN A 1 82 ? 6.727   3.974   6.702   1.00 29.67 ? 79  GLN A CG  1 
ATOM   686 C  CD  . GLN A 1 82 ? 8.013   3.855   5.900   1.00 31.15 ? 79  GLN A CD  1 
ATOM   687 O  OE1 . GLN A 1 82 ? 8.563   2.760   5.769   1.00 37.83 ? 79  GLN A OE1 1 
ATOM   688 N  NE2 . GLN A 1 82 ? 8.490   4.970   5.346   1.00 34.99 ? 79  GLN A NE2 1 
ATOM   689 N  N   . GLU A 1 83 ? 5.111   7.565   9.292   1.00 26.24 ? 80  GLU A N   1 
ATOM   690 C  CA  . GLU A 1 83 ? 5.173   8.547   10.357  1.00 26.48 ? 80  GLU A CA  1 
ATOM   691 C  C   . GLU A 1 83 ? 3.975   8.405   11.297  1.00 26.76 ? 80  GLU A C   1 
ATOM   692 O  O   . GLU A 1 83 ? 4.070   8.689   12.491  1.00 27.14 ? 80  GLU A O   1 
ATOM   693 C  CB  . GLU A 1 83 ? 5.229   9.948   9.732   1.00 26.13 ? 80  GLU A CB  1 
ATOM   694 C  CG  . GLU A 1 83 ? 6.022   10.985  10.506  1.00 26.68 ? 80  GLU A CG  1 
ATOM   695 C  CD  . GLU A 1 83 ? 7.436   10.569  10.894  1.00 27.88 ? 80  GLU A CD  1 
ATOM   696 O  OE1 . GLU A 1 83 ? 8.098   9.793   10.167  1.00 27.74 ? 80  GLU A OE1 1 
ATOM   697 O  OE2 . GLU A 1 83 ? 7.885   11.029  11.964  1.00 26.57 ? 80  GLU A OE2 1 
ATOM   698 N  N   . LEU A 1 84 ? 2.857   7.933   10.749  1.00 26.40 ? 81  LEU A N   1 
ATOM   699 C  CA  . LEU A 1 84 ? 1.601   7.745   11.490  1.00 25.77 ? 81  LEU A CA  1 
ATOM   700 C  C   . LEU A 1 84 ? 1.407   6.354   12.081  1.00 25.41 ? 81  LEU A C   1 
ATOM   701 O  O   . LEU A 1 84 ? 0.628   6.174   13.019  1.00 26.26 ? 81  LEU A O   1 
ATOM   702 C  CB  . LEU A 1 84 ? 0.412   8.044   10.565  1.00 25.23 ? 81  LEU A CB  1 
ATOM   703 C  CG  . LEU A 1 84 ? 0.188   9.470   10.068  1.00 25.22 ? 81  LEU A CG  1 
ATOM   704 C  CD1 . LEU A 1 84 ? -0.686  9.463   8.805   1.00 22.40 ? 81  LEU A CD1 1 
ATOM   705 C  CD2 . LEU A 1 84 ? -0.422  10.354  11.164  1.00 22.14 ? 81  LEU A CD2 1 
ATOM   706 N  N   . ALA A 1 85 ? 2.106   5.363   11.542  1.00 25.57 ? 82  ALA A N   1 
ATOM   707 C  CA  . ALA A 1 85 ? 1.732   3.972   11.782  1.00 25.46 ? 82  ALA A CA  1 
ATOM   708 C  C   . ALA A 1 85 ? 2.904   3.017   11.560  1.00 25.86 ? 82  ALA A C   1 
ATOM   709 O  O   . ALA A 1 85 ? 3.979   3.436   11.125  1.00 25.51 ? 82  ALA A O   1 
ATOM   710 C  CB  . ALA A 1 85 ? 0.528   3.600   10.857  1.00 24.63 ? 82  ALA A CB  1 
ATOM   711 N  N   . GLU A 1 86 ? 2.699   1.735   11.857  1.00 26.36 ? 83  GLU A N   1 
ATOM   712 C  CA  . GLU A 1 86 ? 3.718   0.716   11.579  1.00 27.68 ? 83  GLU A CA  1 
ATOM   713 C  C   . GLU A 1 86 ? 3.280   -0.201  10.443  1.00 27.11 ? 83  GLU A C   1 
ATOM   714 O  O   . GLU A 1 86 ? 2.155   -0.712  10.437  1.00 26.33 ? 83  GLU A O   1 
ATOM   715 C  CB  . GLU A 1 86 ? 4.058   -0.105  12.828  1.00 28.28 ? 83  GLU A CB  1 
ATOM   716 C  CG  . GLU A 1 86 ? 4.574   0.734   14.029  1.00 35.55 ? 83  GLU A CG  1 
ATOM   717 C  CD  . GLU A 1 86 ? 5.822   1.598   13.728  1.00 43.22 ? 83  GLU A CD  1 
ATOM   718 O  OE1 . GLU A 1 86 ? 6.724   1.157   12.968  1.00 46.74 ? 83  GLU A OE1 1 
ATOM   719 O  OE2 . GLU A 1 86 ? 5.908   2.727   14.279  1.00 46.68 ? 83  GLU A OE2 1 
HETATM 720 N  N   . MSE A 1 87 ? 4.183   -0.407  9.492   1.00 27.10 ? 84  MSE A N   1 
HETATM 721 C  CA  . MSE A 1 87 ? 3.878   -1.143  8.274   1.00 27.81 ? 84  MSE A CA  1 
HETATM 722 C  C   . MSE A 1 87 ? 4.685   -2.424  8.210   1.00 27.74 ? 84  MSE A C   1 
HETATM 723 O  O   . MSE A 1 87 ? 5.870   -2.429  8.572   1.00 27.58 ? 84  MSE A O   1 
HETATM 724 C  CB  . MSE A 1 87 ? 4.219   -0.296  7.051   1.00 27.76 ? 84  MSE A CB  1 
HETATM 725 C  CG  . MSE A 1 87 ? 3.452   0.997   6.948   1.00 28.26 ? 84  MSE A CG  1 
HETATM 726 SE SE  . MSE A 1 87 ? 3.906   1.990   5.338   0.60 29.03 ? 84  MSE A SE  1 
HETATM 727 C  CE  . MSE A 1 87 ? 4.562   0.576   4.217   1.00 33.52 ? 84  MSE A CE  1 
ATOM   728 N  N   . LYS A 1 88 ? 4.049   -3.494  7.736   1.00 27.01 ? 85  LYS A N   1 
ATOM   729 C  CA  . LYS A 1 88 ? 4.749   -4.743  7.426   1.00 27.22 ? 85  LYS A CA  1 
ATOM   730 C  C   . LYS A 1 88 ? 4.347   -5.235  6.040   1.00 25.89 ? 85  LYS A C   1 
ATOM   731 O  O   . LYS A 1 88 ? 3.193   -5.607  5.807   1.00 24.51 ? 85  LYS A O   1 
ATOM   732 C  CB  . LYS A 1 88 ? 4.453   -5.836  8.456   1.00 27.56 ? 85  LYS A CB  1 
ATOM   733 C  CG  . LYS A 1 88 ? 5.189   -7.163  8.147   1.00 29.03 ? 85  LYS A CG  1 
ATOM   734 C  CD  . LYS A 1 88 ? 4.664   -8.319  9.021   1.00 30.05 ? 85  LYS A CD  1 
ATOM   735 C  CE  . LYS A 1 88 ? 5.405   -9.631  8.732   1.00 33.16 ? 85  LYS A CE  1 
ATOM   736 N  NZ  . LYS A 1 88 ? 5.190   -10.609 9.842   1.00 37.11 ? 85  LYS A NZ  1 
ATOM   737 N  N   . LEU A 1 89 ? 5.318   -5.264  5.138   1.00 25.31 ? 86  LEU A N   1 
ATOM   738 C  CA  . LEU A 1 89 ? 5.079   -5.681  3.769   1.00 25.18 ? 86  LEU A CA  1 
ATOM   739 C  C   . LEU A 1 89 ? 5.399   -7.172  3.573   1.00 25.17 ? 86  LEU A C   1 
ATOM   740 O  O   . LEU A 1 89 ? 6.457   -7.660  3.987   1.00 24.32 ? 86  LEU A O   1 
ATOM   741 C  CB  . LEU A 1 89 ? 5.884   -4.793  2.815   1.00 25.59 ? 86  LEU A CB  1 
ATOM   742 C  CG  . LEU A 1 89 ? 5.857   -5.095  1.311   1.00 25.08 ? 86  LEU A CG  1 
ATOM   743 C  CD1 . LEU A 1 89 ? 6.187   -3.826  0.556   1.00 27.59 ? 86  LEU A CD1 1 
ATOM   744 C  CD2 . LEU A 1 89 ? 6.849   -6.194  0.978   1.00 25.26 ? 86  LEU A CD2 1 
ATOM   745 N  N   . GLU A 1 90 ? 4.463   -7.893  2.961   1.00 24.44 ? 87  GLU A N   1 
ATOM   746 C  CA  . GLU A 1 90 ? 4.684   -9.282  2.570   1.00 24.85 ? 87  GLU A CA  1 
ATOM   747 C  C   . GLU A 1 90 ? 4.468   -9.394  1.058   1.00 24.86 ? 87  GLU A C   1 
ATOM   748 O  O   . GLU A 1 90 ? 3.499   -8.847  0.517   1.00 23.72 ? 87  GLU A O   1 
ATOM   749 C  CB  . GLU A 1 90 ? 3.762   -10.240 3.333   1.00 25.00 ? 87  GLU A CB  1 
ATOM   750 C  CG  . GLU A 1 90 ? 3.866   -10.115 4.862   1.00 26.06 ? 87  GLU A CG  1 
ATOM   751 C  CD  . GLU A 1 90 ? 3.167   -11.234 5.613   1.00 27.00 ? 87  GLU A CD  1 
ATOM   752 O  OE1 . GLU A 1 90 ? 2.009   -11.585 5.295   1.00 27.27 ? 87  GLU A OE1 1 
ATOM   753 O  OE2 . GLU A 1 90 ? 3.789   -11.770 6.548   1.00 30.79 ? 87  GLU A OE2 1 
ATOM   754 N  N   . LYS A 1 91 ? 5.387   -10.094 0.400   1.00 24.95 ? 88  LYS A N   1 
ATOM   755 C  CA  . LYS A 1 91 ? 5.427   -10.230 -1.049  1.00 25.81 ? 88  LYS A CA  1 
ATOM   756 C  C   . LYS A 1 91 ? 5.294   -11.698 -1.469  1.00 25.52 ? 88  LYS A C   1 
ATOM   757 O  O   . LYS A 1 91 ? 5.908   -12.576 -0.871  1.00 24.82 ? 88  LYS A O   1 
ATOM   758 C  CB  . LYS A 1 91 ? 6.741   -9.638  -1.580  1.00 26.45 ? 88  LYS A CB  1 
ATOM   759 C  CG  . LYS A 1 91 ? 7.087   -10.014 -3.035  1.00 29.55 ? 88  LYS A CG  1 
ATOM   760 C  CD  . LYS A 1 91 ? 7.946   -8.933  -3.719  1.00 35.28 ? 88  LYS A CD  1 
ATOM   761 C  CE  . LYS A 1 91 ? 9.324   -8.763  -3.092  1.00 38.60 ? 88  LYS A CE  1 
ATOM   762 N  NZ  . LYS A 1 91 ? 10.019  -7.531  -3.631  1.00 41.25 ? 88  LYS A NZ  1 
ATOM   763 N  N   . PHE A 1 92 ? 4.484   -11.950 -2.500  1.00 25.40 ? 89  PHE A N   1 
ATOM   764 C  CA  . PHE A 1 92 ? 4.257   -13.303 -3.028  1.00 25.44 ? 89  PHE A CA  1 
ATOM   765 C  C   . PHE A 1 92 ? 4.247   -13.248 -4.561  1.00 26.69 ? 89  PHE A C   1 
ATOM   766 O  O   . PHE A 1 92 ? 3.848   -12.246 -5.150  1.00 25.36 ? 89  PHE A O   1 
ATOM   767 C  CB  . PHE A 1 92 ? 2.909   -13.856 -2.544  1.00 25.09 ? 89  PHE A CB  1 
ATOM   768 C  CG  . PHE A 1 92 ? 2.722   -13.805 -1.048  1.00 24.09 ? 89  PHE A CG  1 
ATOM   769 C  CD1 . PHE A 1 92 ? 2.130   -12.696 -0.443  1.00 22.60 ? 89  PHE A CD1 1 
ATOM   770 C  CD2 . PHE A 1 92 ? 3.130   -14.876 -0.244  1.00 23.49 ? 89  PHE A CD2 1 
ATOM   771 C  CE1 . PHE A 1 92 ? 1.951   -12.645 0.949   1.00 22.50 ? 89  PHE A CE1 1 
ATOM   772 C  CE2 . PHE A 1 92 ? 2.960   -14.826 1.148   1.00 23.83 ? 89  PHE A CE2 1 
ATOM   773 C  CZ  . PHE A 1 92 ? 2.367   -13.705 1.736   1.00 22.75 ? 89  PHE A CZ  1 
ATOM   774 N  N   . GLU A 1 93 ? 4.707   -14.318 -5.197  1.00 28.42 ? 90  GLU A N   1 
ATOM   775 C  CA  . GLU A 1 93 ? 4.636   -14.421 -6.653  1.00 30.46 ? 90  GLU A CA  1 
ATOM   776 C  C   . GLU A 1 93 ? 3.479   -15.321 -7.055  1.00 30.22 ? 90  GLU A C   1 
ATOM   777 O  O   . GLU A 1 93 ? 3.187   -16.316 -6.377  1.00 29.69 ? 90  GLU A O   1 
ATOM   778 C  CB  . GLU A 1 93 ? 5.935   -14.979 -7.238  1.00 31.43 ? 90  GLU A CB  1 
ATOM   779 C  CG  . GLU A 1 93 ? 7.105   -14.003 -7.195  1.00 36.72 ? 90  GLU A CG  1 
ATOM   780 C  CD  . GLU A 1 93 ? 8.251   -14.400 -8.114  1.00 43.56 ? 90  GLU A CD  1 
ATOM   781 O  OE1 . GLU A 1 93 ? 8.064   -15.290 -8.980  1.00 47.07 ? 90  GLU A OE1 1 
ATOM   782 O  OE2 . GLU A 1 93 ? 9.347   -13.811 -7.974  1.00 46.53 ? 90  GLU A OE2 1 
ATOM   783 N  N   . PHE A 1 94 ? 2.816   -14.953 -8.148  1.00 30.05 ? 91  PHE A N   1 
ATOM   784 C  CA  . PHE A 1 94 ? 1.823   -15.812 -8.771  1.00 30.21 ? 91  PHE A CA  1 
ATOM   785 C  C   . PHE A 1 94 ? 2.553   -17.016 -9.356  1.00 30.50 ? 91  PHE A C   1 
ATOM   786 O  O   . PHE A 1 94 ? 1.974   -18.071 -9.603  1.00 30.91 ? 91  PHE A O   1 
ATOM   787 C  CB  . PHE A 1 94 ? 1.071   -15.056 -9.875  1.00 29.83 ? 91  PHE A CB  1 
ATOM   788 C  CG  . PHE A 1 94 ? -0.040  -14.174 -9.361  1.00 29.50 ? 91  PHE A CG  1 
ATOM   789 C  CD1 . PHE A 1 94 ? 0.244   -13.006 -8.657  1.00 27.41 ? 91  PHE A CD1 1 
ATOM   790 C  CD2 . PHE A 1 94 ? -1.369  -14.518 -9.579  1.00 29.71 ? 91  PHE A CD2 1 
ATOM   791 C  CE1 . PHE A 1 94 ? -0.781  -12.187 -8.179  1.00 27.71 ? 91  PHE A CE1 1 
ATOM   792 C  CE2 . PHE A 1 94 ? -2.402  -13.707 -9.103  1.00 29.92 ? 91  PHE A CE2 1 
ATOM   793 C  CZ  . PHE A 1 94 ? -2.098  -12.534 -8.399  1.00 28.49 ? 91  PHE A CZ  1 
ATOM   794 O  OXT . PHE A 1 94 ? 3.760   -16.949 -9.576  1.00 30.57 ? 91  PHE A OXT 1 
HETATM 795 C  C   . ACT B 2 .  ? 3.475   -0.060  -1.858  1.00 36.25 ? 901 ACT A C   1 
HETATM 796 O  O   . ACT B 2 .  ? 2.889   0.855   -2.487  1.00 35.43 ? 901 ACT A O   1 
HETATM 797 O  OXT . ACT B 2 .  ? 4.303   -0.765  -2.495  1.00 37.71 ? 901 ACT A OXT 1 
HETATM 798 C  CH3 . ACT B 2 .  ? 3.229   -0.295  -0.408  1.00 36.02 ? 901 ACT A CH3 1 
HETATM 799 C  C1  . GOL C 3 .  ? 7.295   9.450   -11.075 1.00 62.93 ? 801 GOL A C1  1 
HETATM 800 O  O1  . GOL C 3 .  ? 8.704   9.379   -11.182 1.00 62.86 ? 801 GOL A O1  1 
HETATM 801 C  C2  . GOL C 3 .  ? 6.921   10.329  -9.886  1.00 61.41 ? 801 GOL A C2  1 
HETATM 802 O  O2  . GOL C 3 .  ? 7.716   11.491  -9.925  1.00 63.43 ? 801 GOL A O2  1 
HETATM 803 C  C3  . GOL C 3 .  ? 5.452   10.719  -9.956  1.00 60.56 ? 801 GOL A C3  1 
HETATM 804 O  O3  . GOL C 3 .  ? 4.889   10.657  -8.667  1.00 59.02 ? 801 GOL A O3  1 
HETATM 805 C  C1  . GOL D 3 .  ? -14.602 6.686   10.565  1.00 86.88 ? 802 GOL A C1  1 
HETATM 806 O  O1  . GOL D 3 .  ? -13.657 7.554   11.153  1.00 86.65 ? 802 GOL A O1  1 
HETATM 807 C  C2  . GOL D 3 .  ? -15.361 5.910   11.638  1.00 86.71 ? 802 GOL A C2  1 
HETATM 808 O  O2  . GOL D 3 .  ? -14.463 5.398   12.600  1.00 86.65 ? 802 GOL A O2  1 
HETATM 809 C  C3  . GOL D 3 .  ? -16.142 4.766   10.995  1.00 86.81 ? 802 GOL A C3  1 
HETATM 810 O  O3  . GOL D 3 .  ? -15.301 3.651   10.791  1.00 86.32 ? 802 GOL A O3  1 
HETATM 811 C  C1  . GOL E 3 .  ? -4.934  -6.119  17.097  1.00 59.41 ? 803 GOL A C1  1 
HETATM 812 O  O1  . GOL E 3 .  ? -5.993  -5.457  17.758  1.00 58.12 ? 803 GOL A O1  1 
HETATM 813 C  C2  . GOL E 3 .  ? -4.530  -7.439  17.764  1.00 59.66 ? 803 GOL A C2  1 
HETATM 814 O  O2  . GOL E 3 .  ? -5.607  -8.004  18.483  1.00 61.62 ? 803 GOL A O2  1 
HETATM 815 C  C3  . GOL E 3 .  ? -4.102  -8.448  16.705  1.00 58.44 ? 803 GOL A C3  1 
HETATM 816 O  O3  . GOL E 3 .  ? -2.856  -8.067  16.175  1.00 58.55 ? 803 GOL A O3  1 
HETATM 817 C  C1  . GOL F 3 .  ? 7.984   -14.176 2.103   1.00 60.40 ? 804 GOL A C1  1 
HETATM 818 O  O1  . GOL F 3 .  ? 7.592   -15.147 1.157   1.00 60.30 ? 804 GOL A O1  1 
HETATM 819 C  C2  . GOL F 3 .  ? 6.995   -13.015 2.087   1.00 59.55 ? 804 GOL A C2  1 
HETATM 820 O  O2  . GOL F 3 .  ? 5.843   -13.374 2.807   1.00 60.30 ? 804 GOL A O2  1 
HETATM 821 C  C3  . GOL F 3 .  ? 7.613   -11.785 2.743   1.00 59.32 ? 804 GOL A C3  1 
HETATM 822 O  O3  . GOL F 3 .  ? 7.712   -10.742 1.800   1.00 57.33 ? 804 GOL A O3  1 
HETATM 823 O  O   . HOH G 4 .  ? 5.185   5.221   13.678  1.00 45.28 ? 93  HOH A O   1 
HETATM 824 O  O   . HOH G 4 .  ? -0.150  4.733   15.226  1.00 27.19 ? 95  HOH A O   1 
HETATM 825 O  O   . HOH G 4 .  ? -10.967 -3.247  17.736  1.00 45.58 ? 97  HOH A O   1 
HETATM 826 O  O   . HOH G 4 .  ? -4.550  7.319   20.033  1.00 38.66 ? 98  HOH A O   1 
HETATM 827 O  O   . HOH G 4 .  ? 10.287  -3.996  -0.390  1.00 61.89 ? 99  HOH A O   1 
HETATM 828 O  O   . HOH G 4 .  ? -14.224 -1.379  10.909  1.00 58.29 ? 100 HOH A O   1 
HETATM 829 O  O   . HOH G 4 .  ? 7.873   -4.620  5.963   1.00 36.96 ? 101 HOH A O   1 
HETATM 830 O  O   . HOH G 4 .  ? 10.666  -5.569  -7.542  1.00 32.76 ? 102 HOH A O   1 
HETATM 831 O  O   . HOH G 4 .  ? -10.839 6.557   11.652  1.00 34.51 ? 103 HOH A O   1 
HETATM 832 O  O   . HOH G 4 .  ? -5.513  3.589   20.001  1.00 46.20 ? 104 HOH A O   1 
HETATM 833 O  O   . HOH G 4 .  ? -0.438  10.206  17.734  1.00 45.81 ? 105 HOH A O   1 
HETATM 834 O  O   . HOH G 4 .  ? 5.483   -16.601 -3.435  1.00 41.40 ? 106 HOH A O   1 
HETATM 835 O  O   . HOH G 4 .  ? 3.951   0.950   -14.436 1.00 37.40 ? 107 HOH A O   1 
HETATM 836 O  O   . HOH G 4 .  ? -0.595  -4.071  -16.675 1.00 40.91 ? 108 HOH A O   1 
HETATM 837 O  O   . HOH G 4 .  ? -6.969  10.313  12.417  1.00 33.06 ? 110 HOH A O   1 
HETATM 838 O  O   . HOH G 4 .  ? -5.907  -1.362  -12.434 1.00 30.07 ? 111 HOH A O   1 
HETATM 839 O  O   . HOH G 4 .  ? -3.650  11.795  5.614   1.00 32.91 ? 112 HOH A O   1 
HETATM 840 O  O   . HOH G 4 .  ? 6.629   0.926   9.534   1.00 40.21 ? 113 HOH A O   1 
HETATM 841 O  O   . HOH G 4 .  ? 0.387   8.240   -10.561 1.00 43.73 ? 114 HOH A O   1 
HETATM 842 O  O   . HOH G 4 .  ? 10.331  6.643   -4.086  1.00 37.30 ? 115 HOH A O   1 
HETATM 843 O  O   . HOH G 4 .  ? 8.263   -10.635 -11.847 1.00 38.72 ? 116 HOH A O   1 
HETATM 844 O  O   . HOH G 4 .  ? 6.926   3.236   10.900  1.00 35.14 ? 117 HOH A O   1 
HETATM 845 O  O   . HOH G 4 .  ? 5.291   1.184   -12.151 1.00 33.51 ? 118 HOH A O   1 
HETATM 846 O  O   . HOH G 4 .  ? -11.609 6.527   7.665   1.00 57.26 ? 119 HOH A O   1 
HETATM 847 O  O   . HOH G 4 .  ? 1.433   1.466   15.534  1.00 47.43 ? 120 HOH A O   1 
HETATM 848 O  O   . HOH G 4 .  ? 12.998  0.405   -6.551  1.00 38.16 ? 121 HOH A O   1 
HETATM 849 O  O   . HOH G 4 .  ? -9.077  8.535   13.434  1.00 44.41 ? 122 HOH A O   1 
HETATM 850 O  O   . HOH G 4 .  ? -7.111  2.490   15.805  1.00 40.73 ? 123 HOH A O   1 
HETATM 851 O  O   . HOH G 4 .  ? -7.668  -5.129  -10.937 1.00 39.35 ? 124 HOH A O   1 
HETATM 852 O  O   . HOH G 4 .  ? -2.974  14.750  0.349   1.00 56.06 ? 125 HOH A O   1 
HETATM 853 O  O   . HOH G 4 .  ? 12.338  -0.935  -12.720 1.00 47.81 ? 126 HOH A O   1 
HETATM 854 O  O   . HOH G 4 .  ? 10.023  5.232   -11.232 1.00 41.40 ? 127 HOH A O   1 
HETATM 855 O  O   . HOH G 4 .  ? 12.654  -8.657  -2.502  1.00 64.38 ? 128 HOH A O   1 
HETATM 856 O  O   . HOH G 4 .  ? 11.084  -4.016  -5.388  1.00 51.27 ? 129 HOH A O   1 
HETATM 857 O  O   . HOH G 4 .  ? 7.839   5.468   -12.982 1.00 53.51 ? 130 HOH A O   1 
HETATM 858 O  O   . HOH G 4 .  ? -3.018  12.468  3.245   1.00 40.50 ? 131 HOH A O   1 
HETATM 859 O  O   . HOH G 4 .  ? 5.732   14.455  -3.197  1.00 61.13 ? 132 HOH A O   1 
HETATM 860 O  O   . HOH G 4 .  ? 4.739   -9.175  -17.581 1.00 43.14 ? 133 HOH A O   1 
HETATM 861 O  O   . HOH G 4 .  ? -9.114  4.572   -5.754  1.00 27.82 ? 134 HOH A O   1 
HETATM 862 O  O   . HOH G 4 .  ? -4.960  -14.085 -13.026 1.00 25.44 ? 135 HOH A O   1 
HETATM 863 O  O   . HOH G 4 .  ? -1.906  12.893  -4.655  1.00 48.47 ? 136 HOH A O   1 
HETATM 864 O  O   . HOH G 4 .  ? -4.278  10.718  -5.007  1.00 46.17 ? 137 HOH A O   1 
HETATM 865 O  O   . HOH G 4 .  ? -4.642  10.794  -7.674  1.00 47.89 ? 138 HOH A O   1 
HETATM 866 O  O   . HOH G 4 .  ? -4.575  11.874  21.166  1.00 40.17 ? 139 HOH A O   1 
HETATM 867 O  O   . HOH G 4 .  ? 9.615   -11.679 -9.533  1.00 51.87 ? 140 HOH A O   1 
HETATM 868 O  O   . HOH G 4 .  ? -12.857 -2.458  12.978  1.00 40.01 ? 141 HOH A O   1 
HETATM 869 O  O   . HOH G 4 .  ? 1.991   -3.796  11.060  1.00 40.56 ? 142 HOH A O   1 
HETATM 870 O  O   . HOH G 4 .  ? 7.399   -9.310  6.060   1.00 47.38 ? 143 HOH A O   1 
HETATM 871 O  O   . HOH G 4 .  ? -7.049  14.439  -2.525  1.00 64.44 ? 144 HOH A O   1 
HETATM 872 O  O   . HOH G 4 .  ? 8.395   -1.383  -0.338  1.00 52.58 ? 145 HOH A O   1 
HETATM 873 O  O   . HOH G 4 .  ? -8.013  -2.634  18.115  1.00 53.34 ? 147 HOH A O   1 
HETATM 874 O  O   . HOH G 4 .  ? 9.877   -7.733  -6.392  1.00 40.63 ? 148 HOH A O   1 
HETATM 875 O  O   . HOH G 4 .  ? -12.986 4.352   8.682   1.00 43.47 ? 149 HOH A O   1 
HETATM 876 O  O   . HOH G 4 .  ? -1.814  -7.794  11.506  1.00 56.76 ? 150 HOH A O   1 
HETATM 877 O  O   . HOH G 4 .  ? -14.051 -3.357  15.140  1.00 50.06 ? 151 HOH A O   1 
HETATM 878 O  O   . HOH G 4 .  ? -9.975  -1.232  10.981  1.00 25.40 ? 152 HOH A O   1 
HETATM 879 O  O   . HOH G 4 .  ? -13.098 5.394   3.248   1.00 36.10 ? 153 HOH A O   1 
HETATM 880 O  O   . HOH G 4 .  ? 10.191  -11.157 -0.234  1.00 61.63 ? 156 HOH A O   1 
HETATM 881 O  O   . HOH G 4 .  ? 2.651   4.541   -15.973 1.00 49.24 ? 157 HOH A O   1 
HETATM 882 O  O   . HOH G 4 .  ? -10.038 -10.614 14.674  1.00 30.58 ? 159 HOH A O   1 
HETATM 883 O  O   . HOH G 4 .  ? 6.839   -12.341 6.388   1.00 57.78 ? 160 HOH A O   1 
HETATM 884 O  O   . HOH G 4 .  ? -4.146  2.800   -17.742 1.00 46.01 ? 161 HOH A O   1 
HETATM 885 O  O   . HOH G 4 .  ? 13.288  -8.177  -12.625 1.00 58.90 ? 162 HOH A O   1 
HETATM 886 O  O   . HOH G 4 .  ? -7.332  5.140   -12.337 1.00 44.77 ? 163 HOH A O   1 
HETATM 887 O  O   . HOH G 4 .  ? -6.146  3.369   -14.150 1.00 44.61 ? 164 HOH A O   1 
HETATM 888 O  O   . HOH G 4 .  ? -14.438 0.004   8.945   1.00 62.44 ? 165 HOH A O   1 
HETATM 889 O  O   . HOH G 4 .  ? -5.708  -8.550  -8.106  1.00 43.11 ? 166 HOH A O   1 
HETATM 890 O  O   . HOH G 4 .  ? 12.775  -5.737  -3.484  1.00 57.47 ? 167 HOH A O   1 
HETATM 891 O  O   . HOH G 4 .  ? 10.587  7.734   -10.930 1.00 55.97 ? 168 HOH A O   1 
HETATM 892 O  O   . HOH G 4 .  ? 7.722   0.858   7.009   1.00 51.03 ? 171 HOH A O   1 
HETATM 893 O  O   . HOH G 4 .  ? -12.603 4.845   5.663   1.00 57.79 ? 173 HOH A O   1 
HETATM 894 O  O   . HOH G 4 .  ? 9.625   -8.677  0.716   1.00 60.28 ? 174 HOH A O   1 
HETATM 895 O  O   . HOH G 4 .  ? -8.484  9.785   -1.847  1.00 49.45 ? 175 HOH A O   1 
HETATM 896 O  O   . HOH G 4 .  ? -8.506  5.968   -3.619  1.00 28.77 ? 176 HOH A O   1 
HETATM 897 O  O   . HOH G 4 .  ? -6.679  6.362   -9.840  1.00 29.05 ? 177 HOH A O   1 
HETATM 898 O  O   . HOH G 4 .  ? -8.824  5.474   -8.314  1.00 36.02 ? 178 HOH A O   1 
HETATM 899 O  O   . HOH G 4 .  ? 2.989   -2.597  -18.109 1.00 45.95 ? 179 HOH A O   1 
HETATM 900 O  O   . HOH G 4 .  ? 5.791   3.954   -12.354 1.00 50.63 ? 180 HOH A O   1 
HETATM 901 O  O   . HOH G 4 .  ? 9.117   -4.940  -2.558  1.00 45.38 ? 181 HOH A O   1 
HETATM 902 O  O   . HOH G 4 .  ? 6.751   -4.592  -17.798 1.00 43.84 ? 182 HOH A O   1 
HETATM 903 O  O   . HOH G 4 .  ? 3.654   -16.074 -15.015 1.00 61.95 ? 183 HOH A O   1 
HETATM 904 O  O   . HOH G 4 .  ? -0.431  -15.852 -13.138 1.00 43.40 ? 184 HOH A O   1 
HETATM 905 O  O   . HOH G 4 .  ? -3.302  -16.075 -12.559 1.00 38.31 ? 185 HOH A O   1 
HETATM 906 O  O   . HOH G 4 .  ? 1.758   -14.268 -13.419 1.00 35.01 ? 186 HOH A O   1 
HETATM 907 O  O   . HOH G 4 .  ? 1.398   -12.804 -15.605 1.00 25.40 ? 187 HOH A O   1 
HETATM 908 O  O   . HOH G 4 .  ? 3.458   -10.902 -15.541 1.00 30.64 ? 188 HOH A O   1 
# 
